data_7PL0
#
_entry.id   7PL0
#
_cell.length_a   63.852
_cell.length_b   114.760
_cell.length_c   116.819
_cell.angle_alpha   90.000
_cell.angle_beta   104.000
_cell.angle_gamma   90.000
#
_symmetry.space_group_name_H-M   'P 1 21 1'
#
loop_
_entity.id
_entity.type
_entity.pdbx_description
1 polymer Deferrochelatase/peroxidase
2 non-polymer 'PROTOPORPHYRIN IX CONTAINING FE'
3 water water
#
_entity_poly.entity_id   1
_entity_poly.type   'polypeptide(L)'
_entity_poly.pdbx_seq_one_letter_code
;MSDEQKKPEQIHRRDILKWGAMAGAAVAIGASGLGGLAPLVQTAAKPSKKDEKEEEQIVPFYGKHQAGITTAHQTYVYFA
ALDVTAKDKSDIITLFRNWTSLTQMLTSGKKMSAEQRNQYLPPQDTGESADLSPSNLTVTFGFGPGFFEKDGKDRFGLKS
KKPKHLAALPAMPNDNLDEKQGGGDICIQVCADDEQVAFHALRNLLNQAVGTCEVRFVNKGFLSGGKNGETPRNLFGFKD
GTGNQSTKDDTLMNSIVWIQSGEPDWMTGGTYMAFRKIKMFLEVWDRSSLKDQEDTFGRRKSSGAPFGQKKETDPVELNQ
IPSNPHVSLVKSTGKQILRRAFSYTEGLDPKTGYMDAGLLFISFQKNPDNQFIPMLKALSAKDALNEYTQTIGSALYACP
GGCKKGEYIAQRLLES
;
_entity_poly.pdbx_strand_id   A,B,C,D
#
# COMPACT_ATOMS: atom_id res chain seq x y z
N GLU A 56 -3.00 2.72 22.91
CA GLU A 56 -3.38 2.33 21.57
C GLU A 56 -3.82 0.87 21.49
N GLN A 57 -4.72 0.59 20.57
CA GLN A 57 -5.27 -0.75 20.37
C GLN A 57 -4.58 -1.43 19.19
N ILE A 58 -3.28 -1.66 19.35
CA ILE A 58 -2.44 -2.24 18.32
C ILE A 58 -1.84 -3.54 18.85
N VAL A 59 -2.05 -4.61 18.10
CA VAL A 59 -1.45 -5.91 18.41
C VAL A 59 -0.28 -6.13 17.44
N PRO A 60 0.91 -6.45 17.94
CA PRO A 60 2.06 -6.63 17.05
C PRO A 60 1.82 -7.75 16.05
N PHE A 61 2.16 -7.48 14.78
CA PHE A 61 2.03 -8.48 13.74
C PHE A 61 3.23 -9.43 13.72
N TYR A 62 4.44 -8.87 13.76
CA TYR A 62 5.64 -9.70 13.81
C TYR A 62 5.80 -10.34 15.19
N GLY A 63 6.43 -11.49 15.23
CA GLY A 63 6.71 -12.14 16.49
C GLY A 63 7.08 -13.60 16.29
N LYS A 64 7.36 -14.24 17.43
CA LYS A 64 7.62 -15.68 17.44
C LYS A 64 6.41 -16.47 16.96
N HIS A 65 5.21 -16.00 17.29
CA HIS A 65 3.97 -16.63 16.87
C HIS A 65 3.13 -15.64 16.06
N GLN A 66 2.17 -16.18 15.31
CA GLN A 66 1.17 -15.34 14.68
C GLN A 66 0.23 -14.77 15.74
N ALA A 67 -0.20 -13.53 15.52
CA ALA A 67 -1.23 -12.97 16.37
C ALA A 67 -2.58 -13.59 16.03
N GLY A 68 -3.57 -13.35 16.89
CA GLY A 68 -4.90 -13.87 16.70
C GLY A 68 -5.14 -15.27 17.22
N ILE A 69 -4.18 -15.84 17.95
CA ILE A 69 -4.32 -17.19 18.47
C ILE A 69 -4.41 -17.12 19.99
N THR A 70 -3.33 -16.70 20.64
CA THR A 70 -3.35 -16.41 22.06
C THR A 70 -3.66 -14.95 22.36
N THR A 71 -3.77 -14.12 21.31
CA THR A 71 -4.19 -12.73 21.48
C THR A 71 -5.56 -12.67 22.14
N ALA A 72 -5.79 -11.60 22.90
CA ALA A 72 -7.08 -11.39 23.54
C ALA A 72 -8.21 -11.43 22.53
N HIS A 73 -9.28 -12.14 22.89
CA HIS A 73 -10.43 -12.38 22.02
C HIS A 73 -11.10 -11.08 21.62
N GLN A 74 -10.99 -10.68 20.34
CA GLN A 74 -11.67 -9.49 19.88
C GLN A 74 -13.16 -9.76 19.68
N THR A 75 -13.90 -8.70 19.37
CA THR A 75 -15.35 -8.82 19.31
C THR A 75 -15.84 -9.38 17.98
N TYR A 76 -15.16 -9.09 16.88
CA TYR A 76 -15.67 -9.44 15.56
C TYR A 76 -14.63 -10.24 14.78
N VAL A 77 -15.10 -11.08 13.88
CA VAL A 77 -14.24 -11.91 13.04
C VAL A 77 -14.78 -11.91 11.62
N TYR A 78 -13.87 -11.94 10.65
CA TYR A 78 -14.17 -12.34 9.27
C TYR A 78 -13.28 -13.53 8.95
N PHE A 79 -13.89 -14.65 8.60
CA PHE A 79 -13.17 -15.90 8.37
C PHE A 79 -13.36 -16.30 6.91
N ALA A 80 -12.28 -16.25 6.14
CA ALA A 80 -12.32 -16.56 4.73
C ALA A 80 -11.43 -17.75 4.41
N ALA A 81 -11.85 -18.55 3.44
CA ALA A 81 -11.04 -19.62 2.88
C ALA A 81 -10.87 -19.39 1.39
N LEU A 82 -9.69 -19.70 0.87
CA LEU A 82 -9.37 -19.49 -0.53
C LEU A 82 -8.79 -20.77 -1.11
N ASP A 83 -9.06 -20.99 -2.39
CA ASP A 83 -8.46 -22.08 -3.15
C ASP A 83 -7.44 -21.52 -4.10
N VAL A 84 -6.25 -22.10 -4.09
CA VAL A 84 -5.16 -21.65 -4.96
C VAL A 84 -5.39 -22.18 -6.37
N THR A 85 -5.46 -21.28 -7.35
CA THR A 85 -5.59 -21.66 -8.74
C THR A 85 -4.31 -21.47 -9.53
N ALA A 86 -3.33 -20.76 -9.00
CA ALA A 86 -2.06 -20.59 -9.69
C ALA A 86 -1.30 -21.91 -9.76
N LYS A 87 -0.48 -22.04 -10.81
CA LYS A 87 0.32 -23.24 -11.03
C LYS A 87 1.72 -23.14 -10.45
N ASP A 88 2.35 -21.96 -10.53
CA ASP A 88 3.73 -21.80 -10.13
C ASP A 88 3.83 -21.35 -8.68
N LYS A 89 4.75 -21.97 -7.94
CA LYS A 89 4.96 -21.61 -6.54
C LYS A 89 5.45 -20.17 -6.41
N SER A 90 6.12 -19.65 -7.44
CA SER A 90 6.58 -18.27 -7.39
C SER A 90 5.43 -17.29 -7.26
N ASP A 91 4.27 -17.61 -7.85
CA ASP A 91 3.09 -16.76 -7.68
C ASP A 91 2.60 -16.77 -6.24
N ILE A 92 2.73 -17.92 -5.56
CA ILE A 92 2.32 -18.00 -4.17
C ILE A 92 3.25 -17.18 -3.28
N ILE A 93 4.54 -17.21 -3.58
CA ILE A 93 5.50 -16.42 -2.81
C ILE A 93 5.16 -14.93 -2.90
N THR A 94 4.91 -14.44 -4.10
CA THR A 94 4.52 -13.04 -4.28
C THR A 94 3.26 -12.71 -3.50
N LEU A 95 2.29 -13.62 -3.49
CA LEU A 95 1.04 -13.38 -2.78
C LEU A 95 1.28 -13.19 -1.29
N PHE A 96 2.07 -14.07 -0.68
CA PHE A 96 2.30 -13.98 0.76
C PHE A 96 3.28 -12.86 1.11
N ARG A 97 4.19 -12.50 0.20
CA ARG A 97 5.03 -11.32 0.44
C ARG A 97 4.18 -10.06 0.50
N ASN A 98 3.22 -9.92 -0.42
CA ASN A 98 2.35 -8.74 -0.40
C ASN A 98 1.37 -8.79 0.76
N TRP A 99 0.87 -9.97 1.10
CA TRP A 99 0.01 -10.12 2.26
C TRP A 99 0.75 -9.72 3.54
N THR A 100 2.03 -10.06 3.63
CA THR A 100 2.82 -9.69 4.80
C THR A 100 2.94 -8.17 4.91
N SER A 101 3.30 -7.51 3.81
CA SER A 101 3.42 -6.05 3.82
C SER A 101 2.09 -5.39 4.15
N LEU A 102 1.00 -5.86 3.52
CA LEU A 102 -0.30 -5.25 3.74
C LEU A 102 -0.79 -5.47 5.17
N THR A 103 -0.65 -6.71 5.67
CA THR A 103 -1.11 -7.00 7.02
C THR A 103 -0.37 -6.16 8.06
N GLN A 104 0.96 -6.04 7.91
CA GLN A 104 1.74 -5.22 8.84
C GLN A 104 1.24 -3.78 8.86
N MET A 105 0.90 -3.23 7.68
CA MET A 105 0.37 -1.88 7.62
C MET A 105 -1.00 -1.80 8.29
N LEU A 106 -1.89 -2.75 7.97
CA LEU A 106 -3.24 -2.71 8.49
C LEU A 106 -3.27 -2.86 10.00
N THR A 107 -2.49 -3.81 10.53
CA THR A 107 -2.54 -4.08 11.97
C THR A 107 -1.92 -2.95 12.76
N SER A 108 -0.93 -2.28 12.21
CA SER A 108 -0.35 -1.13 12.88
C SER A 108 -1.20 0.10 12.60
N GLY A 109 -0.86 1.21 13.24
CA GLY A 109 -1.59 2.45 13.04
C GLY A 109 -1.34 3.10 11.70
N LYS A 110 -0.57 2.47 10.82
CA LYS A 110 -0.23 3.05 9.53
C LYS A 110 -1.45 3.13 8.62
N LYS A 111 -1.59 4.26 7.93
CA LYS A 111 -2.66 4.49 6.97
C LYS A 111 -2.06 4.72 5.59
N MET A 112 -2.83 4.38 4.56
CA MET A 112 -2.38 4.54 3.18
C MET A 112 -2.33 6.02 2.84
N SER A 113 -1.12 6.57 2.68
CA SER A 113 -0.93 7.95 2.26
C SER A 113 -0.52 7.95 0.79
N ALA A 114 -1.46 8.27 -0.08
CA ALA A 114 -1.20 8.50 -1.50
C ALA A 114 -1.56 9.94 -1.81
N GLU A 115 -0.73 10.87 -1.33
CA GLU A 115 -1.05 12.29 -1.43
C GLU A 115 -0.95 12.78 -2.87
N GLN A 116 0.19 12.56 -3.51
CA GLN A 116 0.37 12.93 -4.91
C GLN A 116 0.13 11.74 -5.83
N ARG A 117 -0.96 11.01 -5.58
CA ARG A 117 -1.27 9.82 -6.34
C ARG A 117 -1.68 10.19 -7.76
N ASN A 118 -1.93 9.17 -8.58
CA ASN A 118 -2.40 9.32 -9.95
C ASN A 118 -3.90 9.05 -9.94
N GLN A 119 -4.69 10.06 -10.29
CA GLN A 119 -6.15 9.92 -10.24
C GLN A 119 -6.66 8.89 -11.23
N TYR A 120 -5.89 8.55 -12.25
CA TYR A 120 -6.30 7.56 -13.24
C TYR A 120 -6.01 6.14 -12.81
N LEU A 121 -5.41 5.94 -11.65
CA LEU A 121 -5.20 4.62 -11.09
C LEU A 121 -6.24 4.32 -10.03
N PRO A 122 -6.58 3.04 -9.82
CA PRO A 122 -7.46 2.70 -8.71
C PRO A 122 -6.78 3.01 -7.40
N PRO A 123 -7.56 3.36 -6.37
CA PRO A 123 -6.97 3.57 -5.05
C PRO A 123 -6.33 2.28 -4.54
N GLN A 124 -5.13 2.41 -3.96
CA GLN A 124 -4.48 1.26 -3.36
C GLN A 124 -5.27 0.71 -2.18
N ASP A 125 -5.95 1.59 -1.45
CA ASP A 125 -6.77 1.21 -0.31
C ASP A 125 -8.22 1.58 -0.59
N THR A 126 -9.14 0.72 -0.15
CA THR A 126 -10.56 0.98 -0.41
C THR A 126 -11.10 2.15 0.39
N GLY A 127 -10.45 2.50 1.50
CA GLY A 127 -10.64 3.79 2.13
C GLY A 127 -11.67 3.87 3.24
N GLU A 128 -12.44 2.81 3.50
CA GLU A 128 -13.50 2.95 4.50
C GLU A 128 -12.99 2.89 5.93
N SER A 129 -11.71 2.60 6.15
CA SER A 129 -11.13 2.60 7.50
C SER A 129 -10.19 3.78 7.73
N ALA A 130 -10.31 4.83 6.90
CA ALA A 130 -9.35 5.93 6.96
C ALA A 130 -9.36 6.64 8.31
N ASP A 131 -10.52 6.75 8.94
CA ASP A 131 -10.67 7.49 10.19
C ASP A 131 -10.84 6.58 11.40
N LEU A 132 -10.54 5.29 11.27
CA LEU A 132 -10.77 4.32 12.32
C LEU A 132 -9.45 3.91 12.97
N SER A 133 -9.53 3.54 14.25
CA SER A 133 -8.40 3.01 14.97
C SER A 133 -8.13 1.57 14.55
N PRO A 134 -6.90 1.08 14.76
CA PRO A 134 -6.61 -0.33 14.40
C PRO A 134 -7.50 -1.33 15.12
N SER A 135 -8.01 -0.98 16.29
CA SER A 135 -9.03 -1.80 16.99
C SER A 135 -8.53 -3.21 17.27
N ASN A 136 -7.24 -3.33 17.61
CA ASN A 136 -6.61 -4.61 17.93
C ASN A 136 -6.75 -5.62 16.79
N LEU A 137 -6.60 -5.11 15.56
CA LEU A 137 -6.72 -5.96 14.38
C LEU A 137 -5.62 -7.03 14.37
N THR A 138 -6.03 -8.27 14.12
CA THR A 138 -5.10 -9.37 13.90
C THR A 138 -5.52 -10.14 12.65
N VAL A 139 -4.53 -10.70 11.95
CA VAL A 139 -4.77 -11.51 10.77
C VAL A 139 -3.96 -12.79 10.91
N THR A 140 -4.64 -13.93 10.85
CA THR A 140 -4.01 -15.24 11.01
C THR A 140 -4.16 -16.04 9.72
N PHE A 141 -3.06 -16.62 9.26
CA PHE A 141 -3.04 -17.39 8.02
C PHE A 141 -2.81 -18.86 8.32
N GLY A 142 -3.38 -19.72 7.46
CA GLY A 142 -3.20 -21.15 7.60
C GLY A 142 -3.34 -21.84 6.27
N PHE A 143 -2.94 -23.11 6.25
CA PHE A 143 -2.95 -23.92 5.03
C PHE A 143 -3.73 -25.19 5.29
N GLY A 144 -4.65 -25.51 4.38
CA GLY A 144 -5.42 -26.74 4.48
C GLY A 144 -4.76 -27.88 3.74
N PRO A 145 -5.32 -29.08 3.88
CA PRO A 145 -4.74 -30.23 3.16
C PRO A 145 -4.74 -30.06 1.65
N GLY A 146 -5.76 -29.39 1.11
CA GLY A 146 -5.82 -29.16 -0.33
C GLY A 146 -4.67 -28.34 -0.87
N PHE A 147 -4.00 -27.57 -0.01
CA PHE A 147 -2.82 -26.82 -0.45
C PHE A 147 -1.70 -27.75 -0.87
N PHE A 148 -1.62 -28.93 -0.26
CA PHE A 148 -0.56 -29.89 -0.54
C PHE A 148 -0.97 -31.00 -1.49
N GLU A 149 -2.24 -31.40 -1.49
CA GLU A 149 -2.70 -32.46 -2.38
C GLU A 149 -4.13 -32.20 -2.79
N LYS A 150 -4.36 -32.02 -4.09
CA LYS A 150 -5.69 -31.83 -4.65
C LYS A 150 -5.85 -32.79 -5.82
N ASP A 151 -6.88 -33.63 -5.76
CA ASP A 151 -7.14 -34.65 -6.78
C ASP A 151 -5.94 -35.59 -6.96
N GLY A 152 -5.34 -36.01 -5.85
CA GLY A 152 -4.24 -36.96 -5.92
C GLY A 152 -2.90 -36.39 -6.33
N LYS A 153 -2.81 -35.08 -6.59
CA LYS A 153 -1.59 -34.46 -7.11
C LYS A 153 -0.84 -33.77 -5.98
N ASP A 154 0.46 -34.04 -5.89
CA ASP A 154 1.35 -33.35 -4.96
C ASP A 154 1.70 -31.98 -5.51
N ARG A 155 1.15 -30.94 -4.89
CA ARG A 155 1.19 -29.58 -5.40
C ARG A 155 2.47 -28.84 -5.00
N PHE A 156 2.96 -28.01 -5.92
CA PHE A 156 4.10 -27.10 -5.72
C PHE A 156 5.34 -27.80 -5.14
N GLY A 157 5.44 -29.12 -5.24
CA GLY A 157 6.63 -29.81 -4.72
C GLY A 157 6.83 -29.64 -3.23
N LEU A 158 5.74 -29.54 -2.47
CA LEU A 158 5.81 -29.30 -1.03
C LEU A 158 5.38 -30.52 -0.21
N LYS A 159 5.35 -31.70 -0.84
CA LYS A 159 4.88 -32.89 -0.16
C LYS A 159 5.77 -33.23 1.05
N SER A 160 7.08 -33.00 0.93
CA SER A 160 7.98 -33.31 2.04
C SER A 160 7.82 -32.36 3.21
N LYS A 161 7.13 -31.23 3.05
CA LYS A 161 6.90 -30.28 4.12
C LYS A 161 5.46 -30.29 4.62
N LYS A 162 4.67 -31.28 4.23
CA LYS A 162 3.30 -31.36 4.69
C LYS A 162 3.29 -31.73 6.18
N PRO A 163 2.53 -31.02 7.01
CA PRO A 163 2.51 -31.33 8.45
C PRO A 163 2.00 -32.73 8.72
N LYS A 164 2.38 -33.25 9.91
CA LYS A 164 2.04 -34.63 10.25
C LYS A 164 0.54 -34.85 10.29
N HIS A 165 -0.20 -33.92 10.89
CA HIS A 165 -1.62 -34.13 11.17
C HIS A 165 -2.53 -33.33 10.26
N LEU A 166 -2.01 -32.82 9.14
CA LEU A 166 -2.82 -32.02 8.23
C LEU A 166 -3.59 -32.95 7.31
N ALA A 167 -4.84 -33.21 7.66
CA ALA A 167 -5.75 -34.00 6.84
C ALA A 167 -7.17 -33.62 7.20
N ALA A 168 -8.09 -33.89 6.27
CA ALA A 168 -9.50 -33.62 6.53
C ALA A 168 -9.97 -34.38 7.76
N LEU A 169 -10.79 -33.72 8.57
CA LEU A 169 -11.29 -34.33 9.79
C LEU A 169 -12.17 -35.54 9.45
N PRO A 170 -12.13 -36.57 10.28
CA PRO A 170 -12.93 -37.77 9.99
C PRO A 170 -14.43 -37.47 10.07
N ALA A 171 -15.18 -38.23 9.29
CA ALA A 171 -16.63 -38.05 9.25
C ALA A 171 -17.26 -38.47 10.57
N MET A 172 -18.27 -37.71 11.00
CA MET A 172 -18.99 -37.99 12.23
C MET A 172 -20.45 -38.34 11.91
N PRO A 173 -21.07 -39.19 12.74
CA PRO A 173 -22.45 -39.62 12.44
C PRO A 173 -23.45 -38.49 12.23
N ASN A 174 -23.53 -37.53 13.14
CA ASN A 174 -24.51 -36.46 13.06
C ASN A 174 -24.11 -35.33 12.12
N ASP A 175 -23.03 -35.50 11.36
CA ASP A 175 -22.60 -34.46 10.42
C ASP A 175 -23.63 -34.26 9.32
N ASN A 176 -23.75 -33.00 8.87
CA ASN A 176 -24.50 -32.65 7.67
C ASN A 176 -23.65 -31.64 6.89
N LEU A 177 -22.45 -32.07 6.51
CA LEU A 177 -21.46 -31.15 5.98
C LEU A 177 -21.79 -30.73 4.55
N ASP A 178 -21.78 -29.42 4.32
CA ASP A 178 -21.78 -28.85 2.98
C ASP A 178 -20.33 -28.69 2.54
N GLU A 179 -19.94 -29.40 1.49
CA GLU A 179 -18.55 -29.36 1.03
C GLU A 179 -18.13 -27.95 0.66
N LYS A 180 -19.04 -27.13 0.13
CA LYS A 180 -18.71 -25.75 -0.21
C LYS A 180 -18.60 -24.84 1.00
N GLN A 181 -19.04 -25.29 2.17
CA GLN A 181 -18.93 -24.50 3.40
C GLN A 181 -17.75 -24.91 4.27
N GLY A 182 -16.84 -25.72 3.73
CA GLY A 182 -15.66 -26.12 4.48
C GLY A 182 -14.44 -26.25 3.61
N GLY A 183 -13.36 -26.79 4.17
CA GLY A 183 -12.13 -26.96 3.40
C GLY A 183 -11.47 -25.64 3.06
N GLY A 184 -10.75 -25.64 1.96
CA GLY A 184 -10.04 -24.46 1.48
C GLY A 184 -8.55 -24.65 1.58
N ASP A 185 -7.82 -24.15 0.57
CA ASP A 185 -6.37 -24.29 0.55
C ASP A 185 -5.71 -23.34 1.55
N ILE A 186 -6.27 -22.14 1.70
CA ILE A 186 -5.72 -21.11 2.58
C ILE A 186 -6.87 -20.52 3.38
N CYS A 187 -6.63 -20.32 4.68
CA CYS A 187 -7.59 -19.64 5.54
C CYS A 187 -7.01 -18.32 5.99
N ILE A 188 -7.87 -17.31 6.10
CA ILE A 188 -7.51 -16.01 6.64
C ILE A 188 -8.52 -15.67 7.71
N GLN A 189 -8.06 -15.53 8.94
CA GLN A 189 -8.90 -15.16 10.07
C GLN A 189 -8.59 -13.71 10.42
N VAL A 190 -9.57 -12.83 10.22
CA VAL A 190 -9.43 -11.41 10.49
C VAL A 190 -10.30 -11.06 11.69
N CYS A 191 -9.65 -10.58 12.76
CA CYS A 191 -10.33 -10.26 14.01
C CYS A 191 -10.05 -8.81 14.39
N ALA A 192 -11.08 -8.15 14.92
CA ALA A 192 -10.95 -6.77 15.39
C ALA A 192 -12.13 -6.43 16.29
N ASP A 193 -11.95 -5.40 17.11
CA ASP A 193 -13.01 -4.91 17.96
C ASP A 193 -14.00 -4.01 17.21
N ASP A 194 -13.81 -3.84 15.92
CA ASP A 194 -14.68 -3.02 15.08
C ASP A 194 -14.89 -3.77 13.78
N GLU A 195 -16.14 -4.08 13.45
CA GLU A 195 -16.41 -4.91 12.28
C GLU A 195 -15.95 -4.23 10.99
N GLN A 196 -16.16 -2.92 10.88
CA GLN A 196 -15.75 -2.20 9.68
C GLN A 196 -14.24 -2.27 9.49
N VAL A 197 -13.48 -2.25 10.59
CA VAL A 197 -12.04 -2.43 10.49
C VAL A 197 -11.72 -3.84 10.00
N ALA A 198 -12.43 -4.85 10.52
CA ALA A 198 -12.17 -6.23 10.15
C ALA A 198 -12.50 -6.48 8.68
N PHE A 199 -13.65 -5.98 8.21
CA PHE A 199 -14.03 -6.20 6.82
C PHE A 199 -13.10 -5.45 5.87
N HIS A 200 -12.68 -4.23 6.24
CA HIS A 200 -11.73 -3.50 5.42
C HIS A 200 -10.44 -4.29 5.24
N ALA A 201 -9.96 -4.91 6.32
CA ALA A 201 -8.74 -5.70 6.22
C ALA A 201 -8.93 -6.89 5.29
N LEU A 202 -10.01 -7.64 5.49
CA LEU A 202 -10.28 -8.81 4.64
C LEU A 202 -10.47 -8.40 3.19
N ARG A 203 -11.23 -7.32 2.94
CA ARG A 203 -11.51 -6.89 1.58
C ARG A 203 -10.23 -6.54 0.84
N ASN A 204 -9.32 -5.78 1.49
CA ASN A 204 -8.09 -5.40 0.82
C ASN A 204 -7.12 -6.58 0.69
N LEU A 205 -7.18 -7.53 1.62
CA LEU A 205 -6.37 -8.74 1.48
C LEU A 205 -6.86 -9.59 0.32
N LEU A 206 -8.19 -9.77 0.20
CA LEU A 206 -8.73 -10.58 -0.88
C LEU A 206 -8.52 -9.91 -2.24
N ASN A 207 -8.52 -8.58 -2.30
CA ASN A 207 -8.29 -7.89 -3.57
C ASN A 207 -6.92 -8.22 -4.15
N GLN A 208 -5.92 -8.46 -3.30
CA GLN A 208 -4.60 -8.82 -3.79
C GLN A 208 -4.53 -10.24 -4.33
N ALA A 209 -5.47 -11.11 -3.95
CA ALA A 209 -5.44 -12.51 -4.35
C ALA A 209 -6.01 -12.76 -5.74
N VAL A 210 -6.52 -11.73 -6.42
CA VAL A 210 -7.07 -11.91 -7.76
C VAL A 210 -5.96 -12.37 -8.69
N GLY A 211 -6.23 -13.44 -9.45
CA GLY A 211 -5.26 -14.02 -10.36
C GLY A 211 -4.53 -15.21 -9.77
N THR A 212 -4.44 -15.31 -8.45
CA THR A 212 -3.77 -16.42 -7.78
C THR A 212 -4.72 -17.33 -7.02
N CYS A 213 -5.79 -16.80 -6.46
CA CYS A 213 -6.73 -17.58 -5.67
C CYS A 213 -8.17 -17.26 -6.08
N GLU A 214 -9.07 -18.18 -5.76
CA GLU A 214 -10.50 -17.95 -5.83
C GLU A 214 -11.05 -18.09 -4.42
N VAL A 215 -11.86 -17.12 -4.00
CA VAL A 215 -12.40 -17.15 -2.64
C VAL A 215 -13.44 -18.25 -2.55
N ARG A 216 -13.30 -19.11 -1.54
CA ARG A 216 -14.19 -20.26 -1.35
C ARG A 216 -15.42 -19.89 -0.52
N PHE A 217 -15.21 -19.26 0.62
CA PHE A 217 -16.31 -18.75 1.42
C PHE A 217 -15.78 -17.65 2.32
N VAL A 218 -16.71 -16.82 2.81
CA VAL A 218 -16.41 -15.77 3.77
C VAL A 218 -17.47 -15.84 4.86
N ASN A 219 -17.06 -16.18 6.07
CA ASN A 219 -17.92 -16.15 7.24
C ASN A 219 -17.55 -14.96 8.12
N LYS A 220 -18.51 -14.50 8.91
CA LYS A 220 -18.26 -13.42 9.84
C LYS A 220 -19.02 -13.71 11.14
N GLY A 221 -18.47 -13.22 12.24
CA GLY A 221 -19.03 -13.54 13.54
C GLY A 221 -18.81 -12.42 14.55
N PHE A 222 -19.46 -12.60 15.70
CA PHE A 222 -19.36 -11.63 16.79
C PHE A 222 -19.36 -12.36 18.12
N LEU A 223 -18.74 -11.75 19.12
CA LEU A 223 -18.73 -12.28 20.47
C LEU A 223 -18.38 -11.15 21.42
N SER A 224 -19.32 -10.78 22.28
CA SER A 224 -19.15 -9.64 23.18
C SER A 224 -18.81 -10.13 24.59
N GLY A 225 -17.70 -9.63 25.13
CA GLY A 225 -17.35 -9.94 26.50
C GLY A 225 -18.08 -9.05 27.47
N GLY A 226 -18.08 -9.47 28.74
CA GLY A 226 -18.77 -8.72 29.77
C GLY A 226 -18.20 -7.33 29.95
N LYS A 227 -19.06 -6.41 30.41
CA LYS A 227 -18.64 -5.03 30.61
C LYS A 227 -17.53 -4.93 31.65
N ASN A 228 -17.54 -5.81 32.64
CA ASN A 228 -16.50 -5.85 33.67
C ASN A 228 -15.49 -6.97 33.43
N GLY A 229 -15.36 -7.42 32.18
CA GLY A 229 -14.43 -8.47 31.85
C GLY A 229 -14.94 -9.88 32.04
N GLU A 230 -16.26 -10.05 32.24
CA GLU A 230 -16.82 -11.38 32.41
C GLU A 230 -16.63 -12.23 31.16
N THR A 231 -16.68 -13.54 31.35
CA THR A 231 -16.57 -14.46 30.22
C THR A 231 -17.73 -14.22 29.26
N PRO A 232 -17.47 -14.14 27.95
CA PRO A 232 -18.57 -13.93 27.00
C PRO A 232 -19.53 -15.10 26.98
N ARG A 233 -20.78 -14.80 26.61
CA ARG A 233 -21.84 -15.79 26.53
C ARG A 233 -22.20 -16.06 25.08
N ASN A 234 -22.37 -17.34 24.75
CA ASN A 234 -22.78 -17.74 23.41
C ASN A 234 -24.27 -17.46 23.22
N LEU A 235 -24.79 -17.79 22.04
CA LEU A 235 -26.17 -17.49 21.72
C LEU A 235 -27.16 -18.34 22.51
N PHE A 236 -26.71 -19.37 23.21
CA PHE A 236 -27.56 -20.12 24.12
C PHE A 236 -27.57 -19.51 25.53
N GLY A 237 -26.87 -18.39 25.73
CA GLY A 237 -26.88 -17.70 27.00
C GLY A 237 -25.91 -18.22 28.04
N PHE A 238 -25.08 -19.20 27.70
CA PHE A 238 -24.13 -19.78 28.63
C PHE A 238 -22.76 -19.14 28.45
N LYS A 239 -22.04 -18.98 29.57
CA LYS A 239 -20.66 -18.52 29.51
C LYS A 239 -19.81 -19.49 28.71
N ASP A 240 -19.00 -18.94 27.80
CA ASP A 240 -18.24 -19.75 26.84
C ASP A 240 -16.77 -19.38 26.92
N GLY A 241 -15.92 -20.36 27.24
CA GLY A 241 -14.49 -20.16 27.33
C GLY A 241 -13.90 -20.44 28.70
N THR A 242 -14.71 -20.80 29.70
CA THR A 242 -14.18 -21.04 31.04
C THR A 242 -13.17 -22.19 31.04
N GLY A 243 -13.42 -23.21 30.22
CA GLY A 243 -12.53 -24.36 30.17
C GLY A 243 -11.17 -24.07 29.56
N ASN A 244 -11.04 -22.95 28.83
CA ASN A 244 -9.75 -22.59 28.27
C ASN A 244 -8.74 -22.33 29.37
N GLN A 245 -7.49 -22.74 29.13
CA GLN A 245 -6.41 -22.35 30.01
C GLN A 245 -5.99 -20.91 29.73
N SER A 246 -5.26 -20.34 30.69
CA SER A 246 -4.85 -18.95 30.57
C SER A 246 -3.85 -18.76 29.44
N THR A 247 -4.16 -17.84 28.52
CA THR A 247 -3.25 -17.51 27.43
C THR A 247 -2.02 -16.78 27.92
N LYS A 248 -1.99 -16.33 29.17
CA LYS A 248 -0.82 -15.69 29.75
C LYS A 248 0.16 -16.69 30.34
N ASP A 249 -0.21 -17.97 30.41
CA ASP A 249 0.66 -19.02 30.95
C ASP A 249 1.39 -19.65 29.78
N ASP A 250 2.65 -19.26 29.59
CA ASP A 250 3.43 -19.74 28.45
C ASP A 250 3.60 -21.25 28.49
N THR A 251 3.76 -21.82 29.70
CA THR A 251 3.97 -23.25 29.83
C THR A 251 2.75 -24.04 29.33
N LEU A 252 1.55 -23.58 29.68
CA LEU A 252 0.34 -24.28 29.23
C LEU A 252 0.09 -24.09 27.74
N MET A 253 0.33 -22.88 27.22
CA MET A 253 0.14 -22.65 25.79
C MET A 253 1.14 -23.47 24.98
N ASN A 254 2.36 -23.63 25.50
CA ASN A 254 3.35 -24.46 24.80
C ASN A 254 2.94 -25.93 24.78
N SER A 255 2.21 -26.39 25.80
CA SER A 255 1.78 -27.77 25.89
C SER A 255 0.47 -28.04 25.16
N ILE A 256 -0.35 -27.02 24.93
CA ILE A 256 -1.66 -27.18 24.33
C ILE A 256 -1.68 -26.68 22.89
N VAL A 257 -1.06 -25.54 22.62
CA VAL A 257 -1.22 -24.83 21.36
C VAL A 257 0.03 -24.91 20.50
N TRP A 258 1.17 -24.45 21.03
CA TRP A 258 2.33 -24.18 20.20
C TRP A 258 3.14 -25.44 19.90
N ILE A 259 3.69 -25.49 18.69
CA ILE A 259 4.54 -26.59 18.24
C ILE A 259 5.98 -26.20 18.43
N GLN A 260 6.76 -27.07 19.08
CA GLN A 260 8.19 -26.82 19.28
C GLN A 260 9.09 -27.70 18.41
N SER A 261 8.66 -28.91 18.09
CA SER A 261 9.46 -29.82 17.28
C SER A 261 8.55 -30.91 16.73
N GLY A 262 9.15 -31.85 16.00
CA GLY A 262 8.42 -32.96 15.41
C GLY A 262 7.68 -32.65 14.13
N GLU A 263 7.66 -31.39 13.70
CA GLU A 263 6.97 -30.99 12.49
C GLU A 263 7.97 -30.37 11.52
N PRO A 264 7.61 -30.16 10.26
CA PRO A 264 8.49 -29.38 9.38
C PRO A 264 8.78 -28.02 9.98
N ASP A 265 9.94 -27.47 9.63
CA ASP A 265 10.47 -26.30 10.32
C ASP A 265 9.52 -25.10 10.26
N TRP A 266 8.76 -24.96 9.18
CA TRP A 266 7.87 -23.80 9.08
C TRP A 266 6.71 -23.88 10.08
N MET A 267 6.43 -25.06 10.61
CA MET A 267 5.39 -25.19 11.64
C MET A 267 5.89 -24.89 13.04
N THR A 268 7.20 -24.74 13.22
CA THR A 268 7.74 -24.41 14.53
C THR A 268 7.25 -23.03 14.96
N GLY A 269 6.64 -22.96 16.14
CA GLY A 269 5.96 -21.76 16.55
C GLY A 269 4.54 -21.64 16.03
N GLY A 270 4.07 -22.59 15.24
CA GLY A 270 2.73 -22.60 14.72
C GLY A 270 1.82 -23.55 15.47
N THR A 271 0.68 -23.86 14.86
CA THR A 271 -0.33 -24.71 15.48
C THR A 271 -1.31 -25.14 14.40
N TYR A 272 -2.25 -26.00 14.77
CA TYR A 272 -3.33 -26.40 13.89
C TYR A 272 -4.62 -25.69 14.30
N MET A 273 -5.35 -25.21 13.30
CA MET A 273 -6.64 -24.55 13.51
C MET A 273 -7.74 -25.45 12.99
N ALA A 274 -8.66 -25.84 13.87
CA ALA A 274 -9.84 -26.59 13.49
C ALA A 274 -11.03 -25.64 13.37
N PHE A 275 -11.84 -25.85 12.32
CA PHE A 275 -13.01 -25.02 12.06
C PHE A 275 -14.23 -25.90 11.91
N ARG A 276 -15.28 -25.60 12.66
CA ARG A 276 -16.56 -26.29 12.57
C ARG A 276 -17.66 -25.25 12.56
N LYS A 277 -18.46 -25.24 11.49
CA LYS A 277 -19.63 -24.37 11.41
C LYS A 277 -20.81 -25.13 12.01
N ILE A 278 -21.29 -24.67 13.17
CA ILE A 278 -22.29 -25.38 13.94
C ILE A 278 -23.55 -24.52 14.01
N LYS A 279 -24.57 -24.91 13.25
CA LYS A 279 -25.86 -24.24 13.32
C LYS A 279 -26.52 -24.51 14.67
N MET A 280 -27.09 -23.46 15.26
CA MET A 280 -27.75 -23.55 16.56
C MET A 280 -29.24 -23.25 16.39
N PHE A 281 -30.08 -24.17 16.86
CA PHE A 281 -31.53 -24.09 16.69
C PHE A 281 -32.11 -23.20 17.78
N LEU A 282 -32.08 -21.89 17.54
CA LEU A 282 -32.52 -20.93 18.55
C LEU A 282 -33.98 -21.11 18.91
N GLU A 283 -34.84 -21.34 17.91
CA GLU A 283 -36.28 -21.40 18.17
C GLU A 283 -36.63 -22.63 19.01
N VAL A 284 -35.94 -23.75 18.80
CA VAL A 284 -36.17 -24.92 19.63
C VAL A 284 -35.59 -24.71 21.02
N TRP A 285 -34.40 -24.11 21.09
CA TRP A 285 -33.75 -23.85 22.37
C TRP A 285 -34.57 -22.90 23.22
N ASP A 286 -35.06 -21.81 22.61
CA ASP A 286 -35.80 -20.80 23.37
C ASP A 286 -37.13 -21.31 23.89
N ARG A 287 -37.70 -22.34 23.27
CA ARG A 287 -38.93 -22.95 23.76
C ARG A 287 -38.69 -24.00 24.83
N SER A 288 -37.45 -24.34 25.12
CA SER A 288 -37.13 -25.35 26.12
C SER A 288 -37.04 -24.72 27.50
N SER A 289 -37.34 -25.52 28.51
CA SER A 289 -37.28 -25.06 29.89
C SER A 289 -35.84 -24.76 30.29
N LEU A 290 -35.69 -23.93 31.34
CA LEU A 290 -34.36 -23.65 31.87
C LEU A 290 -33.68 -24.91 32.36
N LYS A 291 -34.43 -25.83 32.97
CA LYS A 291 -33.86 -27.07 33.44
C LYS A 291 -33.30 -27.90 32.29
N ASP A 292 -34.08 -28.03 31.21
CA ASP A 292 -33.61 -28.76 30.03
C ASP A 292 -32.37 -28.10 29.44
N GLN A 293 -32.35 -26.76 29.43
CA GLN A 293 -31.17 -26.04 28.92
C GLN A 293 -29.95 -26.34 29.78
N GLU A 294 -30.11 -26.29 31.10
CA GLU A 294 -28.98 -26.54 31.99
C GLU A 294 -28.59 -28.02 32.01
N ASP A 295 -29.57 -28.93 31.86
CA ASP A 295 -29.25 -30.35 31.77
C ASP A 295 -28.48 -30.68 30.50
N THR A 296 -28.61 -29.86 29.45
CA THR A 296 -27.90 -30.10 28.21
C THR A 296 -26.40 -29.95 28.40
N PHE A 297 -25.98 -28.96 29.18
CA PHE A 297 -24.56 -28.69 29.42
C PHE A 297 -24.06 -29.26 30.74
N GLY A 298 -24.94 -29.52 31.70
CA GLY A 298 -24.47 -29.89 33.02
C GLY A 298 -23.92 -28.74 33.83
N ARG A 299 -24.25 -27.51 33.44
CA ARG A 299 -23.81 -26.31 34.12
C ARG A 299 -25.00 -25.37 34.31
N ARG A 300 -24.99 -24.64 35.41
CA ARG A 300 -26.01 -23.62 35.63
C ARG A 300 -25.82 -22.49 34.63
N LYS A 301 -26.94 -21.93 34.16
CA LYS A 301 -26.87 -20.96 33.09
C LYS A 301 -26.25 -19.64 33.55
N SER A 302 -26.73 -19.11 34.67
CA SER A 302 -26.27 -17.80 35.14
C SER A 302 -24.85 -17.88 35.70
N SER A 303 -24.61 -18.82 36.62
CA SER A 303 -23.33 -18.91 37.30
C SER A 303 -22.30 -19.75 36.55
N GLY A 304 -22.75 -20.69 35.71
CA GLY A 304 -21.81 -21.61 35.09
C GLY A 304 -21.32 -22.71 36.00
N ALA A 305 -21.89 -22.84 37.20
CA ALA A 305 -21.39 -23.82 38.15
C ALA A 305 -21.80 -25.23 37.75
N PRO A 306 -20.94 -26.22 37.98
CA PRO A 306 -21.30 -27.61 37.69
C PRO A 306 -22.30 -28.18 38.69
N PHE A 307 -23.17 -29.05 38.19
CA PHE A 307 -24.09 -29.80 39.02
C PHE A 307 -24.25 -31.20 38.43
N GLY A 308 -24.27 -32.20 39.31
CA GLY A 308 -24.42 -33.58 38.87
C GLY A 308 -25.81 -33.93 38.40
N PRO A 322 -29.66 -42.36 24.51
CA PRO A 322 -28.42 -42.20 25.27
C PRO A 322 -27.87 -40.78 25.20
N SER A 323 -27.84 -40.07 26.33
CA SER A 323 -27.46 -38.66 26.34
C SER A 323 -26.59 -38.36 27.56
N ASN A 324 -25.48 -37.67 27.30
CA ASN A 324 -24.52 -37.23 28.30
C ASN A 324 -24.38 -35.71 28.21
N PRO A 325 -24.41 -34.99 29.34
CA PRO A 325 -24.26 -33.53 29.26
C PRO A 325 -22.95 -33.14 28.58
N HIS A 326 -22.96 -31.95 27.97
CA HIS A 326 -21.89 -31.57 27.06
C HIS A 326 -20.54 -31.48 27.76
N VAL A 327 -20.46 -30.75 28.87
CA VAL A 327 -19.16 -30.42 29.45
C VAL A 327 -18.50 -31.67 30.02
N SER A 328 -19.25 -32.48 30.79
CA SER A 328 -18.65 -33.68 31.35
C SER A 328 -18.27 -34.68 30.25
N LEU A 329 -19.04 -34.72 29.16
CA LEU A 329 -18.68 -35.59 28.05
C LEU A 329 -17.36 -35.16 27.44
N VAL A 330 -17.14 -33.85 27.30
CA VAL A 330 -15.88 -33.35 26.77
C VAL A 330 -14.73 -33.67 27.72
N LYS A 331 -14.96 -33.44 29.03
CA LYS A 331 -13.92 -33.67 30.02
C LYS A 331 -13.49 -35.13 30.07
N SER A 332 -14.39 -36.05 29.71
CA SER A 332 -14.06 -37.48 29.77
C SER A 332 -12.93 -37.85 28.81
N THR A 333 -12.65 -37.03 27.81
CA THR A 333 -11.52 -37.30 26.91
C THR A 333 -10.18 -37.01 27.57
N GLY A 334 -10.15 -36.18 28.60
CA GLY A 334 -8.89 -35.83 29.23
C GLY A 334 -7.99 -34.93 28.41
N LYS A 335 -8.51 -34.31 27.35
CA LYS A 335 -7.72 -33.47 26.45
C LYS A 335 -8.02 -31.99 26.67
N GLN A 336 -7.16 -31.15 26.09
CA GLN A 336 -7.29 -29.70 26.15
C GLN A 336 -7.10 -29.11 24.77
N ILE A 337 -7.86 -28.06 24.47
CA ILE A 337 -7.71 -27.25 23.27
C ILE A 337 -7.88 -25.79 23.68
N LEU A 338 -7.55 -24.89 22.76
CA LEU A 338 -7.78 -23.47 22.95
C LEU A 338 -8.92 -23.05 22.04
N ARG A 339 -10.11 -22.89 22.60
CA ARG A 339 -11.28 -22.48 21.83
C ARG A 339 -11.30 -20.96 21.69
N ARG A 340 -11.58 -20.50 20.47
CA ARG A 340 -11.60 -19.07 20.15
C ARG A 340 -12.73 -18.81 19.14
N ALA A 341 -13.95 -19.13 19.54
CA ALA A 341 -15.08 -19.16 18.63
C ALA A 341 -15.82 -17.83 18.59
N PHE A 342 -16.69 -17.70 17.59
CA PHE A 342 -17.55 -16.53 17.42
C PHE A 342 -18.95 -17.00 17.07
N SER A 343 -19.95 -16.27 17.56
CA SER A 343 -21.34 -16.49 17.16
C SER A 343 -21.60 -15.84 15.82
N TYR A 344 -22.62 -16.33 15.11
CA TYR A 344 -22.98 -15.78 13.81
C TYR A 344 -24.48 -15.76 13.61
N THR A 345 -24.94 -14.82 12.77
CA THR A 345 -26.31 -14.71 12.30
C THR A 345 -26.30 -14.28 10.85
N GLU A 346 -27.27 -14.77 10.07
CA GLU A 346 -27.40 -14.42 8.64
C GLU A 346 -28.86 -14.29 8.25
N GLY A 347 -29.64 -13.59 9.07
CA GLY A 347 -31.02 -13.43 8.65
C GLY A 347 -31.82 -14.71 8.80
N LEU A 348 -32.96 -14.74 8.11
CA LEU A 348 -33.83 -15.89 8.13
C LEU A 348 -33.30 -16.98 7.22
N ASP A 349 -33.31 -18.22 7.72
CA ASP A 349 -32.97 -19.37 6.91
C ASP A 349 -34.07 -19.63 5.90
N PRO A 350 -33.78 -19.59 4.59
CA PRO A 350 -34.84 -19.81 3.60
C PRO A 350 -35.47 -21.18 3.67
N LYS A 351 -34.79 -22.15 4.28
CA LYS A 351 -35.28 -23.52 4.38
C LYS A 351 -36.13 -23.74 5.62
N THR A 352 -35.94 -22.96 6.68
CA THR A 352 -36.69 -23.12 7.91
C THR A 352 -37.63 -21.96 8.22
N GLY A 353 -37.36 -20.76 7.71
CA GLY A 353 -38.12 -19.59 8.09
C GLY A 353 -37.73 -18.99 9.43
N TYR A 354 -36.78 -19.59 10.12
CA TYR A 354 -36.28 -19.09 11.40
C TYR A 354 -34.92 -18.45 11.20
N MET A 355 -34.45 -17.77 12.24
CA MET A 355 -33.16 -17.12 12.19
C MET A 355 -32.06 -18.14 11.91
N ASP A 356 -31.21 -17.83 10.93
CA ASP A 356 -30.04 -18.64 10.63
C ASP A 356 -28.90 -18.16 11.52
N ALA A 357 -28.56 -18.97 12.52
CA ALA A 357 -27.56 -18.56 13.49
C ALA A 357 -26.84 -19.80 14.02
N GLY A 358 -25.71 -19.57 14.66
CA GLY A 358 -24.94 -20.67 15.22
C GLY A 358 -23.62 -20.20 15.78
N LEU A 359 -22.65 -21.10 15.75
CA LEU A 359 -21.32 -20.86 16.29
C LEU A 359 -20.28 -21.13 15.21
N LEU A 360 -19.38 -20.16 15.01
CA LEU A 360 -18.18 -20.40 14.22
C LEU A 360 -17.13 -20.97 15.16
N PHE A 361 -17.15 -22.29 15.31
CA PHE A 361 -16.23 -22.95 16.24
C PHE A 361 -14.83 -22.92 15.67
N ILE A 362 -13.92 -22.25 16.38
CA ILE A 362 -12.51 -22.18 16.00
C ILE A 362 -11.69 -22.58 17.21
N SER A 363 -10.82 -23.58 17.04
CA SER A 363 -9.97 -24.06 18.11
C SER A 363 -8.56 -24.25 17.58
N PHE A 364 -7.58 -24.08 18.48
CA PHE A 364 -6.18 -24.24 18.15
C PHE A 364 -5.58 -25.33 19.03
N GLN A 365 -4.80 -26.22 18.42
CA GLN A 365 -4.21 -27.33 19.15
C GLN A 365 -2.96 -27.80 18.41
N LYS A 366 -1.93 -28.14 19.18
CA LYS A 366 -0.66 -28.56 18.61
C LYS A 366 -0.76 -29.93 17.95
N ASN A 367 -1.71 -30.76 18.38
CA ASN A 367 -1.90 -32.09 17.81
C ASN A 367 -3.39 -32.38 17.74
N PRO A 368 -4.02 -32.21 16.57
CA PRO A 368 -5.47 -32.45 16.48
C PRO A 368 -5.84 -33.92 16.64
N ASP A 369 -4.98 -34.84 16.21
CA ASP A 369 -5.28 -36.26 16.36
C ASP A 369 -5.38 -36.65 17.83
N ASN A 370 -4.56 -36.05 18.68
CA ASN A 370 -4.54 -36.35 20.11
C ASN A 370 -5.57 -35.56 20.89
N GLN A 371 -5.76 -34.28 20.56
CA GLN A 371 -6.52 -33.36 21.39
C GLN A 371 -7.94 -33.11 20.89
N PHE A 372 -8.14 -32.96 19.59
CA PHE A 372 -9.40 -32.50 19.04
C PHE A 372 -10.29 -33.62 18.52
N ILE A 373 -9.74 -34.55 17.73
CA ILE A 373 -10.54 -35.63 17.18
C ILE A 373 -11.21 -36.47 18.27
N PRO A 374 -10.54 -36.83 19.38
CA PRO A 374 -11.27 -37.55 20.44
C PRO A 374 -12.47 -36.80 20.97
N MET A 375 -12.44 -35.47 20.97
CA MET A 375 -13.61 -34.71 21.37
C MET A 375 -14.74 -34.86 20.35
N LEU A 376 -14.42 -34.78 19.05
CA LEU A 376 -15.42 -34.99 18.02
C LEU A 376 -16.07 -36.36 18.14
N LYS A 377 -15.28 -37.40 18.38
CA LYS A 377 -15.82 -38.74 18.51
C LYS A 377 -16.74 -38.85 19.73
N ALA A 378 -16.30 -38.30 20.86
CA ALA A 378 -17.09 -38.40 22.08
C ALA A 378 -18.40 -37.61 21.95
N LEU A 379 -18.34 -36.41 21.39
CA LEU A 379 -19.54 -35.58 21.30
C LEU A 379 -20.53 -36.11 20.28
N SER A 380 -20.05 -36.53 19.10
CA SER A 380 -20.96 -36.98 18.06
C SER A 380 -21.77 -38.20 18.48
N ALA A 381 -21.31 -38.91 19.51
CA ALA A 381 -21.97 -40.13 19.94
C ALA A 381 -23.06 -39.88 20.99
N LYS A 382 -22.74 -39.09 22.03
CA LYS A 382 -23.60 -39.02 23.21
C LYS A 382 -23.97 -37.61 23.64
N ASP A 383 -23.58 -36.57 22.91
CA ASP A 383 -23.80 -35.21 23.39
C ASP A 383 -25.28 -34.85 23.35
N ALA A 384 -25.83 -34.48 24.50
CA ALA A 384 -27.20 -33.95 24.54
C ALA A 384 -27.33 -32.67 23.72
N LEU A 385 -26.22 -31.95 23.51
CA LEU A 385 -26.26 -30.73 22.70
C LEU A 385 -26.63 -31.01 21.24
N ASN A 386 -26.46 -32.25 20.77
CA ASN A 386 -26.80 -32.59 19.40
C ASN A 386 -28.28 -32.37 19.10
N GLU A 387 -29.13 -32.34 20.12
CA GLU A 387 -30.55 -32.08 19.90
C GLU A 387 -30.79 -30.66 19.41
N TYR A 388 -29.91 -29.73 19.74
CA TYR A 388 -30.10 -28.32 19.43
C TYR A 388 -29.07 -27.78 18.44
N THR A 389 -28.17 -28.61 17.92
CA THR A 389 -27.11 -28.15 17.04
C THR A 389 -26.92 -29.15 15.91
N GLN A 390 -26.23 -28.69 14.87
CA GLN A 390 -25.82 -29.56 13.76
C GLN A 390 -24.65 -28.91 13.04
N THR A 391 -23.59 -29.68 12.83
CA THR A 391 -22.41 -29.17 12.12
C THR A 391 -22.64 -29.25 10.62
N ILE A 392 -22.45 -28.12 9.93
CA ILE A 392 -22.68 -28.03 8.50
C ILE A 392 -21.43 -27.64 7.73
N GLY A 393 -20.33 -27.37 8.40
CA GLY A 393 -19.08 -27.05 7.73
C GLY A 393 -17.91 -27.47 8.59
N SER A 394 -16.83 -27.89 7.93
CA SER A 394 -15.67 -28.40 8.63
C SER A 394 -14.40 -28.11 7.82
N ALA A 395 -13.31 -27.82 8.53
CA ALA A 395 -12.02 -27.55 7.90
C ALA A 395 -10.93 -27.66 8.95
N LEU A 396 -9.74 -28.05 8.49
CA LEU A 396 -8.54 -28.09 9.33
C LEU A 396 -7.42 -27.38 8.59
N TYR A 397 -6.72 -26.48 9.28
CA TYR A 397 -5.63 -25.73 8.68
C TYR A 397 -4.39 -25.85 9.55
N ALA A 398 -3.24 -25.82 8.90
CA ALA A 398 -1.95 -25.77 9.59
C ALA A 398 -1.45 -24.33 9.57
N CYS A 399 -1.32 -23.73 10.75
CA CYS A 399 -0.91 -22.34 10.83
C CYS A 399 0.59 -22.25 11.03
N PRO A 400 1.30 -21.50 10.18
CA PRO A 400 2.76 -21.39 10.32
C PRO A 400 3.14 -20.65 11.60
N GLY A 401 4.42 -20.77 11.96
CA GLY A 401 4.97 -20.00 13.05
C GLY A 401 4.96 -18.51 12.75
N GLY A 402 5.33 -17.69 13.72
CA GLY A 402 5.29 -16.26 13.53
C GLY A 402 6.25 -15.78 12.46
N CYS A 403 6.03 -14.55 12.02
CA CYS A 403 6.84 -13.91 11.00
C CYS A 403 7.80 -12.93 11.68
N LYS A 404 9.08 -13.11 11.43
CA LYS A 404 10.09 -12.18 11.93
C LYS A 404 10.17 -10.96 11.02
N LYS A 405 10.49 -9.82 11.62
CA LYS A 405 10.70 -8.59 10.85
C LYS A 405 11.78 -8.81 9.80
N GLY A 406 11.45 -8.49 8.55
CA GLY A 406 12.31 -8.80 7.43
C GLY A 406 11.95 -10.06 6.69
N GLU A 407 11.09 -10.90 7.25
CA GLU A 407 10.62 -12.12 6.61
C GLU A 407 9.19 -11.91 6.12
N TYR A 408 8.65 -12.92 5.44
CA TYR A 408 7.24 -12.92 5.07
C TYR A 408 6.60 -14.21 5.55
N ILE A 409 5.26 -14.22 5.57
CA ILE A 409 4.51 -15.31 6.19
C ILE A 409 4.79 -16.61 5.48
N ALA A 410 5.10 -17.65 6.26
CA ALA A 410 5.30 -19.02 5.77
C ALA A 410 6.35 -19.09 4.67
N GLN A 411 7.39 -18.25 4.79
CA GLN A 411 8.41 -18.17 3.76
C GLN A 411 9.14 -19.49 3.48
N ARG A 412 8.76 -20.57 4.16
CA ARG A 412 9.21 -21.89 3.72
C ARG A 412 8.40 -22.37 2.53
N LEU A 413 8.08 -21.41 1.67
CA LEU A 413 7.73 -21.57 0.28
C LEU A 413 8.96 -21.45 -0.59
N LEU A 414 10.12 -21.24 0.03
CA LEU A 414 11.42 -21.06 -0.61
C LEU A 414 11.45 -19.77 -1.42
N GLU B 56 -23.81 6.67 31.37
CA GLU B 56 -24.59 5.46 31.14
C GLU B 56 -25.02 5.44 29.68
N GLN B 57 -25.06 4.26 29.08
CA GLN B 57 -25.42 4.14 27.66
C GLN B 57 -26.88 3.74 27.50
N ILE B 58 -27.75 4.61 28.00
CA ILE B 58 -29.20 4.37 28.01
C ILE B 58 -29.89 5.49 27.24
N VAL B 59 -30.70 5.13 26.26
CA VAL B 59 -31.54 6.07 25.53
C VAL B 59 -32.97 5.92 26.04
N PRO B 60 -33.63 7.01 26.42
CA PRO B 60 -35.00 6.90 26.93
C PRO B 60 -35.94 6.29 25.90
N PHE B 61 -36.76 5.34 26.35
CA PHE B 61 -37.73 4.72 25.47
C PHE B 61 -39.01 5.55 25.35
N TYR B 62 -39.56 5.99 26.48
CA TYR B 62 -40.75 6.83 26.45
C TYR B 62 -40.41 8.24 25.99
N GLY B 63 -41.38 8.90 25.37
CA GLY B 63 -41.18 10.27 24.98
C GLY B 63 -42.22 10.71 23.97
N LYS B 64 -42.10 11.98 23.57
CA LYS B 64 -42.95 12.54 22.53
C LYS B 64 -42.74 11.83 21.20
N HIS B 65 -41.51 11.41 20.91
CA HIS B 65 -41.19 10.67 19.71
C HIS B 65 -40.61 9.30 20.07
N GLN B 66 -40.64 8.39 19.11
CA GLN B 66 -39.90 7.15 19.26
C GLN B 66 -38.41 7.43 19.16
N ALA B 67 -37.63 6.69 19.95
CA ALA B 67 -36.18 6.75 19.82
C ALA B 67 -35.75 6.02 18.55
N GLY B 68 -34.49 6.21 18.18
CA GLY B 68 -33.93 5.58 17.00
C GLY B 68 -34.14 6.32 15.70
N ILE B 69 -34.66 7.55 15.75
CA ILE B 69 -34.90 8.33 14.55
C ILE B 69 -33.96 9.53 14.54
N THR B 70 -34.14 10.44 15.50
CA THR B 70 -33.18 11.52 15.72
C THR B 70 -32.12 11.16 16.76
N THR B 71 -32.24 10.00 17.40
CA THR B 71 -31.21 9.53 18.31
C THR B 71 -29.87 9.42 17.58
N ALA B 72 -28.79 9.64 18.32
CA ALA B 72 -27.44 9.51 17.77
C ALA B 72 -27.25 8.14 17.12
N HIS B 73 -26.66 8.15 15.93
CA HIS B 73 -26.48 6.95 15.10
C HIS B 73 -25.62 5.90 15.77
N GLN B 74 -26.21 4.77 16.15
CA GLN B 74 -25.46 3.67 16.74
C GLN B 74 -24.69 2.90 15.67
N THR B 75 -23.88 1.94 16.13
CA THR B 75 -22.97 1.23 15.23
C THR B 75 -23.66 0.10 14.47
N TYR B 76 -24.63 -0.57 15.10
CA TYR B 76 -25.24 -1.76 14.51
C TYR B 76 -26.75 -1.63 14.45
N VAL B 77 -27.33 -2.33 13.47
CA VAL B 77 -28.77 -2.35 13.28
C VAL B 77 -29.20 -3.79 12.98
N TYR B 78 -30.38 -4.15 13.48
CA TYR B 78 -31.13 -5.31 13.01
C TYR B 78 -32.48 -4.82 12.53
N PHE B 79 -32.80 -5.07 11.27
CA PHE B 79 -34.02 -4.57 10.65
C PHE B 79 -34.88 -5.75 10.25
N ALA B 80 -36.03 -5.90 10.91
CA ALA B 80 -36.94 -7.00 10.64
C ALA B 80 -38.28 -6.46 10.18
N ALA B 81 -38.91 -7.22 9.29
CA ALA B 81 -40.28 -6.96 8.86
C ALA B 81 -41.13 -8.20 9.16
N LEU B 82 -42.37 -7.97 9.56
CA LEU B 82 -43.28 -9.04 9.92
C LEU B 82 -44.60 -8.89 9.19
N ASP B 83 -45.22 -10.01 8.87
CA ASP B 83 -46.56 -10.07 8.32
C ASP B 83 -47.51 -10.56 9.40
N VAL B 84 -48.61 -9.85 9.59
CA VAL B 84 -49.58 -10.23 10.61
C VAL B 84 -50.42 -11.38 10.10
N THR B 85 -50.42 -12.49 10.84
CA THR B 85 -51.25 -13.65 10.52
C THR B 85 -52.44 -13.78 11.45
N ALA B 86 -52.48 -13.05 12.56
CA ALA B 86 -53.62 -13.11 13.46
C ALA B 86 -54.86 -12.51 12.80
N LYS B 87 -56.02 -12.98 13.23
CA LYS B 87 -57.28 -12.54 12.64
C LYS B 87 -57.89 -11.37 13.40
N ASP B 88 -57.81 -11.38 14.72
CA ASP B 88 -58.46 -10.38 15.56
C ASP B 88 -57.49 -9.27 15.94
N LYS B 89 -57.97 -8.03 15.89
CA LYS B 89 -57.15 -6.89 16.27
C LYS B 89 -56.73 -6.97 17.73
N SER B 90 -57.52 -7.65 18.58
CA SER B 90 -57.16 -7.79 19.99
C SER B 90 -55.85 -8.53 20.16
N ASP B 91 -55.53 -9.47 19.27
CA ASP B 91 -54.26 -10.16 19.33
C ASP B 91 -53.10 -9.21 19.04
N ILE B 92 -53.31 -8.25 18.14
CA ILE B 92 -52.27 -7.28 17.84
C ILE B 92 -52.07 -6.33 19.02
N ILE B 93 -53.17 -5.97 19.70
CA ILE B 93 -53.06 -5.12 20.88
C ILE B 93 -52.20 -5.79 21.94
N THR B 94 -52.45 -7.08 22.20
CA THR B 94 -51.64 -7.82 23.16
C THR B 94 -50.17 -7.83 22.75
N LEU B 95 -49.90 -8.00 21.46
CA LEU B 95 -48.52 -8.04 20.98
C LEU B 95 -47.80 -6.73 21.27
N PHE B 96 -48.43 -5.60 20.95
CA PHE B 96 -47.77 -4.32 21.14
C PHE B 96 -47.70 -3.92 22.60
N ARG B 97 -48.65 -4.38 23.42
CA ARG B 97 -48.54 -4.17 24.86
C ARG B 97 -47.32 -4.89 25.41
N ASN B 98 -47.10 -6.15 25.00
CA ASN B 98 -45.95 -6.89 25.47
C ASN B 98 -44.66 -6.37 24.86
N TRP B 99 -44.70 -5.96 23.59
CA TRP B 99 -43.53 -5.34 22.97
C TRP B 99 -43.12 -4.07 23.69
N THR B 100 -44.11 -3.27 24.11
CA THR B 100 -43.81 -2.04 24.84
C THR B 100 -43.15 -2.35 26.18
N SER B 101 -43.73 -3.28 26.94
CA SER B 101 -43.15 -3.65 28.23
C SER B 101 -41.74 -4.20 28.05
N LEU B 102 -41.56 -5.10 27.09
CA LEU B 102 -40.24 -5.70 26.88
C LEU B 102 -39.22 -4.67 26.41
N THR B 103 -39.61 -3.81 25.45
CA THR B 103 -38.68 -2.81 24.94
C THR B 103 -38.24 -1.85 26.04
N GLN B 104 -39.19 -1.41 26.87
CA GLN B 104 -38.83 -0.54 27.99
C GLN B 104 -37.84 -1.22 28.92
N MET B 105 -38.04 -2.53 29.16
CA MET B 105 -37.12 -3.28 30.01
C MET B 105 -35.73 -3.37 29.37
N LEU B 106 -35.68 -3.72 28.08
CA LEU B 106 -34.40 -3.92 27.41
C LEU B 106 -33.61 -2.62 27.31
N THR B 107 -34.27 -1.53 26.91
CA THR B 107 -33.56 -0.28 26.67
C THR B 107 -33.12 0.40 27.95
N SER B 108 -33.85 0.20 29.06
CA SER B 108 -33.51 0.87 30.30
C SER B 108 -32.39 0.20 31.08
N GLY B 109 -31.95 -0.99 30.69
CA GLY B 109 -30.90 -1.67 31.42
C GLY B 109 -31.37 -2.73 32.38
N LYS B 110 -32.66 -3.02 32.43
CA LYS B 110 -33.16 -4.01 33.37
C LYS B 110 -32.68 -5.40 32.98
N LYS B 111 -32.28 -6.18 33.98
CA LYS B 111 -31.78 -7.52 33.72
C LYS B 111 -32.65 -8.59 34.38
N ARG B 117 -37.67 -16.98 39.28
CA ARG B 117 -37.22 -17.84 38.17
C ARG B 117 -37.68 -19.27 38.36
N ASN B 118 -38.54 -19.72 37.44
CA ASN B 118 -39.09 -21.08 37.46
C ASN B 118 -38.28 -21.94 36.50
N GLN B 119 -37.59 -22.96 37.04
CA GLN B 119 -36.75 -23.81 36.21
C GLN B 119 -37.54 -24.63 35.21
N TYR B 120 -38.84 -24.85 35.44
CA TYR B 120 -39.66 -25.63 34.53
C TYR B 120 -40.25 -24.79 33.39
N LEU B 121 -40.04 -23.51 33.41
CA LEU B 121 -40.49 -22.63 32.34
C LEU B 121 -39.34 -22.26 31.43
N PRO B 122 -39.61 -21.97 30.16
CA PRO B 122 -38.56 -21.45 29.30
C PRO B 122 -38.10 -20.11 29.82
N PRO B 123 -36.83 -19.75 29.62
CA PRO B 123 -36.37 -18.43 30.05
C PRO B 123 -37.13 -17.33 29.33
N GLN B 124 -37.59 -16.34 30.09
CA GLN B 124 -38.22 -15.18 29.46
C GLN B 124 -37.21 -14.37 28.66
N ASP B 125 -35.95 -14.37 29.10
CA ASP B 125 -34.86 -13.71 28.42
C ASP B 125 -33.87 -14.76 27.95
N THR B 126 -33.36 -14.62 26.73
CA THR B 126 -32.45 -15.62 26.18
C THR B 126 -31.09 -15.60 26.85
N GLY B 127 -30.70 -14.49 27.46
CA GLY B 127 -29.62 -14.47 28.42
C GLY B 127 -28.25 -14.10 27.89
N GLU B 128 -28.08 -13.95 26.58
CA GLU B 128 -26.75 -13.70 26.05
C GLU B 128 -26.28 -12.26 26.25
N SER B 129 -27.15 -11.36 26.71
CA SER B 129 -26.77 -10.00 27.01
C SER B 129 -26.75 -9.72 28.51
N ALA B 130 -26.67 -10.78 29.33
CA ALA B 130 -26.82 -10.63 30.78
C ALA B 130 -25.73 -9.74 31.36
N ASP B 131 -24.52 -9.80 30.82
CA ASP B 131 -23.38 -9.07 31.36
C ASP B 131 -23.00 -7.87 30.50
N LEU B 132 -23.87 -7.45 29.60
CA LEU B 132 -23.57 -6.38 28.65
C LEU B 132 -24.31 -5.11 29.03
N SER B 133 -23.72 -3.98 28.65
CA SER B 133 -24.36 -2.69 28.85
C SER B 133 -25.50 -2.50 27.85
N PRO B 134 -26.47 -1.63 28.16
CA PRO B 134 -27.56 -1.38 27.21
C PRO B 134 -27.08 -0.89 25.86
N SER B 135 -25.91 -0.25 25.80
CA SER B 135 -25.26 0.12 24.54
C SER B 135 -26.13 1.03 23.68
N ASN B 136 -26.87 1.93 24.34
CA ASN B 136 -27.74 2.90 23.65
C ASN B 136 -28.77 2.19 22.78
N LEU B 137 -29.31 1.09 23.28
CA LEU B 137 -30.30 0.32 22.53
C LEU B 137 -31.56 1.14 22.28
N THR B 138 -32.01 1.15 21.03
CA THR B 138 -33.28 1.74 20.65
C THR B 138 -34.05 0.76 19.77
N VAL B 139 -35.37 0.81 19.87
CA VAL B 139 -36.26 -0.02 19.06
C VAL B 139 -37.34 0.88 18.48
N THR B 140 -37.46 0.88 17.15
CA THR B 140 -38.41 1.74 16.45
C THR B 140 -39.40 0.85 15.70
N PHE B 141 -40.69 1.17 15.83
CA PHE B 141 -41.76 0.40 15.21
C PHE B 141 -42.43 1.21 14.10
N GLY B 142 -42.94 0.49 13.09
CA GLY B 142 -43.64 1.11 11.99
C GLY B 142 -44.62 0.14 11.38
N PHE B 143 -45.50 0.69 10.53
CA PHE B 143 -46.56 -0.09 9.90
C PHE B 143 -46.51 0.11 8.39
N GLY B 144 -46.60 -0.99 7.64
CA GLY B 144 -46.63 -0.95 6.21
C GLY B 144 -48.05 -0.85 5.68
N PRO B 145 -48.19 -0.65 4.36
CA PRO B 145 -49.54 -0.55 3.78
C PRO B 145 -50.40 -1.79 4.00
N GLY B 146 -49.78 -2.97 3.98
CA GLY B 146 -50.53 -4.21 4.18
C GLY B 146 -51.18 -4.33 5.54
N PHE B 147 -50.69 -3.58 6.53
CA PHE B 147 -51.31 -3.61 7.85
C PHE B 147 -52.72 -3.02 7.81
N PHE B 148 -52.98 -2.10 6.88
CA PHE B 148 -54.28 -1.43 6.78
C PHE B 148 -55.19 -2.04 5.73
N GLU B 149 -54.64 -2.54 4.63
CA GLU B 149 -55.45 -3.17 3.59
C GLU B 149 -54.61 -4.24 2.90
N LYS B 150 -55.09 -5.48 2.94
CA LYS B 150 -54.40 -6.61 2.33
C LYS B 150 -55.35 -7.29 1.35
N ASP B 151 -54.94 -7.35 0.08
CA ASP B 151 -55.75 -7.94 -0.99
C ASP B 151 -57.14 -7.31 -1.03
N GLY B 152 -57.19 -5.99 -0.88
CA GLY B 152 -58.44 -5.26 -0.91
C GLY B 152 -59.28 -5.38 0.34
N LYS B 153 -58.82 -6.12 1.34
CA LYS B 153 -59.59 -6.36 2.56
C LYS B 153 -59.04 -5.50 3.69
N ASP B 154 -59.93 -4.76 4.36
CA ASP B 154 -59.59 -4.10 5.61
C ASP B 154 -59.71 -5.14 6.72
N ARG B 155 -58.56 -5.61 7.22
CA ARG B 155 -58.57 -6.77 8.11
C ARG B 155 -58.87 -6.40 9.55
N PHE B 156 -58.48 -5.21 10.00
CA PHE B 156 -58.67 -4.82 11.39
C PHE B 156 -59.46 -3.53 11.54
N GLY B 157 -60.24 -3.16 10.53
CA GLY B 157 -61.06 -1.95 10.63
C GLY B 157 -60.25 -0.68 10.80
N LEU B 158 -59.09 -0.59 10.15
CA LEU B 158 -58.18 0.53 10.32
C LEU B 158 -58.14 1.43 9.08
N LYS B 159 -59.12 1.30 8.19
CA LYS B 159 -59.14 2.10 6.97
C LYS B 159 -59.22 3.59 7.27
N SER B 160 -59.98 3.96 8.31
CA SER B 160 -60.13 5.37 8.66
C SER B 160 -58.88 5.98 9.27
N LYS B 161 -57.90 5.16 9.70
CA LYS B 161 -56.67 5.67 10.28
C LYS B 161 -55.45 5.48 9.39
N LYS B 162 -55.65 5.16 8.11
CA LYS B 162 -54.51 4.97 7.22
C LYS B 162 -53.85 6.32 6.96
N PRO B 163 -52.52 6.41 7.07
CA PRO B 163 -51.84 7.68 6.82
C PRO B 163 -52.00 8.14 5.37
N LYS B 164 -51.79 9.44 5.18
CA LYS B 164 -51.98 10.05 3.87
C LYS B 164 -51.07 9.44 2.81
N HIS B 165 -49.80 9.25 3.14
CA HIS B 165 -48.78 8.87 2.16
C HIS B 165 -48.32 7.43 2.30
N LEU B 166 -49.05 6.58 3.02
CA LEU B 166 -48.62 5.20 3.23
C LEU B 166 -49.04 4.35 2.04
N ALA B 167 -48.10 4.11 1.13
CA ALA B 167 -48.32 3.22 0.00
C ALA B 167 -46.96 2.72 -0.47
N ALA B 168 -46.98 1.58 -1.18
CA ALA B 168 -45.75 1.04 -1.74
C ALA B 168 -45.10 2.06 -2.67
N LEU B 169 -43.78 2.16 -2.59
CA LEU B 169 -43.06 3.13 -3.39
C LEU B 169 -43.25 2.82 -4.88
N PRO B 170 -43.32 3.85 -5.73
CA PRO B 170 -43.51 3.61 -7.15
C PRO B 170 -42.32 2.90 -7.77
N ALA B 171 -42.61 2.12 -8.81
CA ALA B 171 -41.57 1.37 -9.50
C ALA B 171 -40.60 2.29 -10.23
N MET B 172 -39.33 1.94 -10.22
CA MET B 172 -38.29 2.68 -10.90
C MET B 172 -37.68 1.82 -12.01
N PRO B 173 -37.25 2.43 -13.11
CA PRO B 173 -36.74 1.63 -14.24
C PRO B 173 -35.60 0.68 -13.88
N ASN B 174 -34.60 1.14 -13.12
CA ASN B 174 -33.44 0.32 -12.81
C ASN B 174 -33.63 -0.58 -11.60
N ASP B 175 -34.86 -0.66 -11.06
CA ASP B 175 -35.13 -1.54 -9.94
C ASP B 175 -34.97 -3.01 -10.33
N ASN B 176 -34.52 -3.81 -9.36
CA ASN B 176 -34.53 -5.27 -9.47
C ASN B 176 -35.05 -5.82 -8.14
N LEU B 177 -36.28 -5.44 -7.80
CA LEU B 177 -36.80 -5.70 -6.46
C LEU B 177 -37.15 -7.16 -6.29
N ASP B 178 -36.66 -7.74 -5.19
CA ASP B 178 -37.14 -9.04 -4.73
C ASP B 178 -38.30 -8.79 -3.78
N GLU B 179 -39.49 -9.28 -4.16
CA GLU B 179 -40.70 -9.04 -3.38
C GLU B 179 -40.55 -9.57 -1.95
N LYS B 180 -39.79 -10.65 -1.77
CA LYS B 180 -39.56 -11.23 -0.45
C LYS B 180 -38.57 -10.43 0.39
N GLN B 181 -37.83 -9.50 -0.20
CA GLN B 181 -36.88 -8.67 0.53
C GLN B 181 -37.42 -7.27 0.84
N GLY B 182 -38.72 -7.04 0.66
CA GLY B 182 -39.31 -5.77 0.97
C GLY B 182 -40.72 -5.89 1.52
N GLY B 183 -41.41 -4.76 1.66
CA GLY B 183 -42.77 -4.78 2.17
C GLY B 183 -42.82 -5.15 3.64
N GLY B 184 -43.95 -5.72 4.04
CA GLY B 184 -44.14 -6.15 5.42
C GLY B 184 -45.19 -5.30 6.11
N ASP B 185 -45.99 -5.96 6.96
CA ASP B 185 -47.03 -5.24 7.69
C ASP B 185 -46.44 -4.41 8.83
N ILE B 186 -45.39 -4.92 9.47
CA ILE B 186 -44.77 -4.27 10.63
C ILE B 186 -43.26 -4.31 10.44
N CYS B 187 -42.60 -3.18 10.74
CA CYS B 187 -41.15 -3.12 10.74
C CYS B 187 -40.64 -2.89 12.16
N ILE B 188 -39.51 -3.50 12.48
CA ILE B 188 -38.83 -3.30 13.75
C ILE B 188 -37.38 -2.95 13.45
N GLN B 189 -36.96 -1.75 13.87
CA GLN B 189 -35.58 -1.30 13.71
C GLN B 189 -34.91 -1.35 15.09
N VAL B 190 -33.94 -2.23 15.24
CA VAL B 190 -33.21 -2.42 16.49
C VAL B 190 -31.80 -1.91 16.30
N CYS B 191 -31.41 -0.91 17.07
CA CYS B 191 -30.10 -0.29 16.95
C CYS B 191 -29.38 -0.30 18.29
N ALA B 192 -28.07 -0.56 18.24
CA ALA B 192 -27.25 -0.56 19.44
C ALA B 192 -25.78 -0.47 19.01
N ASP B 193 -24.94 -0.04 19.94
CA ASP B 193 -23.50 0.04 19.70
C ASP B 193 -22.81 -1.32 19.85
N ASP B 194 -23.56 -2.39 20.12
CA ASP B 194 -23.02 -3.73 20.29
C ASP B 194 -23.95 -4.70 19.58
N GLU B 195 -23.41 -5.46 18.62
CA GLU B 195 -24.26 -6.33 17.81
C GLU B 195 -24.96 -7.38 18.67
N GLN B 196 -24.24 -7.96 19.64
CA GLN B 196 -24.86 -8.97 20.50
C GLN B 196 -26.02 -8.40 21.29
N VAL B 197 -25.90 -7.14 21.71
CA VAL B 197 -27.04 -6.47 22.36
C VAL B 197 -28.17 -6.28 21.36
N ALA B 198 -27.84 -5.86 20.14
CA ALA B 198 -28.87 -5.60 19.14
C ALA B 198 -29.61 -6.88 18.75
N PHE B 199 -28.87 -7.98 18.52
CA PHE B 199 -29.53 -9.22 18.15
C PHE B 199 -30.36 -9.78 19.30
N HIS B 200 -29.84 -9.67 20.53
CA HIS B 200 -30.59 -10.15 21.68
C HIS B 200 -31.94 -9.45 21.79
N ALA B 201 -31.96 -8.13 21.56
CA ALA B 201 -33.21 -7.38 21.62
C ALA B 201 -34.19 -7.85 20.54
N LEU B 202 -33.73 -7.94 19.30
CA LEU B 202 -34.61 -8.40 18.22
C LEU B 202 -35.08 -9.82 18.45
N ARG B 203 -34.18 -10.70 18.88
CA ARG B 203 -34.53 -12.10 19.11
C ARG B 203 -35.64 -12.24 20.15
N ASN B 204 -35.51 -11.53 21.26
CA ASN B 204 -36.52 -11.64 22.31
C ASN B 204 -37.83 -10.95 21.92
N LEU B 205 -37.75 -9.90 21.09
CA LEU B 205 -38.97 -9.26 20.58
C LEU B 205 -39.70 -10.19 19.62
N LEU B 206 -38.97 -10.83 18.70
CA LEU B 206 -39.60 -11.70 17.73
C LEU B 206 -40.21 -12.93 18.39
N ASN B 207 -39.61 -13.42 19.49
CA ASN B 207 -40.17 -14.55 20.20
C ASN B 207 -41.55 -14.25 20.74
N GLN B 208 -41.82 -12.98 21.07
CA GLN B 208 -43.14 -12.59 21.56
C GLN B 208 -44.20 -12.63 20.47
N ALA B 209 -43.79 -12.53 19.21
CA ALA B 209 -44.72 -12.44 18.08
C ALA B 209 -45.21 -13.81 17.59
N VAL B 210 -44.73 -14.90 18.18
CA VAL B 210 -45.16 -16.23 17.76
C VAL B 210 -46.66 -16.38 17.97
N GLY B 211 -47.37 -16.84 16.93
CA GLY B 211 -48.79 -17.02 16.96
C GLY B 211 -49.59 -15.87 16.35
N THR B 212 -49.02 -14.67 16.29
CA THR B 212 -49.70 -13.53 15.70
C THR B 212 -49.04 -13.02 14.42
N CYS B 213 -47.73 -13.16 14.27
CA CYS B 213 -47.01 -12.66 13.11
C CYS B 213 -46.10 -13.74 12.55
N GLU B 214 -45.74 -13.56 11.28
CA GLU B 214 -44.70 -14.33 10.61
C GLU B 214 -43.58 -13.39 10.22
N VAL B 215 -42.35 -13.76 10.57
CA VAL B 215 -41.21 -12.91 10.25
C VAL B 215 -40.95 -12.98 8.75
N ARG B 216 -40.87 -11.80 8.11
CA ARG B 216 -40.72 -11.73 6.67
C ARG B 216 -39.25 -11.72 6.25
N PHE B 217 -38.45 -10.86 6.87
CA PHE B 217 -37.01 -10.89 6.65
C PHE B 217 -36.32 -10.24 7.84
N VAL B 218 -35.03 -10.53 7.98
CA VAL B 218 -34.19 -9.94 9.01
C VAL B 218 -32.89 -9.51 8.33
N ASN B 219 -32.65 -8.20 8.27
CA ASN B 219 -31.40 -7.65 7.79
C ASN B 219 -30.61 -7.10 8.97
N LYS B 220 -29.30 -7.03 8.80
CA LYS B 220 -28.43 -6.46 9.82
C LYS B 220 -27.34 -5.65 9.15
N GLY B 221 -26.87 -4.61 9.85
CA GLY B 221 -25.91 -3.70 9.28
C GLY B 221 -24.99 -3.12 10.32
N PHE B 222 -23.98 -2.40 9.82
CA PHE B 222 -22.98 -1.77 10.67
C PHE B 222 -22.56 -0.44 10.05
N LEU B 223 -22.10 0.47 10.91
CA LEU B 223 -21.58 1.76 10.45
C LEU B 223 -20.72 2.32 11.56
N SER B 224 -19.42 2.48 11.31
CA SER B 224 -18.47 2.95 12.30
C SER B 224 -18.12 4.41 12.04
N GLY B 225 -18.30 5.25 13.06
CA GLY B 225 -17.88 6.63 12.97
C GLY B 225 -16.40 6.79 13.26
N GLY B 226 -15.88 7.97 12.90
CA GLY B 226 -14.47 8.23 13.10
C GLY B 226 -14.09 8.18 14.57
N LYS B 227 -12.80 7.86 14.81
CA LYS B 227 -12.32 7.74 16.18
C LYS B 227 -12.44 9.06 16.94
N ASN B 228 -12.31 10.19 16.25
CA ASN B 228 -12.46 11.50 16.86
C ASN B 228 -13.82 12.13 16.57
N GLY B 229 -14.82 11.31 16.26
CA GLY B 229 -16.15 11.79 15.95
C GLY B 229 -16.37 12.18 14.51
N GLU B 230 -15.46 11.80 13.61
CA GLU B 230 -15.60 12.12 12.19
C GLU B 230 -16.84 11.46 11.60
N THR B 231 -17.30 12.02 10.49
CA THR B 231 -18.44 11.46 9.77
C THR B 231 -18.11 10.04 9.32
N PRO B 232 -19.01 9.07 9.52
CA PRO B 232 -18.74 7.70 9.07
C PRO B 232 -18.62 7.62 7.56
N ARG B 233 -17.86 6.62 7.10
CA ARG B 233 -17.65 6.37 5.69
C ARG B 233 -18.37 5.10 5.27
N ASN B 234 -19.06 5.15 4.14
CA ASN B 234 -19.73 3.97 3.60
C ASN B 234 -18.70 3.03 2.98
N LEU B 235 -19.18 1.92 2.42
CA LEU B 235 -18.27 0.92 1.87
C LEU B 235 -17.57 1.39 0.60
N PHE B 236 -17.95 2.52 0.02
CA PHE B 236 -17.21 3.11 -1.08
C PHE B 236 -16.13 4.08 -0.61
N GLY B 237 -15.94 4.23 0.70
CA GLY B 237 -14.88 5.06 1.22
C GLY B 237 -15.20 6.54 1.34
N PHE B 238 -16.42 6.96 1.03
CA PHE B 238 -16.81 8.36 1.10
C PHE B 238 -17.53 8.65 2.42
N LYS B 239 -17.33 9.87 2.93
CA LYS B 239 -18.08 10.31 4.09
C LYS B 239 -19.56 10.29 3.78
N ASP B 240 -20.36 9.74 4.71
CA ASP B 240 -21.78 9.53 4.49
C ASP B 240 -22.57 10.17 5.63
N GLY B 241 -23.44 11.12 5.29
CA GLY B 241 -24.27 11.80 6.27
C GLY B 241 -24.06 13.30 6.38
N THR B 242 -23.13 13.87 5.61
CA THR B 242 -22.85 15.30 5.72
C THR B 242 -24.08 16.14 5.34
N GLY B 243 -24.84 15.70 4.35
CA GLY B 243 -25.99 16.46 3.88
C GLY B 243 -27.14 16.53 4.87
N ASN B 244 -27.15 15.66 5.88
CA ASN B 244 -28.20 15.69 6.88
C ASN B 244 -28.17 16.99 7.68
N GLN B 245 -29.35 17.48 8.05
CA GLN B 245 -29.42 18.55 9.02
C GLN B 245 -29.17 18.00 10.42
N SER B 246 -28.87 18.91 11.35
CA SER B 246 -28.51 18.50 12.69
C SER B 246 -29.72 17.90 13.41
N THR B 247 -29.55 16.68 13.93
CA THR B 247 -30.60 16.03 14.71
C THR B 247 -30.81 16.69 16.07
N LYS B 248 -29.91 17.57 16.48
CA LYS B 248 -30.06 18.31 17.72
C LYS B 248 -30.90 19.58 17.57
N ASP B 249 -31.23 19.94 16.34
CA ASP B 249 -32.01 21.15 16.05
C ASP B 249 -33.47 20.76 15.90
N ASP B 250 -34.26 21.03 16.95
CA ASP B 250 -35.66 20.64 16.94
C ASP B 250 -36.43 21.32 15.81
N THR B 251 -36.09 22.59 15.51
CA THR B 251 -36.79 23.31 14.46
C THR B 251 -36.60 22.64 13.10
N LEU B 252 -35.37 22.20 12.81
CA LEU B 252 -35.11 21.55 11.53
C LEU B 252 -35.73 20.16 11.47
N MET B 253 -35.64 19.41 12.56
CA MET B 253 -36.24 18.07 12.57
C MET B 253 -37.76 18.14 12.49
N ASN B 254 -38.38 19.15 13.09
CA ASN B 254 -39.83 19.30 13.00
C ASN B 254 -40.27 19.60 11.58
N SER B 255 -39.41 20.26 10.79
CA SER B 255 -39.75 20.61 9.42
C SER B 255 -39.46 19.51 8.41
N ILE B 256 -38.55 18.59 8.74
CA ILE B 256 -38.12 17.56 7.82
C ILE B 256 -38.68 16.19 8.19
N VAL B 257 -38.71 15.87 9.48
CA VAL B 257 -38.98 14.52 9.96
C VAL B 257 -40.35 14.41 10.62
N TRP B 258 -40.61 15.22 11.65
CA TRP B 258 -41.73 14.98 12.53
C TRP B 258 -43.04 15.52 11.96
N ILE B 259 -44.12 14.79 12.22
CA ILE B 259 -45.46 15.17 11.79
C ILE B 259 -46.16 15.87 12.94
N GLN B 260 -46.73 17.05 12.66
CA GLN B 260 -47.48 17.81 13.66
C GLN B 260 -48.98 17.81 13.43
N SER B 261 -49.44 17.73 12.19
CA SER B 261 -50.87 17.76 11.90
C SER B 261 -51.08 17.21 10.49
N GLY B 262 -52.34 17.18 10.07
CA GLY B 262 -52.72 16.69 8.77
C GLY B 262 -52.79 15.18 8.65
N GLU B 263 -52.40 14.44 9.68
CA GLU B 263 -52.39 12.98 9.66
C GLU B 263 -53.31 12.48 10.77
N PRO B 264 -53.66 11.19 10.77
CA PRO B 264 -54.37 10.63 11.93
C PRO B 264 -53.58 10.86 13.21
N ASP B 265 -54.31 10.95 14.33
CA ASP B 265 -53.73 11.39 15.59
C ASP B 265 -52.56 10.50 16.03
N TRP B 266 -52.61 9.21 15.71
CA TRP B 266 -51.53 8.33 16.12
C TRP B 266 -50.23 8.62 15.39
N MET B 267 -50.29 9.32 14.26
CA MET B 267 -49.09 9.71 13.54
C MET B 267 -48.47 11.00 14.08
N THR B 268 -49.18 11.72 14.95
CA THR B 268 -48.64 12.94 15.52
C THR B 268 -47.42 12.62 16.37
N GLY B 269 -46.30 13.28 16.06
CA GLY B 269 -45.03 12.92 16.64
C GLY B 269 -44.31 11.80 15.93
N GLY B 270 -44.91 11.23 14.89
CA GLY B 270 -44.31 10.17 14.12
C GLY B 270 -43.71 10.68 12.82
N THR B 271 -43.43 9.73 11.92
CA THR B 271 -42.79 10.04 10.64
C THR B 271 -42.94 8.82 9.75
N TYR B 272 -42.49 8.96 8.50
CA TYR B 272 -42.44 7.85 7.57
C TYR B 272 -41.00 7.35 7.43
N MET B 273 -40.85 6.04 7.42
CA MET B 273 -39.54 5.41 7.23
C MET B 273 -39.50 4.75 5.87
N ALA B 274 -38.55 5.17 5.04
CA ALA B 274 -38.30 4.55 3.75
C ALA B 274 -37.13 3.58 3.86
N PHE B 275 -37.26 2.41 3.24
CA PHE B 275 -36.23 1.39 3.27
C PHE B 275 -35.89 0.99 1.85
N ARG B 276 -34.60 1.03 1.52
CA ARG B 276 -34.10 0.59 0.22
C ARG B 276 -32.87 -0.26 0.46
N LYS B 277 -32.92 -1.53 0.05
CA LYS B 277 -31.77 -2.41 0.09
C LYS B 277 -30.99 -2.25 -1.20
N ILE B 278 -29.80 -1.67 -1.12
CA ILE B 278 -29.02 -1.27 -2.29
C ILE B 278 -27.73 -2.08 -2.30
N LYS B 279 -27.65 -3.06 -3.20
CA LYS B 279 -26.43 -3.80 -3.39
C LYS B 279 -25.35 -2.90 -3.99
N MET B 280 -24.14 -3.01 -3.46
CA MET B 280 -23.00 -2.21 -3.93
C MET B 280 -21.97 -3.16 -4.53
N PHE B 281 -21.59 -2.90 -5.80
CA PHE B 281 -20.69 -3.79 -6.54
C PHE B 281 -19.26 -3.45 -6.14
N LEU B 282 -18.83 -4.05 -5.02
CA LEU B 282 -17.55 -3.71 -4.42
C LEU B 282 -16.39 -4.02 -5.36
N GLU B 283 -16.45 -5.17 -6.05
CA GLU B 283 -15.34 -5.57 -6.90
C GLU B 283 -15.19 -4.66 -8.12
N VAL B 284 -16.31 -4.18 -8.67
CA VAL B 284 -16.24 -3.26 -9.80
C VAL B 284 -15.75 -1.89 -9.33
N TRP B 285 -16.24 -1.44 -8.17
CA TRP B 285 -15.83 -0.15 -7.63
C TRP B 285 -14.34 -0.12 -7.33
N ASP B 286 -13.82 -1.18 -6.71
CA ASP B 286 -12.42 -1.21 -6.32
C ASP B 286 -11.48 -1.27 -7.52
N ARG B 287 -11.97 -1.70 -8.68
CA ARG B 287 -11.16 -1.72 -9.89
C ARG B 287 -11.19 -0.39 -10.64
N SER B 288 -12.03 0.55 -10.22
CA SER B 288 -12.17 1.82 -10.90
C SER B 288 -11.14 2.83 -10.39
N SER B 289 -10.76 3.75 -11.27
CA SER B 289 -9.81 4.79 -10.90
C SER B 289 -10.42 5.73 -9.86
N LEU B 290 -9.55 6.42 -9.14
CA LEU B 290 -10.02 7.42 -8.18
C LEU B 290 -10.84 8.50 -8.87
N LYS B 291 -10.46 8.86 -10.10
CA LYS B 291 -11.20 9.87 -10.86
C LYS B 291 -12.63 9.40 -11.12
N ASP B 292 -12.79 8.14 -11.57
CA ASP B 292 -14.13 7.61 -11.79
C ASP B 292 -14.93 7.57 -10.50
N GLN B 293 -14.27 7.21 -9.38
CA GLN B 293 -14.97 7.18 -8.10
C GLN B 293 -15.43 8.58 -7.70
N GLU B 294 -14.55 9.57 -7.81
CA GLU B 294 -14.92 10.92 -7.42
C GLU B 294 -15.89 11.56 -8.40
N ASP B 295 -15.79 11.23 -9.69
CA ASP B 295 -16.75 11.73 -10.66
C ASP B 295 -18.15 11.14 -10.42
N THR B 296 -18.22 9.97 -9.81
CA THR B 296 -19.51 9.33 -9.56
C THR B 296 -20.34 10.15 -8.57
N PHE B 297 -19.69 10.68 -7.53
CA PHE B 297 -20.39 11.45 -6.50
C PHE B 297 -20.28 12.96 -6.71
N GLY B 298 -19.28 13.41 -7.46
CA GLY B 298 -19.02 14.84 -7.55
C GLY B 298 -18.36 15.41 -6.31
N ARG B 299 -17.74 14.57 -5.49
CA ARG B 299 -17.05 14.99 -4.28
C ARG B 299 -15.70 14.29 -4.21
N ARG B 300 -14.74 14.98 -3.61
CA ARG B 300 -13.45 14.34 -3.33
C ARG B 300 -13.63 13.25 -2.28
N LYS B 301 -12.87 12.17 -2.42
CA LYS B 301 -13.10 11.00 -1.58
C LYS B 301 -12.68 11.26 -0.14
N SER B 302 -11.48 11.76 0.08
CA SER B 302 -10.98 11.93 1.44
C SER B 302 -11.66 13.10 2.15
N SER B 303 -11.71 14.27 1.49
CA SER B 303 -12.24 15.46 2.13
C SER B 303 -13.76 15.58 2.02
N GLY B 304 -14.37 14.98 1.01
CA GLY B 304 -15.78 15.16 0.77
C GLY B 304 -16.18 16.50 0.18
N ALA B 305 -15.21 17.33 -0.16
CA ALA B 305 -15.45 18.67 -0.68
C ALA B 305 -15.86 18.62 -2.16
N PRO B 306 -16.73 19.54 -2.58
CA PRO B 306 -17.09 19.59 -4.00
C PRO B 306 -15.92 20.10 -4.83
N PHE B 307 -15.75 19.50 -6.01
CA PHE B 307 -14.77 19.94 -6.99
C PHE B 307 -15.45 20.22 -8.32
N GLY B 308 -15.02 21.29 -8.98
CA GLY B 308 -15.59 21.64 -10.28
C GLY B 308 -15.93 23.12 -10.43
N PRO B 322 -24.11 9.58 -20.74
CA PRO B 322 -25.16 10.43 -20.18
C PRO B 322 -25.46 10.08 -18.73
N SER B 323 -25.16 10.99 -17.82
CA SER B 323 -25.26 10.74 -16.38
C SER B 323 -24.84 12.00 -15.63
N ASN B 324 -25.30 12.10 -14.38
CA ASN B 324 -24.99 13.20 -13.48
C ASN B 324 -24.37 12.68 -12.19
N PRO B 325 -23.49 13.45 -11.55
CA PRO B 325 -22.94 13.02 -10.26
C PRO B 325 -24.04 12.87 -9.23
N HIS B 326 -23.80 12.00 -8.26
CA HIS B 326 -24.85 11.61 -7.32
C HIS B 326 -25.32 12.79 -6.47
N VAL B 327 -24.38 13.49 -5.83
CA VAL B 327 -24.75 14.46 -4.80
C VAL B 327 -25.47 15.66 -5.41
N SER B 328 -24.93 16.21 -6.49
CA SER B 328 -25.58 17.36 -7.12
C SER B 328 -26.94 16.99 -7.70
N LEU B 329 -27.09 15.75 -8.19
CA LEU B 329 -28.38 15.32 -8.70
C LEU B 329 -29.43 15.29 -7.59
N VAL B 330 -29.06 14.83 -6.40
CA VAL B 330 -30.00 14.80 -5.29
C VAL B 330 -30.39 16.21 -4.89
N LYS B 331 -29.40 17.11 -4.76
CA LYS B 331 -29.67 18.47 -4.33
C LYS B 331 -30.54 19.21 -5.34
N SER B 332 -30.48 18.83 -6.62
CA SER B 332 -31.27 19.51 -7.64
C SER B 332 -32.77 19.34 -7.42
N THR B 333 -33.18 18.34 -6.63
CA THR B 333 -34.59 18.18 -6.30
C THR B 333 -35.07 19.25 -5.32
N GLY B 334 -34.16 19.88 -4.59
CA GLY B 334 -34.53 20.87 -3.59
C GLY B 334 -35.19 20.31 -2.37
N LYS B 335 -35.16 18.99 -2.17
CA LYS B 335 -35.82 18.33 -1.05
C LYS B 335 -34.78 17.89 -0.03
N GLN B 336 -35.26 17.57 1.17
CA GLN B 336 -34.40 17.11 2.25
C GLN B 336 -35.07 15.95 2.97
N ILE B 337 -34.25 14.99 3.40
CA ILE B 337 -34.67 13.87 4.23
C ILE B 337 -33.62 13.66 5.31
N LEU B 338 -33.94 12.80 6.27
CA LEU B 338 -33.01 12.41 7.32
C LEU B 338 -32.55 10.99 7.04
N ARG B 339 -31.34 10.85 6.50
CA ARG B 339 -30.78 9.54 6.20
C ARG B 339 -30.15 8.96 7.45
N ARG B 340 -30.43 7.68 7.70
CA ARG B 340 -29.91 6.97 8.87
C ARG B 340 -29.60 5.53 8.45
N ALA B 341 -28.72 5.40 7.47
CA ALA B 341 -28.46 4.13 6.81
C ALA B 341 -27.33 3.36 7.49
N PHE B 342 -27.22 2.08 7.13
CA PHE B 342 -26.16 1.20 7.61
C PHE B 342 -25.61 0.39 6.45
N SER B 343 -24.29 0.14 6.49
CA SER B 343 -23.68 -0.77 5.55
C SER B 343 -23.93 -2.22 5.97
N TYR B 344 -23.86 -3.14 5.02
CA TYR B 344 -24.07 -4.54 5.32
C TYR B 344 -23.13 -5.40 4.50
N THR B 345 -22.78 -6.57 5.05
CA THR B 345 -22.00 -7.58 4.35
C THR B 345 -22.58 -8.94 4.70
N GLU B 346 -22.67 -9.83 3.70
CA GLU B 346 -23.22 -11.16 3.97
C GLU B 346 -22.54 -12.18 3.05
N GLY B 347 -21.33 -12.61 3.44
CA GLY B 347 -20.61 -13.64 2.72
C GLY B 347 -20.45 -13.43 1.22
N LEU B 348 -20.08 -14.50 0.53
CA LEU B 348 -19.96 -14.46 -0.93
C LEU B 348 -21.33 -14.59 -1.57
N ASP B 349 -21.58 -13.77 -2.58
CA ASP B 349 -22.81 -13.89 -3.35
C ASP B 349 -22.75 -15.18 -4.16
N PRO B 350 -23.66 -16.13 -3.95
CA PRO B 350 -23.58 -17.41 -4.67
C PRO B 350 -23.70 -17.29 -6.18
N LYS B 351 -24.33 -16.22 -6.68
CA LYS B 351 -24.50 -16.05 -8.11
C LYS B 351 -23.36 -15.31 -8.78
N THR B 352 -22.61 -14.49 -8.03
CA THR B 352 -21.49 -13.74 -8.58
C THR B 352 -20.12 -14.23 -8.12
N GLY B 353 -20.06 -14.89 -6.96
CA GLY B 353 -18.78 -15.30 -6.41
C GLY B 353 -18.02 -14.21 -5.70
N TYR B 354 -18.53 -12.99 -5.67
CA TYR B 354 -17.91 -11.87 -4.97
C TYR B 354 -18.67 -11.58 -3.68
N MET B 355 -18.06 -10.72 -2.86
CA MET B 355 -18.66 -10.33 -1.59
C MET B 355 -20.05 -9.74 -1.82
N ASP B 356 -21.03 -10.24 -1.06
CA ASP B 356 -22.37 -9.68 -1.06
C ASP B 356 -22.41 -8.56 -0.03
N ALA B 357 -22.49 -7.32 -0.51
CA ALA B 357 -22.45 -6.16 0.38
C ALA B 357 -23.25 -5.04 -0.24
N GLY B 358 -23.55 -4.04 0.59
CA GLY B 358 -24.29 -2.89 0.10
C GLY B 358 -24.68 -1.95 1.21
N LEU B 359 -25.79 -1.26 1.00
CA LEU B 359 -26.30 -0.26 1.95
C LEU B 359 -27.73 -0.59 2.33
N LEU B 360 -28.00 -0.62 3.63
CA LEU B 360 -29.37 -0.64 4.14
C LEU B 360 -29.82 0.81 4.23
N PHE B 361 -30.34 1.34 3.13
CA PHE B 361 -30.76 2.73 3.10
C PHE B 361 -32.02 2.92 3.92
N ILE B 362 -31.93 3.73 4.97
CA ILE B 362 -33.07 4.06 5.84
C ILE B 362 -33.15 5.58 5.95
N SER B 363 -34.31 6.14 5.62
CA SER B 363 -34.52 7.58 5.72
C SER B 363 -35.86 7.86 6.38
N PHE B 364 -35.94 9.01 7.05
CA PHE B 364 -37.15 9.45 7.74
C PHE B 364 -37.59 10.80 7.18
N GLN B 365 -38.88 10.93 6.91
CA GLN B 365 -39.43 12.15 6.32
C GLN B 365 -40.91 12.24 6.65
N LYS B 366 -41.39 13.46 6.93
CA LYS B 366 -42.78 13.63 7.28
C LYS B 366 -43.71 13.41 6.08
N ASN B 367 -43.19 13.62 4.86
CA ASN B 367 -44.00 13.47 3.65
C ASN B 367 -43.13 12.82 2.57
N PRO B 368 -43.27 11.50 2.37
CA PRO B 368 -42.44 10.84 1.34
C PRO B 368 -42.79 11.26 -0.08
N ASP B 369 -44.05 11.60 -0.34
CA ASP B 369 -44.44 12.03 -1.68
C ASP B 369 -43.73 13.31 -2.07
N ASN B 370 -43.53 14.21 -1.12
CA ASN B 370 -42.89 15.50 -1.40
C ASN B 370 -41.37 15.41 -1.33
N GLN B 371 -40.83 14.67 -0.37
CA GLN B 371 -39.41 14.71 -0.06
C GLN B 371 -38.62 13.55 -0.66
N PHE B 372 -39.16 12.34 -0.63
CA PHE B 372 -38.38 11.15 -0.97
C PHE B 372 -38.59 10.67 -2.40
N ILE B 373 -39.86 10.56 -2.84
CA ILE B 373 -40.12 10.08 -4.20
C ILE B 373 -39.45 10.94 -5.26
N PRO B 374 -39.46 12.28 -5.19
CA PRO B 374 -38.70 13.06 -6.19
C PRO B 374 -37.22 12.71 -6.24
N MET B 375 -36.62 12.32 -5.11
CA MET B 375 -35.23 11.89 -5.13
C MET B 375 -35.08 10.56 -5.89
N LEU B 376 -35.98 9.61 -5.62
CA LEU B 376 -35.95 8.35 -6.36
C LEU B 376 -36.09 8.58 -7.86
N LYS B 377 -36.99 9.48 -8.27
CA LYS B 377 -37.21 9.74 -9.69
C LYS B 377 -35.96 10.34 -10.34
N ALA B 378 -35.35 11.33 -9.67
CA ALA B 378 -34.18 11.98 -10.24
C ALA B 378 -32.99 11.04 -10.31
N LEU B 379 -32.77 10.25 -9.26
CA LEU B 379 -31.62 9.36 -9.23
C LEU B 379 -31.80 8.20 -10.20
N SER B 380 -33.01 7.62 -10.26
CA SER B 380 -33.26 6.49 -11.12
C SER B 380 -33.05 6.81 -12.60
N ALA B 381 -33.05 8.09 -12.96
CA ALA B 381 -32.93 8.52 -14.35
C ALA B 381 -31.48 8.78 -14.77
N LYS B 382 -30.72 9.53 -13.96
CA LYS B 382 -29.44 10.05 -14.42
C LYS B 382 -28.25 9.81 -13.49
N ASP B 383 -28.45 9.09 -12.38
CA ASP B 383 -27.39 8.97 -11.39
C ASP B 383 -26.25 8.10 -11.91
N ALA B 384 -25.03 8.66 -11.91
CA ALA B 384 -23.85 7.88 -12.23
C ALA B 384 -23.63 6.74 -11.25
N LEU B 385 -24.17 6.84 -10.03
CA LEU B 385 -24.04 5.79 -9.04
C LEU B 385 -24.74 4.50 -9.46
N ASN B 386 -25.68 4.59 -10.41
CA ASN B 386 -26.38 3.39 -10.88
C ASN B 386 -25.43 2.38 -11.53
N GLU B 387 -24.26 2.81 -11.97
CA GLU B 387 -23.30 1.87 -12.55
C GLU B 387 -22.74 0.90 -11.51
N TYR B 388 -22.71 1.31 -10.24
CA TYR B 388 -22.09 0.52 -9.19
C TYR B 388 -23.07 0.02 -8.15
N THR B 389 -24.37 0.27 -8.31
CA THR B 389 -25.35 -0.10 -7.30
C THR B 389 -26.59 -0.66 -7.98
N GLN B 390 -27.42 -1.33 -7.18
CA GLN B 390 -28.71 -1.82 -7.65
C GLN B 390 -29.61 -2.07 -6.45
N THR B 391 -30.82 -1.51 -6.49
CA THR B 391 -31.78 -1.70 -5.41
C THR B 391 -32.51 -3.02 -5.60
N ILE B 392 -32.49 -3.86 -4.56
CA ILE B 392 -33.10 -5.19 -4.61
C ILE B 392 -34.20 -5.37 -3.58
N GLY B 393 -34.43 -4.37 -2.73
CA GLY B 393 -35.51 -4.43 -1.75
C GLY B 393 -36.02 -3.04 -1.45
N SER B 394 -37.31 -2.94 -1.18
CA SER B 394 -37.93 -1.65 -0.97
C SER B 394 -39.12 -1.78 -0.03
N ALA B 395 -39.32 -0.75 0.79
CA ALA B 395 -40.43 -0.73 1.73
C ALA B 395 -40.63 0.70 2.25
N LEU B 396 -41.88 1.01 2.58
CA LEU B 396 -42.23 2.26 3.23
C LEU B 396 -43.10 1.96 4.44
N TYR B 397 -42.76 2.53 5.58
CA TYR B 397 -43.51 2.29 6.81
C TYR B 397 -43.91 3.61 7.45
N ALA B 398 -45.05 3.59 8.13
CA ALA B 398 -45.54 4.73 8.90
C ALA B 398 -45.20 4.50 10.37
N CYS B 399 -44.37 5.35 10.94
CA CYS B 399 -43.94 5.19 12.32
C CYS B 399 -44.84 6.01 13.25
N PRO B 400 -45.45 5.40 14.26
CA PRO B 400 -46.32 6.15 15.17
C PRO B 400 -45.52 7.14 16.00
N GLY B 401 -46.24 8.06 16.62
CA GLY B 401 -45.65 8.97 17.57
C GLY B 401 -45.09 8.28 18.79
N GLY B 402 -44.43 9.03 19.67
CA GLY B 402 -43.82 8.43 20.83
C GLY B 402 -44.84 7.81 21.78
N CYS B 403 -44.31 7.00 22.69
CA CYS B 403 -45.12 6.31 23.67
C CYS B 403 -45.00 7.01 25.02
N LYS B 404 -46.14 7.37 25.60
CA LYS B 404 -46.17 7.97 26.93
C LYS B 404 -46.05 6.87 27.98
N LYS B 405 -45.38 7.19 29.09
CA LYS B 405 -45.26 6.24 30.19
C LYS B 405 -46.64 5.89 30.72
N GLY B 406 -46.92 4.58 30.79
CA GLY B 406 -48.25 4.10 31.10
C GLY B 406 -49.06 3.71 29.88
N GLU B 407 -48.61 4.09 28.69
CA GLU B 407 -49.26 3.72 27.43
C GLU B 407 -48.45 2.62 26.75
N TYR B 408 -48.94 2.15 25.60
CA TYR B 408 -48.21 1.22 24.77
C TYR B 408 -48.12 1.74 23.34
N ILE B 409 -47.21 1.14 22.57
CA ILE B 409 -46.90 1.63 21.23
C ILE B 409 -48.14 1.56 20.34
N ALA B 410 -48.40 2.65 19.62
CA ALA B 410 -49.49 2.74 18.66
C ALA B 410 -50.84 2.49 19.33
N GLN B 411 -51.01 2.98 20.55
CA GLN B 411 -52.23 2.75 21.32
C GLN B 411 -53.48 3.20 20.58
N ARG B 412 -53.38 3.92 19.48
CA ARG B 412 -54.55 4.16 18.64
C ARG B 412 -54.87 2.93 17.78
N LEU B 413 -54.70 1.73 18.36
CA LEU B 413 -55.32 0.51 17.91
C LEU B 413 -56.62 0.22 18.66
N LEU B 414 -56.99 1.09 19.60
CA LEU B 414 -58.17 0.93 20.44
C LEU B 414 -58.07 -0.33 21.29
N GLU C 56 33.91 27.48 -22.86
CA GLU C 56 34.83 26.35 -22.93
C GLU C 56 34.15 25.00 -23.20
N GLN C 57 33.24 24.60 -22.31
CA GLN C 57 32.56 23.31 -22.43
C GLN C 57 31.19 23.49 -23.08
N ILE C 58 31.22 23.99 -24.30
CA ILE C 58 30.02 24.28 -25.08
C ILE C 58 30.10 23.50 -26.38
N VAL C 59 29.07 22.73 -26.66
CA VAL C 59 28.93 22.01 -27.93
C VAL C 59 27.91 22.77 -28.77
N PRO C 60 28.23 23.12 -30.02
CA PRO C 60 27.29 23.88 -30.84
C PRO C 60 26.00 23.11 -31.07
N PHE C 61 24.87 23.80 -30.91
CA PHE C 61 23.56 23.19 -31.13
C PHE C 61 23.21 23.16 -32.61
N TYR C 62 23.36 24.29 -33.30
CA TYR C 62 23.09 24.33 -34.73
C TYR C 62 24.18 23.60 -35.50
N GLY C 63 23.81 23.05 -36.64
CA GLY C 63 24.77 22.41 -37.51
C GLY C 63 24.09 21.53 -38.53
N LYS C 64 24.93 20.94 -39.40
CA LYS C 64 24.43 20.00 -40.38
C LYS C 64 23.83 18.77 -39.74
N HIS C 65 24.37 18.35 -38.59
CA HIS C 65 23.86 17.21 -37.85
C HIS C 65 23.45 17.65 -36.46
N GLN C 66 22.63 16.83 -35.81
CA GLN C 66 22.36 17.03 -34.39
C GLN C 66 23.61 16.67 -33.58
N ALA C 67 23.83 17.41 -32.51
CA ALA C 67 24.88 17.04 -31.58
C ALA C 67 24.46 15.82 -30.77
N GLY C 68 25.42 15.23 -30.07
CA GLY C 68 25.14 14.07 -29.25
C GLY C 68 25.23 12.74 -29.96
N ILE C 69 25.70 12.72 -31.21
CA ILE C 69 25.81 11.47 -31.97
C ILE C 69 27.29 11.17 -32.20
N THR C 70 27.95 12.01 -32.99
CA THR C 70 29.40 11.93 -33.13
C THR C 70 30.14 12.83 -32.17
N THR C 71 29.41 13.64 -31.39
CA THR C 71 30.02 14.43 -30.33
C THR C 71 30.77 13.54 -29.36
N ALA C 72 31.84 14.07 -28.78
CA ALA C 72 32.61 13.34 -27.79
C ALA C 72 31.70 12.82 -26.68
N HIS C 73 31.91 11.57 -26.30
CA HIS C 73 31.07 10.86 -25.35
C HIS C 73 31.10 11.55 -23.98
N GLN C 74 30.00 12.17 -23.58
CA GLN C 74 29.96 12.80 -22.27
C GLN C 74 29.79 11.73 -21.19
N THR C 75 29.86 12.18 -19.93
CA THR C 75 29.87 11.25 -18.81
C THR C 75 28.47 10.78 -18.44
N TYR C 76 27.45 11.63 -18.58
CA TYR C 76 26.12 11.32 -18.09
C TYR C 76 25.08 11.46 -19.20
N VAL C 77 24.01 10.70 -19.07
CA VAL C 77 22.90 10.73 -20.02
C VAL C 77 21.59 10.67 -19.26
N TYR C 78 20.60 11.39 -19.76
CA TYR C 78 19.20 11.20 -19.41
C TYR C 78 18.45 10.90 -20.70
N PHE C 79 17.80 9.73 -20.75
CA PHE C 79 17.14 9.26 -21.96
C PHE C 79 15.64 9.14 -21.67
N ALA C 80 14.85 9.98 -22.32
CA ALA C 80 13.41 10.00 -22.11
C ALA C 80 12.68 9.68 -23.41
N ALA C 81 11.55 9.01 -23.28
CA ALA C 81 10.64 8.79 -24.39
C ALA C 81 9.27 9.37 -24.04
N LEU C 82 8.61 9.95 -25.04
CA LEU C 82 7.32 10.60 -24.84
C LEU C 82 6.31 10.08 -25.86
N ASP C 83 5.05 10.03 -25.44
CA ASP C 83 3.94 9.71 -26.32
C ASP C 83 3.13 10.97 -26.56
N VAL C 84 2.85 11.26 -27.83
CA VAL C 84 2.08 12.46 -28.19
C VAL C 84 0.61 12.18 -27.95
N THR C 85 -0.03 13.02 -27.13
CA THR C 85 -1.46 12.95 -26.89
C THR C 85 -2.24 14.04 -27.58
N ALA C 86 -1.57 15.08 -28.09
CA ALA C 86 -2.26 16.15 -28.79
C ALA C 86 -2.86 15.64 -30.10
N LYS C 87 -3.91 16.31 -30.55
CA LYS C 87 -4.61 15.93 -31.77
C LYS C 87 -4.09 16.65 -33.00
N ASP C 88 -3.76 17.94 -32.86
CA ASP C 88 -3.39 18.77 -34.00
C ASP C 88 -1.88 18.80 -34.17
N LYS C 89 -1.45 18.70 -35.43
CA LYS C 89 -0.02 18.79 -35.74
C LYS C 89 0.54 20.15 -35.37
N SER C 90 -0.30 21.19 -35.37
CA SER C 90 0.17 22.53 -35.01
C SER C 90 0.67 22.58 -33.56
N ASP C 91 0.08 21.79 -32.67
CA ASP C 91 0.59 21.75 -31.29
C ASP C 91 1.97 21.13 -31.23
N ILE C 92 2.25 20.14 -32.09
CA ILE C 92 3.58 19.55 -32.13
C ILE C 92 4.59 20.55 -32.69
N ILE C 93 4.18 21.33 -33.69
CA ILE C 93 5.05 22.36 -34.24
C ILE C 93 5.44 23.35 -33.14
N THR C 94 4.45 23.81 -32.37
CA THR C 94 4.73 24.71 -31.26
C THR C 94 5.67 24.06 -30.25
N LEU C 95 5.47 22.77 -29.98
CA LEU C 95 6.32 22.06 -29.03
C LEU C 95 7.77 22.05 -29.50
N PHE C 96 8.01 21.73 -30.78
CA PHE C 96 9.37 21.66 -31.27
C PHE C 96 9.97 23.04 -31.50
N ARG C 97 9.16 24.06 -31.77
CA ARG C 97 9.68 25.42 -31.80
C ARG C 97 10.19 25.84 -30.43
N ASN C 98 9.43 25.54 -29.38
CA ASN C 98 9.86 25.89 -28.03
C ASN C 98 11.02 25.03 -27.58
N TRP C 99 11.02 23.74 -27.94
CA TRP C 99 12.15 22.88 -27.63
C TRP C 99 13.43 23.39 -28.29
N THR C 100 13.32 23.89 -29.52
CA THR C 100 14.48 24.42 -30.21
C THR C 100 15.04 25.65 -29.49
N SER C 101 14.17 26.59 -29.12
CA SER C 101 14.60 27.77 -28.41
C SER C 101 15.25 27.41 -27.08
N LEU C 102 14.62 26.51 -26.32
CA LEU C 102 15.15 26.14 -25.02
C LEU C 102 16.47 25.40 -25.14
N THR C 103 16.57 24.44 -26.07
CA THR C 103 17.80 23.68 -26.23
C THR C 103 18.97 24.59 -26.61
N GLN C 104 18.73 25.54 -27.52
CA GLN C 104 19.77 26.48 -27.90
C GLN C 104 20.28 27.27 -26.70
N MET C 105 19.37 27.72 -25.83
CA MET C 105 19.80 28.46 -24.64
C MET C 105 20.60 27.59 -23.68
N LEU C 106 20.11 26.39 -23.40
CA LEU C 106 20.76 25.52 -22.41
C LEU C 106 22.16 25.13 -22.86
N THR C 107 22.29 24.74 -24.13
CA THR C 107 23.57 24.24 -24.64
C THR C 107 24.58 25.36 -24.86
N SER C 108 24.12 26.58 -25.16
CA SER C 108 25.04 27.69 -25.45
C SER C 108 25.65 28.30 -24.20
N GLY C 109 25.06 28.06 -23.04
CA GLY C 109 25.55 28.59 -21.79
C GLY C 109 24.95 29.91 -21.34
N LYS C 110 24.07 30.50 -22.15
CA LYS C 110 23.37 31.69 -21.68
C LYS C 110 22.35 31.30 -20.63
N LYS C 111 22.20 32.13 -19.61
CA LYS C 111 21.32 31.84 -18.48
C LYS C 111 20.13 32.80 -18.48
N MET C 112 18.98 32.30 -18.07
CA MET C 112 17.79 33.13 -17.95
C MET C 112 17.95 34.09 -16.79
N SER C 113 17.57 35.35 -17.02
CA SER C 113 17.70 36.36 -15.98
C SER C 113 16.79 37.55 -16.28
N GLN C 116 13.13 37.90 -12.82
CA GLN C 116 11.71 37.67 -12.99
C GLN C 116 10.91 38.93 -12.68
N ARG C 117 9.82 39.15 -13.40
CA ARG C 117 9.05 40.38 -13.27
C ARG C 117 7.76 40.19 -12.47
N ASN C 118 6.99 39.13 -12.75
CA ASN C 118 5.75 38.86 -12.04
C ASN C 118 6.01 37.79 -10.99
N GLN C 119 5.92 38.18 -9.71
CA GLN C 119 6.16 37.24 -8.62
C GLN C 119 5.06 36.18 -8.51
N TYR C 120 3.89 36.44 -9.08
CA TYR C 120 2.75 35.54 -8.99
C TYR C 120 2.78 34.45 -10.07
N LEU C 121 3.77 34.47 -10.96
CA LEU C 121 3.92 33.43 -11.96
C LEU C 121 5.01 32.45 -11.53
N PRO C 122 4.91 31.19 -11.98
CA PRO C 122 6.00 30.25 -11.72
C PRO C 122 7.26 30.68 -12.45
N PRO C 123 8.43 30.34 -11.90
CA PRO C 123 9.68 30.63 -12.61
C PRO C 123 9.72 29.91 -13.95
N GLN C 124 10.17 30.61 -14.99
CA GLN C 124 10.30 30.00 -16.31
C GLN C 124 11.37 28.91 -16.31
N ASP C 125 12.40 29.06 -15.50
CA ASP C 125 13.47 28.06 -15.36
C ASP C 125 13.47 27.53 -13.93
N THR C 126 13.71 26.22 -13.80
CA THR C 126 13.68 25.61 -12.47
C THR C 126 14.84 26.05 -11.59
N GLY C 127 15.95 26.48 -12.19
CA GLY C 127 16.94 27.27 -11.47
C GLY C 127 18.10 26.50 -10.87
N GLU C 128 18.10 25.17 -10.89
CA GLU C 128 19.15 24.44 -10.20
C GLU C 128 20.47 24.41 -10.96
N SER C 129 20.51 24.91 -12.20
CA SER C 129 21.75 24.98 -12.97
C SER C 129 22.25 26.41 -13.11
N ALA C 130 21.79 27.32 -12.24
CA ALA C 130 22.09 28.74 -12.41
C ALA C 130 23.60 29.02 -12.32
N ASP C 131 24.31 28.27 -11.48
CA ASP C 131 25.72 28.52 -11.24
C ASP C 131 26.62 27.46 -11.89
N LEU C 132 26.08 26.68 -12.82
CA LEU C 132 26.83 25.58 -13.41
C LEU C 132 27.24 25.90 -14.84
N SER C 133 28.35 25.29 -15.27
CA SER C 133 28.83 25.41 -16.63
C SER C 133 27.96 24.55 -17.56
N PRO C 134 27.95 24.88 -18.86
CA PRO C 134 27.16 24.06 -19.80
C PRO C 134 27.58 22.59 -19.82
N SER C 135 28.83 22.29 -19.47
CA SER C 135 29.29 20.91 -19.29
C SER C 135 29.10 20.06 -20.54
N ASN C 136 29.31 20.69 -21.71
CA ASN C 136 29.20 20.01 -23.00
C ASN C 136 27.82 19.40 -23.19
N LEU C 137 26.78 20.12 -22.76
CA LEU C 137 25.41 19.64 -22.87
C LEU C 137 25.01 19.48 -24.33
N THR C 138 24.44 18.32 -24.66
CA THR C 138 23.84 18.08 -25.96
C THR C 138 22.46 17.46 -25.76
N VAL C 139 21.56 17.78 -26.67
CA VAL C 139 20.20 17.24 -26.67
C VAL C 139 19.90 16.72 -28.06
N THR C 140 19.54 15.44 -28.16
CA THR C 140 19.26 14.79 -29.42
C THR C 140 17.81 14.32 -29.43
N PHE C 141 17.10 14.60 -30.52
CA PHE C 141 15.70 14.25 -30.66
C PHE C 141 15.53 13.17 -31.74
N GLY C 142 14.49 12.35 -31.56
CA GLY C 142 14.16 11.31 -32.51
C GLY C 142 12.69 10.98 -32.46
N PHE C 143 12.24 10.24 -33.47
CA PHE C 143 10.83 9.88 -33.63
C PHE C 143 10.69 8.38 -33.75
N GLY C 144 9.74 7.82 -33.00
CA GLY C 144 9.44 6.41 -33.06
C GLY C 144 8.35 6.11 -34.08
N PRO C 145 8.09 4.82 -34.30
CA PRO C 145 7.05 4.45 -35.28
C PRO C 145 5.67 4.98 -34.94
N GLY C 146 5.32 5.05 -33.64
CA GLY C 146 4.02 5.54 -33.25
C GLY C 146 3.77 6.99 -33.61
N PHE C 147 4.83 7.76 -33.84
CA PHE C 147 4.65 9.15 -34.28
C PHE C 147 4.02 9.23 -35.66
N PHE C 148 4.23 8.21 -36.50
CA PHE C 148 3.70 8.18 -37.86
C PHE C 148 2.43 7.38 -37.99
N GLU C 149 2.26 6.33 -37.20
CA GLU C 149 1.04 5.52 -37.24
C GLU C 149 0.77 4.98 -35.86
N LYS C 150 -0.39 5.30 -35.30
CA LYS C 150 -0.82 4.84 -33.99
C LYS C 150 -2.16 4.15 -34.13
N ASP C 151 -2.22 2.87 -33.76
CA ASP C 151 -3.43 2.06 -33.86
C ASP C 151 -3.98 2.10 -35.29
N GLY C 152 -3.08 2.00 -36.26
CA GLY C 152 -3.46 1.99 -37.66
C GLY C 152 -3.83 3.34 -38.23
N LYS C 153 -3.80 4.40 -37.42
CA LYS C 153 -4.21 5.73 -37.84
C LYS C 153 -3.00 6.61 -38.08
N ASP C 154 -2.96 7.26 -39.25
CA ASP C 154 -1.99 8.32 -39.48
C ASP C 154 -2.56 9.57 -38.81
N ARG C 155 -1.99 9.95 -37.67
CA ARG C 155 -2.61 10.97 -36.83
C ARG C 155 -2.27 12.38 -37.29
N PHE C 156 -1.12 12.58 -37.93
CA PHE C 156 -0.71 13.92 -38.32
C PHE C 156 -0.37 14.01 -39.81
N GLY C 157 -0.87 13.07 -40.61
CA GLY C 157 -0.63 13.09 -42.05
C GLY C 157 0.82 13.00 -42.46
N LEU C 158 1.62 12.23 -41.72
CA LEU C 158 3.05 12.14 -41.97
C LEU C 158 3.49 10.79 -42.51
N LYS C 159 2.54 9.95 -42.95
CA LYS C 159 2.90 8.63 -43.42
C LYS C 159 3.78 8.69 -44.66
N SER C 160 3.54 9.67 -45.54
CA SER C 160 4.34 9.81 -46.75
C SER C 160 5.76 10.27 -46.46
N LYS C 161 6.04 10.73 -45.24
CA LYS C 161 7.37 11.13 -44.82
C LYS C 161 7.99 10.14 -43.85
N LYS C 162 7.40 8.97 -43.68
CA LYS C 162 7.93 7.99 -42.74
C LYS C 162 9.23 7.40 -43.27
N PRO C 163 10.27 7.28 -42.46
CA PRO C 163 11.54 6.73 -42.93
C PRO C 163 11.40 5.28 -43.37
N LYS C 164 12.35 4.86 -44.22
CA LYS C 164 12.31 3.53 -44.80
C LYS C 164 12.36 2.44 -43.74
N HIS C 165 13.26 2.58 -42.77
CA HIS C 165 13.56 1.51 -41.83
C HIS C 165 12.98 1.74 -40.44
N LEU C 166 12.04 2.67 -40.30
CA LEU C 166 11.47 2.98 -38.99
C LEU C 166 10.36 1.98 -38.68
N ALA C 167 10.67 0.98 -37.87
CA ALA C 167 9.69 0.02 -37.40
C ALA C 167 10.20 -0.58 -36.11
N ALA C 168 9.28 -1.11 -35.30
CA ALA C 168 9.66 -1.77 -34.06
C ALA C 168 10.62 -2.92 -34.38
N LEU C 169 11.65 -3.05 -33.55
CA LEU C 169 12.64 -4.09 -33.78
C LEU C 169 12.00 -5.48 -33.65
N PRO C 170 12.42 -6.45 -34.45
CA PRO C 170 11.81 -7.78 -34.37
C PRO C 170 12.10 -8.46 -33.03
N ALA C 171 11.17 -9.32 -32.64
CA ALA C 171 11.31 -10.04 -31.37
C ALA C 171 12.47 -11.02 -31.44
N MET C 172 13.19 -11.14 -30.34
CA MET C 172 14.32 -12.06 -30.21
C MET C 172 14.01 -13.13 -29.18
N PRO C 173 14.55 -14.34 -29.35
CA PRO C 173 14.21 -15.44 -28.42
C PRO C 173 14.44 -15.13 -26.95
N ASN C 174 15.61 -14.61 -26.59
CA ASN C 174 15.96 -14.37 -25.20
C ASN C 174 15.41 -13.04 -24.66
N ASP C 175 14.56 -12.35 -25.43
CA ASP C 175 14.00 -11.09 -24.96
C ASP C 175 13.10 -11.30 -23.74
N ASN C 176 13.11 -10.31 -22.86
CA ASN C 176 12.16 -10.22 -21.76
C ASN C 176 11.69 -8.76 -21.69
N LEU C 177 11.11 -8.29 -22.79
CA LEU C 177 10.84 -6.87 -22.96
C LEU C 177 9.63 -6.43 -22.15
N ASP C 178 9.80 -5.36 -21.40
CA ASP C 178 8.68 -4.62 -20.81
C ASP C 178 8.27 -3.57 -21.83
N GLU C 179 7.05 -3.69 -22.35
CA GLU C 179 6.58 -2.75 -23.37
C GLU C 179 6.57 -1.31 -22.85
N LYS C 180 6.33 -1.13 -21.55
CA LYS C 180 6.35 0.20 -20.97
C LYS C 180 7.75 0.76 -20.82
N GLN C 181 8.78 -0.05 -20.97
CA GLN C 181 10.17 0.39 -20.88
C GLN C 181 10.81 0.58 -22.26
N GLY C 182 9.99 0.59 -23.32
CA GLY C 182 10.52 0.81 -24.66
C GLY C 182 9.55 1.59 -25.52
N GLY C 183 9.85 1.69 -26.82
CA GLY C 183 8.97 2.41 -27.73
C GLY C 183 8.99 3.91 -27.47
N GLY C 184 7.88 4.55 -27.80
CA GLY C 184 7.72 5.98 -27.61
C GLY C 184 7.65 6.71 -28.93
N ASP C 185 6.81 7.74 -28.97
CA ASP C 185 6.67 8.54 -30.19
C ASP C 185 7.86 9.46 -30.39
N ILE C 186 8.41 10.00 -29.30
CA ILE C 186 9.52 10.94 -29.35
C ILE C 186 10.55 10.52 -28.30
N CYS C 187 11.82 10.56 -28.68
CA CYS C 187 12.91 10.31 -27.74
C CYS C 187 13.73 11.58 -27.58
N ILE C 188 14.21 11.80 -26.35
CA ILE C 188 15.11 12.90 -26.04
C ILE C 188 16.33 12.33 -25.34
N GLN C 189 17.50 12.50 -25.94
CA GLN C 189 18.76 12.09 -25.34
C GLN C 189 19.49 13.33 -24.84
N VAL C 190 19.64 13.44 -23.53
CA VAL C 190 20.28 14.58 -22.89
C VAL C 190 21.60 14.09 -22.31
N CYS C 191 22.72 14.66 -22.79
CA CYS C 191 24.05 14.26 -22.37
C CYS C 191 24.82 15.47 -21.86
N ALA C 192 25.59 15.27 -20.80
CA ALA C 192 26.45 16.30 -20.25
C ALA C 192 27.47 15.66 -19.33
N ASP C 193 28.55 16.39 -19.07
CA ASP C 193 29.58 15.95 -18.15
C ASP C 193 29.20 16.17 -16.70
N ASP C 194 28.00 16.68 -16.43
CA ASP C 194 27.53 16.94 -15.08
C ASP C 194 26.07 16.50 -15.01
N GLU C 195 25.76 15.57 -14.11
CA GLU C 195 24.42 15.01 -14.05
C GLU C 195 23.38 16.07 -13.73
N GLN C 196 23.69 16.98 -12.80
CA GLN C 196 22.73 18.04 -12.45
C GLN C 196 22.43 18.91 -13.66
N VAL C 197 23.43 19.17 -14.51
CA VAL C 197 23.18 19.90 -15.75
C VAL C 197 22.28 19.08 -16.67
N ALA C 198 22.54 17.78 -16.77
CA ALA C 198 21.74 16.94 -17.68
C ALA C 198 20.30 16.82 -17.20
N PHE C 199 20.09 16.60 -15.90
CA PHE C 199 18.72 16.49 -15.40
C PHE C 199 17.98 17.80 -15.51
N HIS C 200 18.66 18.93 -15.25
CA HIS C 200 18.02 20.23 -15.37
C HIS C 200 17.51 20.46 -16.79
N ALA C 201 18.31 20.10 -17.79
CA ALA C 201 17.90 20.26 -19.18
C ALA C 201 16.68 19.40 -19.49
N LEU C 202 16.72 18.12 -19.13
CA LEU C 202 15.60 17.23 -19.39
C LEU C 202 14.36 17.69 -18.64
N ARG C 203 14.51 18.08 -17.37
CA ARG C 203 13.37 18.51 -16.57
C ARG C 203 12.68 19.71 -17.20
N ASN C 204 13.45 20.71 -17.62
CA ASN C 204 12.85 21.91 -18.21
C ASN C 204 12.32 21.63 -19.61
N LEU C 205 12.92 20.68 -20.34
CA LEU C 205 12.36 20.27 -21.63
C LEU C 205 11.02 19.57 -21.46
N LEU C 206 10.95 18.63 -20.50
CA LEU C 206 9.71 17.89 -20.28
C LEU C 206 8.60 18.79 -19.77
N ASN C 207 8.94 19.82 -18.98
CA ASN C 207 7.92 20.73 -18.48
C ASN C 207 7.19 21.44 -19.62
N GLN C 208 7.89 21.70 -20.73
CA GLN C 208 7.24 22.32 -21.88
C GLN C 208 6.29 21.38 -22.61
N ALA C 209 6.45 20.07 -22.43
CA ALA C 209 5.63 19.10 -23.14
C ALA C 209 4.30 18.84 -22.46
N VAL C 210 4.05 19.46 -21.30
CA VAL C 210 2.78 19.28 -20.61
C VAL C 210 1.64 19.82 -21.49
N GLY C 211 0.61 19.01 -21.67
CA GLY C 211 -0.52 19.35 -22.50
C GLY C 211 -0.47 18.77 -23.89
N THR C 212 0.72 18.46 -24.41
CA THR C 212 0.88 17.85 -25.72
C THR C 212 1.41 16.43 -25.66
N CYS C 213 2.24 16.10 -24.68
CA CYS C 213 2.83 14.78 -24.58
C CYS C 213 2.67 14.25 -23.16
N GLU C 214 2.76 12.93 -23.04
CA GLU C 214 2.86 12.25 -21.77
C GLU C 214 4.19 11.49 -21.74
N VAL C 215 4.96 11.67 -20.66
CA VAL C 215 6.26 11.04 -20.57
C VAL C 215 6.09 9.55 -20.34
N ARG C 216 6.78 8.75 -21.16
CA ARG C 216 6.65 7.29 -21.11
C ARG C 216 7.64 6.66 -20.13
N PHE C 217 8.92 7.01 -20.24
CA PHE C 217 9.91 6.57 -19.26
C PHE C 217 11.09 7.53 -19.30
N VAL C 218 11.88 7.49 -18.23
CA VAL C 218 13.11 8.28 -18.12
C VAL C 218 14.19 7.36 -17.58
N ASN C 219 15.20 7.09 -18.39
CA ASN C 219 16.38 6.35 -17.97
C ASN C 219 17.55 7.31 -17.85
N LYS C 220 18.52 6.96 -17.00
CA LYS C 220 19.73 7.76 -16.86
C LYS C 220 20.93 6.84 -16.70
N GLY C 221 22.09 7.32 -17.15
CA GLY C 221 23.28 6.51 -17.16
C GLY C 221 24.55 7.32 -16.95
N PHE C 222 25.65 6.59 -16.79
CA PHE C 222 26.97 7.19 -16.59
C PHE C 222 28.02 6.34 -17.27
N LEU C 223 29.14 6.98 -17.64
CA LEU C 223 30.27 6.28 -18.22
C LEU C 223 31.51 7.16 -18.06
N SER C 224 32.48 6.68 -17.28
CA SER C 224 33.69 7.44 -16.97
C SER C 224 34.86 6.90 -17.79
N GLY C 225 35.52 7.80 -18.52
CA GLY C 225 36.72 7.43 -19.23
C GLY C 225 37.96 7.48 -18.36
N GLY C 226 39.03 6.86 -18.86
CA GLY C 226 40.27 6.82 -18.11
C GLY C 226 40.85 8.20 -17.89
N LYS C 227 41.64 8.33 -16.81
CA LYS C 227 42.23 9.62 -16.47
C LYS C 227 43.17 10.12 -17.56
N ASN C 228 43.83 9.20 -18.28
CA ASN C 228 44.73 9.56 -19.37
C ASN C 228 44.10 9.35 -20.74
N GLY C 229 42.77 9.37 -20.80
CA GLY C 229 42.07 9.18 -22.07
C GLY C 229 41.84 7.74 -22.47
N GLU C 230 42.04 6.79 -21.56
CA GLU C 230 41.81 5.39 -21.89
C GLU C 230 40.33 5.14 -22.22
N THR C 231 40.11 4.06 -22.95
CA THR C 231 38.75 3.66 -23.29
C THR C 231 37.95 3.37 -22.02
N PRO C 232 36.72 3.88 -21.91
CA PRO C 232 35.93 3.60 -20.70
C PRO C 232 35.63 2.10 -20.57
N ARG C 233 35.44 1.68 -19.33
CA ARG C 233 35.13 0.28 -19.02
C ARG C 233 33.69 0.16 -18.55
N ASN C 234 33.00 -0.86 -19.04
CA ASN C 234 31.63 -1.12 -18.62
C ASN C 234 31.64 -1.74 -17.22
N LEU C 235 30.45 -2.07 -16.71
CA LEU C 235 30.34 -2.60 -15.36
C LEU C 235 30.88 -4.01 -15.22
N PHE C 236 31.20 -4.68 -16.33
CA PHE C 236 31.90 -5.96 -16.28
C PHE C 236 33.41 -5.81 -16.27
N GLY C 237 33.91 -4.58 -16.26
CA GLY C 237 35.33 -4.32 -16.18
C GLY C 237 36.08 -4.35 -17.49
N PHE C 238 35.39 -4.54 -18.62
CA PHE C 238 36.02 -4.61 -19.93
C PHE C 238 35.95 -3.27 -20.63
N LYS C 239 37.00 -2.96 -21.40
CA LYS C 239 36.99 -1.76 -22.23
C LYS C 239 35.82 -1.82 -23.21
N ASP C 240 35.10 -0.71 -23.33
CA ASP C 240 33.89 -0.65 -24.14
C ASP C 240 34.02 0.49 -25.13
N GLY C 241 33.95 0.17 -26.42
CA GLY C 241 34.03 1.16 -27.49
C GLY C 241 35.21 0.99 -28.43
N THR C 242 36.09 0.01 -28.22
CA THR C 242 37.26 -0.15 -29.07
C THR C 242 36.86 -0.45 -30.51
N GLY C 243 35.80 -1.22 -30.71
CA GLY C 243 35.38 -1.60 -32.05
C GLY C 243 34.81 -0.44 -32.86
N ASN C 244 34.44 0.66 -32.21
CA ASN C 244 33.91 1.81 -32.93
C ASN C 244 34.99 2.40 -33.85
N GLN C 245 34.55 2.90 -35.01
CA GLN C 245 35.43 3.70 -35.84
C GLN C 245 35.57 5.09 -35.24
N SER C 246 36.60 5.81 -35.70
CA SER C 246 36.87 7.14 -35.18
C SER C 246 35.78 8.11 -35.60
N THR C 247 35.20 8.82 -34.63
CA THR C 247 34.19 9.82 -34.93
C THR C 247 34.75 11.03 -35.66
N LYS C 248 36.07 11.17 -35.74
CA LYS C 248 36.70 12.23 -36.52
C LYS C 248 36.90 11.85 -37.97
N ASP C 249 36.62 10.61 -38.36
CA ASP C 249 36.77 10.15 -39.73
C ASP C 249 35.44 10.37 -40.44
N ASP C 250 35.37 11.44 -41.23
CA ASP C 250 34.11 11.81 -41.87
C ASP C 250 33.65 10.73 -42.85
N THR C 251 34.60 10.10 -43.56
CA THR C 251 34.23 9.08 -44.53
C THR C 251 33.57 7.88 -43.85
N LEU C 252 34.13 7.45 -42.71
CA LEU C 252 33.57 6.30 -42.01
C LEU C 252 32.23 6.65 -41.35
N MET C 253 32.13 7.85 -40.77
CA MET C 253 30.87 8.25 -40.17
C MET C 253 29.78 8.42 -41.23
N ASN C 254 30.16 8.91 -42.42
CA ASN C 254 29.18 9.07 -43.49
C ASN C 254 28.67 7.72 -43.99
N SER C 255 29.49 6.68 -43.96
CA SER C 255 29.10 5.37 -44.44
C SER C 255 28.40 4.52 -43.39
N ILE C 256 28.59 4.82 -42.10
CA ILE C 256 28.05 4.02 -41.03
C ILE C 256 26.86 4.71 -40.36
N VAL C 257 26.93 6.03 -40.16
CA VAL C 257 25.96 6.75 -39.33
C VAL C 257 25.05 7.63 -40.17
N TRP C 258 25.62 8.55 -40.94
CA TRP C 258 24.84 9.65 -41.50
C TRP C 258 24.11 9.24 -42.78
N ILE C 259 22.91 9.78 -42.95
CA ILE C 259 22.08 9.56 -44.13
C ILE C 259 22.29 10.74 -45.08
N GLN C 260 22.60 10.45 -46.34
CA GLN C 260 22.77 11.50 -47.34
C GLN C 260 21.65 11.58 -48.34
N SER C 261 21.02 10.44 -48.67
CA SER C 261 19.94 10.40 -49.65
C SER C 261 19.20 9.08 -49.46
N GLY C 262 18.19 8.86 -50.30
CA GLY C 262 17.39 7.66 -50.24
C GLY C 262 16.30 7.66 -49.18
N GLU C 263 16.26 8.68 -48.33
CA GLU C 263 15.27 8.83 -47.28
C GLU C 263 14.50 10.12 -47.50
N PRO C 264 13.38 10.34 -46.80
CA PRO C 264 12.75 11.66 -46.84
C PRO C 264 13.72 12.76 -46.44
N ASP C 265 13.48 13.96 -46.97
CA ASP C 265 14.47 15.04 -46.85
C ASP C 265 14.78 15.39 -45.40
N TRP C 266 13.79 15.26 -44.50
CA TRP C 266 14.05 15.60 -43.10
C TRP C 266 15.06 14.65 -42.46
N MET C 267 15.25 13.46 -43.03
CA MET C 267 16.24 12.52 -42.54
C MET C 267 17.64 12.82 -43.08
N THR C 268 17.76 13.71 -44.06
CA THR C 268 19.08 14.05 -44.59
C THR C 268 19.92 14.72 -43.51
N GLY C 269 21.11 14.17 -43.27
CA GLY C 269 21.92 14.57 -42.15
C GLY C 269 21.55 13.91 -40.84
N GLY C 270 20.53 13.06 -40.82
CA GLY C 270 20.13 12.34 -39.64
C GLY C 270 20.62 10.89 -39.65
N THR C 271 20.02 10.10 -38.78
CA THR C 271 20.40 8.70 -38.60
C THR C 271 19.31 8.00 -37.81
N TYR C 272 19.46 6.70 -37.63
CA TYR C 272 18.58 5.91 -36.78
C TYR C 272 19.24 5.64 -35.44
N MET C 273 18.48 5.77 -34.36
CA MET C 273 18.95 5.49 -33.02
C MET C 273 18.29 4.22 -32.49
N ALA C 274 19.09 3.22 -32.17
CA ALA C 274 18.61 2.00 -31.55
C ALA C 274 18.84 2.06 -30.05
N PHE C 275 17.84 1.61 -29.29
CA PHE C 275 17.90 1.62 -27.83
C PHE C 275 17.61 0.22 -27.31
N ARG C 276 18.49 -0.29 -26.47
CA ARG C 276 18.30 -1.58 -25.81
C ARG C 276 18.68 -1.43 -24.34
N LYS C 277 17.73 -1.67 -23.45
CA LYS C 277 17.99 -1.68 -22.01
C LYS C 277 18.39 -3.10 -21.63
N ILE C 278 19.66 -3.29 -21.25
CA ILE C 278 20.23 -4.61 -21.03
C ILE C 278 20.62 -4.72 -19.56
N LYS C 279 19.87 -5.50 -18.81
CA LYS C 279 20.21 -5.78 -17.42
C LYS C 279 21.47 -6.65 -17.36
N MET C 280 22.37 -6.31 -16.44
CA MET C 280 23.63 -7.02 -16.25
C MET C 280 23.63 -7.67 -14.86
N PHE C 281 23.86 -8.98 -14.82
CA PHE C 281 23.80 -9.74 -13.57
C PHE C 281 25.16 -9.62 -12.87
N LEU C 282 25.31 -8.54 -12.11
CA LEU C 282 26.59 -8.26 -11.47
C LEU C 282 26.96 -9.34 -10.45
N GLU C 283 25.97 -9.82 -9.68
CA GLU C 283 26.28 -10.79 -8.64
C GLU C 283 26.74 -12.12 -9.23
N VAL C 284 26.16 -12.54 -10.35
CA VAL C 284 26.60 -13.76 -11.01
C VAL C 284 27.96 -13.54 -11.67
N TRP C 285 28.14 -12.37 -12.30
CA TRP C 285 29.39 -12.06 -12.97
C TRP C 285 30.55 -12.02 -11.98
N ASP C 286 30.35 -11.34 -10.84
CA ASP C 286 31.42 -11.19 -9.85
C ASP C 286 31.77 -12.52 -9.18
N ARG C 287 30.85 -13.49 -9.18
CA ARG C 287 31.13 -14.81 -8.64
C ARG C 287 31.77 -15.74 -9.66
N SER C 288 31.88 -15.31 -10.92
CA SER C 288 32.46 -16.15 -11.98
C SER C 288 33.97 -15.99 -12.02
N SER C 289 34.64 -17.04 -12.48
CA SER C 289 36.08 -17.02 -12.60
C SER C 289 36.53 -16.04 -13.68
N LEU C 290 37.78 -15.59 -13.57
CA LEU C 290 38.35 -14.71 -14.59
C LEU C 290 38.35 -15.38 -15.95
N LYS C 291 38.59 -16.70 -15.98
CA LYS C 291 38.55 -17.43 -17.24
C LYS C 291 37.17 -17.37 -17.88
N ASP C 292 36.13 -17.62 -17.09
CA ASP C 292 34.77 -17.54 -17.61
C ASP C 292 34.44 -16.13 -18.10
N GLN C 293 34.92 -15.11 -17.38
CA GLN C 293 34.68 -13.74 -17.81
C GLN C 293 35.35 -13.45 -19.13
N GLU C 294 36.61 -13.84 -19.28
CA GLU C 294 37.32 -13.56 -20.54
C GLU C 294 36.82 -14.44 -21.68
N ASP C 295 36.44 -15.68 -21.39
CA ASP C 295 35.87 -16.54 -22.42
C ASP C 295 34.51 -16.04 -22.90
N THR C 296 33.80 -15.26 -22.06
CA THR C 296 32.50 -14.74 -22.47
C THR C 296 32.64 -13.75 -23.62
N PHE C 297 33.68 -12.92 -23.57
CA PHE C 297 33.92 -11.93 -24.62
C PHE C 297 34.95 -12.36 -25.65
N GLY C 298 35.82 -13.31 -25.30
CA GLY C 298 36.93 -13.63 -26.18
C GLY C 298 38.04 -12.60 -26.16
N ARG C 299 38.08 -11.77 -25.13
CA ARG C 299 39.11 -10.75 -24.98
C ARG C 299 39.65 -10.79 -23.55
N ARG C 300 40.92 -10.45 -23.40
CA ARG C 300 41.51 -10.32 -22.08
C ARG C 300 40.91 -9.11 -21.37
N LYS C 301 40.73 -9.21 -20.06
CA LYS C 301 39.99 -8.18 -19.33
C LYS C 301 40.80 -6.89 -19.23
N SER C 302 42.05 -6.97 -18.80
CA SER C 302 42.82 -5.75 -18.58
C SER C 302 43.26 -5.11 -19.90
N SER C 303 43.84 -5.90 -20.79
CA SER C 303 44.38 -5.34 -22.03
C SER C 303 43.34 -5.21 -23.13
N GLY C 304 42.30 -6.02 -23.11
CA GLY C 304 41.33 -6.06 -24.19
C GLY C 304 41.79 -6.78 -25.44
N ALA C 305 42.97 -7.40 -25.41
CA ALA C 305 43.51 -8.06 -26.60
C ALA C 305 42.80 -9.40 -26.83
N PRO C 306 42.59 -9.78 -28.08
CA PRO C 306 41.98 -11.09 -28.34
C PRO C 306 42.92 -12.24 -28.04
N PHE C 307 42.39 -13.28 -27.40
CA PHE C 307 43.10 -14.53 -27.17
C PHE C 307 42.40 -15.66 -27.90
N GLY C 308 43.19 -16.56 -28.50
CA GLY C 308 42.64 -17.70 -29.20
C GLY C 308 42.10 -18.77 -28.27
N PRO C 322 26.68 -24.88 -27.59
CA PRO C 322 26.29 -23.95 -28.65
C PRO C 322 26.49 -22.50 -28.24
N SER C 323 27.72 -22.12 -27.96
CA SER C 323 28.04 -20.80 -27.43
C SER C 323 29.31 -20.27 -28.07
N ASN C 324 29.27 -19.01 -28.51
CA ASN C 324 30.40 -18.32 -29.11
C ASN C 324 30.71 -17.05 -28.32
N PRO C 325 31.98 -16.65 -28.24
CA PRO C 325 32.30 -15.41 -27.54
C PRO C 325 31.62 -14.20 -28.18
N HIS C 326 31.40 -13.17 -27.37
CA HIS C 326 30.59 -12.03 -27.79
C HIS C 326 31.21 -11.28 -28.97
N VAL C 327 32.48 -10.90 -28.84
CA VAL C 327 33.08 -9.98 -29.80
C VAL C 327 33.23 -10.64 -31.16
N SER C 328 33.75 -11.87 -31.19
CA SER C 328 33.92 -12.56 -32.46
C SER C 328 32.58 -12.86 -33.12
N LEU C 329 31.55 -13.16 -32.33
CA LEU C 329 30.22 -13.39 -32.90
C LEU C 329 29.68 -12.14 -33.57
N VAL C 330 29.87 -10.98 -32.95
CA VAL C 330 29.39 -9.73 -33.55
C VAL C 330 30.12 -9.45 -34.86
N LYS C 331 31.44 -9.59 -34.85
CA LYS C 331 32.23 -9.29 -36.04
C LYS C 331 31.88 -10.23 -37.20
N SER C 332 31.41 -11.44 -36.89
CA SER C 332 31.08 -12.41 -37.93
C SER C 332 29.94 -11.93 -38.82
N THR C 333 29.14 -10.97 -38.36
CA THR C 333 28.08 -10.43 -39.21
C THR C 333 28.63 -9.53 -40.31
N GLY C 334 29.85 -9.02 -40.16
CA GLY C 334 30.43 -8.12 -41.13
C GLY C 334 29.82 -6.73 -41.16
N LYS C 335 29.02 -6.37 -40.16
CA LYS C 335 28.36 -5.08 -40.12
C LYS C 335 29.03 -4.18 -39.09
N GLN C 336 28.72 -2.89 -39.16
CA GLN C 336 29.27 -1.90 -38.25
C GLN C 336 28.19 -0.93 -37.79
N ILE C 337 28.29 -0.51 -36.53
CA ILE C 337 27.44 0.53 -35.96
C ILE C 337 28.32 1.45 -35.12
N LEU C 338 27.73 2.57 -34.69
CA LEU C 338 28.39 3.50 -33.79
C LEU C 338 27.75 3.38 -32.42
N ARG C 339 28.44 2.70 -31.51
CA ARG C 339 27.93 2.50 -30.16
C ARG C 339 28.25 3.72 -29.29
N ARG C 340 27.25 4.17 -28.53
CA ARG C 340 27.38 5.33 -27.66
C ARG C 340 26.57 5.06 -26.38
N ALA C 341 26.94 4.00 -25.69
CA ALA C 341 26.15 3.47 -24.59
C ALA C 341 26.58 4.08 -23.25
N PHE C 342 25.74 3.87 -22.24
CA PHE C 342 26.01 4.29 -20.87
C PHE C 342 25.65 3.15 -19.92
N SER C 343 26.43 3.03 -18.84
CA SER C 343 26.10 2.11 -17.77
C SER C 343 25.05 2.72 -16.86
N TYR C 344 24.33 1.86 -16.14
CA TYR C 344 23.29 2.33 -15.25
C TYR C 344 23.25 1.50 -13.97
N THR C 345 22.82 2.16 -12.89
CA THR C 345 22.58 1.55 -11.59
C THR C 345 21.32 2.17 -10.99
N GLU C 346 20.57 1.37 -10.22
CA GLU C 346 19.32 1.85 -9.63
C GLU C 346 19.03 1.42 -8.21
N GLY C 347 19.95 0.78 -7.53
CA GLY C 347 19.67 0.25 -6.23
C GLY C 347 19.29 -1.22 -6.30
N LEU C 348 18.70 -1.69 -5.21
CA LEU C 348 18.33 -3.10 -5.12
C LEU C 348 17.06 -3.42 -5.88
N ASP C 349 17.09 -4.51 -6.62
CA ASP C 349 15.89 -5.04 -7.27
C ASP C 349 14.97 -5.57 -6.18
N PRO C 350 13.75 -5.06 -6.05
CA PRO C 350 12.92 -5.47 -4.90
C PRO C 350 12.54 -6.93 -4.86
N LYS C 351 12.49 -7.63 -6.00
CA LYS C 351 12.12 -9.05 -5.98
C LYS C 351 13.32 -9.99 -5.90
N THR C 352 14.52 -9.54 -6.28
CA THR C 352 15.70 -10.40 -6.23
C THR C 352 16.65 -10.06 -5.11
N GLY C 353 16.64 -8.82 -4.61
CA GLY C 353 17.55 -8.42 -3.56
C GLY C 353 18.95 -8.06 -4.01
N TYR C 354 19.27 -8.15 -5.30
CA TYR C 354 20.59 -7.78 -5.78
C TYR C 354 20.55 -6.43 -6.46
N MET C 355 21.75 -5.88 -6.70
CA MET C 355 21.87 -4.59 -7.35
C MET C 355 21.22 -4.61 -8.73
N ASP C 356 20.36 -3.63 -8.99
CA ASP C 356 19.76 -3.44 -10.30
C ASP C 356 20.69 -2.56 -11.13
N ALA C 357 21.34 -3.15 -12.12
CA ALA C 357 22.32 -2.43 -12.92
C ALA C 357 22.37 -3.04 -14.32
N GLY C 358 22.99 -2.31 -15.24
CA GLY C 358 23.12 -2.81 -16.60
C GLY C 358 23.72 -1.78 -17.54
N LEU C 359 23.33 -1.90 -18.81
CA LEU C 359 23.84 -1.02 -19.85
C LEU C 359 22.67 -0.40 -20.60
N LEU C 360 22.70 0.93 -20.75
CA LEU C 360 21.80 1.63 -21.66
C LEU C 360 22.43 1.61 -23.04
N PHE C 361 22.17 0.55 -23.80
CA PHE C 361 22.77 0.40 -25.11
C PHE C 361 22.13 1.38 -26.10
N ILE C 362 22.94 2.28 -26.64
CA ILE C 362 22.50 3.26 -27.63
C ILE C 362 23.47 3.19 -28.80
N SER C 363 22.94 2.94 -29.99
CA SER C 363 23.76 2.87 -31.20
C SER C 363 23.10 3.67 -32.32
N PHE C 364 23.94 4.17 -33.22
CA PHE C 364 23.48 4.96 -34.36
C PHE C 364 23.95 4.30 -35.65
N GLN C 365 23.04 4.19 -36.62
CA GLN C 365 23.35 3.54 -37.89
C GLN C 365 22.39 4.08 -38.94
N LYS C 366 22.89 4.29 -40.16
CA LYS C 366 22.05 4.82 -41.22
C LYS C 366 21.01 3.81 -41.69
N ASN C 367 21.25 2.52 -41.52
CA ASN C 367 20.34 1.48 -41.96
C ASN C 367 20.32 0.38 -40.90
N PRO C 368 19.31 0.38 -40.02
CA PRO C 368 19.26 -0.67 -38.98
C PRO C 368 18.98 -2.06 -39.53
N ASP C 369 18.24 -2.16 -40.64
CA ASP C 369 17.95 -3.47 -41.22
C ASP C 369 19.22 -4.16 -41.69
N ASN C 370 20.17 -3.39 -42.22
CA ASN C 370 21.42 -3.95 -42.73
C ASN C 370 22.48 -4.10 -41.64
N GLN C 371 22.58 -3.14 -40.74
CA GLN C 371 23.72 -3.04 -39.82
C GLN C 371 23.43 -3.58 -38.42
N PHE C 372 22.25 -3.29 -37.86
CA PHE C 372 21.99 -3.57 -36.46
C PHE C 372 21.18 -4.85 -36.23
N ILE C 373 20.10 -5.03 -36.99
CA ILE C 373 19.27 -6.23 -36.81
C ILE C 373 20.07 -7.51 -37.01
N PRO C 374 20.95 -7.65 -38.00
CA PRO C 374 21.78 -8.87 -38.07
C PRO C 374 22.61 -9.11 -36.82
N MET C 375 23.02 -8.06 -36.11
CA MET C 375 23.73 -8.26 -34.85
C MET C 375 22.80 -8.84 -33.79
N LEU C 376 21.58 -8.31 -33.69
CA LEU C 376 20.60 -8.86 -32.76
C LEU C 376 20.32 -10.33 -33.05
N LYS C 377 20.20 -10.68 -34.33
CA LYS C 377 19.93 -12.06 -34.71
C LYS C 377 21.09 -12.98 -34.30
N ALA C 378 22.32 -12.56 -34.59
CA ALA C 378 23.47 -13.39 -34.29
C ALA C 378 23.68 -13.54 -32.78
N LEU C 379 23.53 -12.45 -32.03
CA LEU C 379 23.77 -12.51 -30.60
C LEU C 379 22.70 -13.31 -29.87
N SER C 380 21.43 -13.12 -30.25
CA SER C 380 20.35 -13.81 -29.56
C SER C 380 20.47 -15.34 -29.71
N ALA C 381 21.24 -15.81 -30.68
CA ALA C 381 21.34 -17.24 -30.94
C ALA C 381 22.48 -17.90 -30.16
N LYS C 382 23.68 -17.33 -30.21
CA LYS C 382 24.87 -18.00 -29.67
C LYS C 382 25.71 -17.18 -28.72
N ASP C 383 25.30 -15.97 -28.34
CA ASP C 383 26.18 -15.13 -27.54
C ASP C 383 26.34 -15.71 -26.14
N ALA C 384 27.60 -15.96 -25.75
CA ALA C 384 27.89 -16.38 -24.39
C ALA C 384 27.52 -15.31 -23.37
N LEU C 385 27.44 -14.04 -23.79
CA LEU C 385 27.05 -12.97 -22.90
C LEU C 385 25.61 -13.10 -22.42
N ASN C 386 24.77 -13.85 -23.14
CA ASN C 386 23.39 -14.02 -22.73
C ASN C 386 23.25 -14.69 -21.37
N GLU C 387 24.27 -15.41 -20.91
CA GLU C 387 24.20 -16.02 -19.59
C GLU C 387 24.21 -14.96 -18.50
N TYR C 388 24.79 -13.79 -18.76
CA TYR C 388 24.95 -12.75 -17.76
C TYR C 388 24.13 -11.48 -18.05
N THR C 389 23.33 -11.48 -19.11
CA THR C 389 22.58 -10.30 -19.50
C THR C 389 21.17 -10.69 -19.92
N GLN C 390 20.30 -9.69 -19.99
CA GLN C 390 18.95 -9.89 -20.50
C GLN C 390 18.38 -8.53 -20.91
N THR C 391 17.86 -8.44 -22.14
CA THR C 391 17.27 -7.21 -22.62
C THR C 391 15.83 -7.10 -22.14
N ILE C 392 15.52 -5.97 -21.50
CA ILE C 392 14.20 -5.73 -20.93
C ILE C 392 13.52 -4.51 -21.54
N GLY C 393 14.19 -3.77 -22.40
CA GLY C 393 13.58 -2.64 -23.07
C GLY C 393 14.20 -2.44 -24.44
N SER C 394 13.40 -1.99 -25.39
CA SER C 394 13.85 -1.84 -26.76
C SER C 394 13.10 -0.71 -27.45
N ALA C 395 13.80 -0.01 -28.33
CA ALA C 395 13.20 1.08 -29.10
C ALA C 395 14.09 1.41 -30.28
N LEU C 396 13.46 1.89 -31.35
CA LEU C 396 14.15 2.40 -32.52
C LEU C 396 13.56 3.75 -32.89
N TYR C 397 14.42 4.75 -33.09
CA TYR C 397 13.99 6.10 -33.40
C TYR C 397 14.70 6.60 -34.65
N ALA C 398 14.00 7.45 -35.40
CA ALA C 398 14.57 8.13 -36.55
C ALA C 398 14.95 9.53 -36.13
N CYS C 399 16.25 9.85 -36.20
CA CYS C 399 16.71 11.16 -35.76
C CYS C 399 16.80 12.10 -36.96
N PRO C 400 16.17 13.26 -36.92
CA PRO C 400 16.25 14.19 -38.04
C PRO C 400 17.65 14.78 -38.18
N GLY C 401 17.88 15.40 -39.33
CA GLY C 401 19.10 16.13 -39.57
C GLY C 401 19.25 17.34 -38.66
N GLY C 402 20.39 18.03 -38.76
CA GLY C 402 20.67 19.16 -37.90
C GLY C 402 19.72 20.32 -38.14
N CYS C 403 19.74 21.25 -37.18
CA CYS C 403 18.89 22.43 -37.20
C CYS C 403 19.71 23.65 -37.59
N LYS C 404 19.26 24.38 -38.61
CA LYS C 404 19.88 25.63 -38.99
C LYS C 404 19.39 26.77 -38.11
N LYS C 405 20.28 27.73 -37.85
CA LYS C 405 19.86 28.93 -37.12
C LYS C 405 18.78 29.65 -37.92
N GLY C 406 17.67 29.95 -37.26
CA GLY C 406 16.48 30.44 -37.92
C GLY C 406 15.44 29.37 -38.20
N GLU C 407 15.81 28.10 -38.09
CA GLU C 407 14.91 26.97 -38.22
C GLU C 407 14.61 26.38 -36.85
N TYR C 408 13.73 25.39 -36.83
CA TYR C 408 13.49 24.61 -35.62
C TYR C 408 13.63 23.13 -35.95
N ILE C 409 13.77 22.33 -34.88
CA ILE C 409 14.08 20.91 -35.03
C ILE C 409 12.96 20.19 -35.76
N ALA C 410 13.33 19.35 -36.73
CA ALA C 410 12.38 18.52 -37.47
C ALA C 410 11.34 19.38 -38.19
N GLN C 411 11.77 20.52 -38.72
CA GLN C 411 10.88 21.46 -39.38
C GLN C 411 10.06 20.85 -40.52
N ARG C 412 10.36 19.62 -40.93
CA ARG C 412 9.46 18.94 -41.86
C ARG C 412 8.21 18.41 -41.17
N LEU C 413 7.67 19.20 -40.25
CA LEU C 413 6.29 19.13 -39.80
C LEU C 413 5.41 20.09 -40.57
N LEU C 414 6.00 20.83 -41.52
CA LEU C 414 5.31 21.81 -42.34
C LEU C 414 4.05 21.25 -43.00
N GLU D 56 47.18 15.29 -5.62
CA GLU D 56 46.27 14.30 -6.17
C GLU D 56 44.86 14.50 -5.62
N GLN D 57 43.95 13.63 -6.03
CA GLN D 57 42.57 13.67 -5.53
C GLN D 57 42.37 12.54 -4.51
N ILE D 58 43.15 12.60 -3.44
CA ILE D 58 43.17 11.55 -2.42
C ILE D 58 42.83 12.18 -1.07
N VAL D 59 41.84 11.62 -0.41
CA VAL D 59 41.48 11.99 0.96
C VAL D 59 42.02 10.92 1.89
N PRO D 60 42.77 11.27 2.94
CA PRO D 60 43.32 10.26 3.84
C PRO D 60 42.22 9.45 4.51
N PHE D 61 42.42 8.12 4.54
CA PHE D 61 41.45 7.25 5.19
C PHE D 61 41.69 7.20 6.70
N TYR D 62 42.93 7.00 7.10
CA TYR D 62 43.25 6.98 8.53
C TYR D 62 43.21 8.40 9.10
N GLY D 63 42.88 8.50 10.37
CA GLY D 63 42.89 9.77 11.05
C GLY D 63 42.15 9.71 12.36
N LYS D 64 42.13 10.87 13.04
CA LYS D 64 41.38 10.99 14.29
C LYS D 64 39.88 10.82 14.05
N HIS D 65 39.39 11.25 12.90
CA HIS D 65 37.98 11.10 12.54
C HIS D 65 37.87 10.29 11.26
N GLN D 66 36.67 9.75 11.02
CA GLN D 66 36.37 9.16 9.73
C GLN D 66 36.26 10.25 8.67
N ALA D 67 36.73 9.95 7.47
CA ALA D 67 36.52 10.85 6.36
C ALA D 67 35.05 10.81 5.91
N GLY D 68 34.68 11.77 5.08
CA GLY D 68 33.33 11.83 4.57
C GLY D 68 32.34 12.56 5.45
N ILE D 69 32.80 13.23 6.51
CA ILE D 69 31.92 13.95 7.42
C ILE D 69 32.20 15.44 7.30
N THR D 70 33.38 15.87 7.72
CA THR D 70 33.84 17.23 7.49
C THR D 70 34.64 17.37 6.20
N THR D 71 34.90 16.27 5.51
CA THR D 71 35.55 16.32 4.20
C THR D 71 34.73 17.19 3.25
N ALA D 72 35.43 17.84 2.32
CA ALA D 72 34.77 18.65 1.32
C ALA D 72 33.70 17.83 0.58
N HIS D 73 32.53 18.43 0.41
CA HIS D 73 31.38 17.76 -0.17
C HIS D 73 31.66 17.30 -1.60
N GLN D 74 31.75 15.99 -1.82
CA GLN D 74 31.95 15.48 -3.16
C GLN D 74 30.64 15.54 -3.94
N THR D 75 30.72 15.21 -5.23
CA THR D 75 29.58 15.38 -6.11
C THR D 75 28.59 14.23 -6.02
N TYR D 76 29.06 13.01 -5.78
CA TYR D 76 28.19 11.84 -5.83
C TYR D 76 28.28 11.03 -4.55
N VAL D 77 27.19 10.32 -4.24
CA VAL D 77 27.12 9.48 -3.06
C VAL D 77 26.44 8.16 -3.44
N TYR D 78 26.89 7.08 -2.82
CA TYR D 78 26.14 5.82 -2.75
C TYR D 78 25.92 5.49 -1.28
N PHE D 79 24.67 5.38 -0.87
CA PHE D 79 24.32 5.19 0.53
C PHE D 79 23.62 3.84 0.67
N ALA D 80 24.27 2.91 1.37
CA ALA D 80 23.75 1.57 1.56
C ALA D 80 23.56 1.27 3.04
N ALA D 81 22.54 0.48 3.35
CA ALA D 81 22.32 -0.05 4.68
C ALA D 81 22.33 -1.57 4.63
N LEU D 82 22.88 -2.19 5.66
CA LEU D 82 23.01 -3.65 5.70
C LEU D 82 22.47 -4.17 7.02
N ASP D 83 21.91 -5.39 6.95
CA ASP D 83 21.47 -6.12 8.13
C ASP D 83 22.43 -7.27 8.37
N VAL D 84 22.90 -7.42 9.60
CA VAL D 84 23.81 -8.49 9.96
C VAL D 84 23.02 -9.77 10.14
N THR D 85 23.38 -10.81 9.39
CA THR D 85 22.77 -12.12 9.51
C THR D 85 23.65 -13.13 10.23
N ALA D 86 24.92 -12.83 10.42
CA ALA D 86 25.82 -13.72 11.12
C ALA D 86 25.42 -13.83 12.59
N LYS D 87 25.75 -14.97 13.20
CA LYS D 87 25.42 -15.23 14.60
C LYS D 87 26.55 -14.84 15.54
N ASP D 88 27.80 -15.10 15.13
CA ASP D 88 28.96 -14.90 15.98
C ASP D 88 29.57 -13.53 15.74
N LYS D 89 29.95 -12.85 16.83
CA LYS D 89 30.63 -11.56 16.71
C LYS D 89 31.94 -11.67 15.97
N SER D 90 32.59 -12.84 16.01
CA SER D 90 33.85 -13.04 15.32
C SER D 90 33.70 -12.85 13.81
N ASP D 91 32.53 -13.19 13.25
CA ASP D 91 32.31 -12.97 11.83
C ASP D 91 32.25 -11.49 11.50
N ILE D 92 31.72 -10.67 12.41
CA ILE D 92 31.68 -9.23 12.20
C ILE D 92 33.09 -8.64 12.29
N ILE D 93 33.91 -9.15 13.20
CA ILE D 93 35.29 -8.69 13.33
C ILE D 93 36.04 -8.90 12.02
N THR D 94 35.93 -10.12 11.46
CA THR D 94 36.57 -10.39 10.17
C THR D 94 36.05 -9.45 9.09
N LEU D 95 34.74 -9.18 9.10
CA LEU D 95 34.16 -8.30 8.09
C LEU D 95 34.76 -6.91 8.16
N PHE D 96 34.88 -6.35 9.37
CA PHE D 96 35.41 -4.99 9.51
C PHE D 96 36.92 -4.95 9.36
N ARG D 97 37.61 -6.05 9.65
CA ARG D 97 39.03 -6.13 9.33
C ARG D 97 39.26 -6.05 7.82
N ASN D 98 38.46 -6.80 7.06
CA ASN D 98 38.60 -6.80 5.60
C ASN D 98 38.10 -5.49 4.99
N TRP D 99 37.02 -4.94 5.53
CA TRP D 99 36.54 -3.64 5.03
C TRP D 99 37.58 -2.55 5.22
N THR D 100 38.32 -2.60 6.34
CA THR D 100 39.36 -1.61 6.57
C THR D 100 40.46 -1.69 5.52
N SER D 101 40.95 -2.91 5.24
CA SER D 101 41.97 -3.09 4.23
C SER D 101 41.48 -2.65 2.86
N LEU D 102 40.26 -3.05 2.50
CA LEU D 102 39.72 -2.72 1.19
C LEU D 102 39.50 -1.21 1.07
N THR D 103 38.92 -0.59 2.09
CA THR D 103 38.67 0.85 2.05
C THR D 103 39.97 1.63 1.94
N GLN D 104 40.99 1.23 2.72
CA GLN D 104 42.29 1.89 2.63
C GLN D 104 42.86 1.80 1.23
N MET D 105 42.72 0.64 0.59
CA MET D 105 43.20 0.47 -0.78
C MET D 105 42.39 1.33 -1.75
N LEU D 106 41.07 1.29 -1.64
CA LEU D 106 40.20 2.01 -2.57
C LEU D 106 40.40 3.52 -2.47
N THR D 107 40.43 4.05 -1.24
CA THR D 107 40.49 5.50 -1.08
C THR D 107 41.87 6.04 -1.46
N SER D 108 42.92 5.25 -1.26
CA SER D 108 44.24 5.67 -1.67
C SER D 108 44.42 5.37 -3.16
N GLY D 109 45.54 5.85 -3.71
CA GLY D 109 45.83 5.61 -5.11
C GLY D 109 46.20 4.19 -5.46
N LYS D 110 46.14 3.26 -4.50
CA LYS D 110 46.55 1.89 -4.74
C LYS D 110 45.61 1.16 -5.68
N LYS D 111 46.19 0.40 -6.61
CA LYS D 111 45.43 -0.42 -7.56
C LYS D 111 45.81 -1.90 -7.40
N ARG D 117 48.10 -15.06 -9.60
CA ARG D 117 46.73 -14.93 -10.09
C ARG D 117 46.23 -16.25 -10.69
N ASN D 118 45.15 -16.75 -10.11
CA ASN D 118 44.52 -18.00 -10.55
C ASN D 118 43.34 -17.65 -11.45
N GLN D 119 43.43 -18.02 -12.73
CA GLN D 119 42.38 -17.70 -13.68
C GLN D 119 41.07 -18.40 -13.37
N TYR D 120 41.10 -19.48 -12.59
CA TYR D 120 39.90 -20.23 -12.24
C TYR D 120 39.19 -19.68 -11.02
N LEU D 121 39.73 -18.63 -10.38
CA LEU D 121 39.11 -17.92 -9.27
C LEU D 121 38.48 -16.63 -9.75
N PRO D 122 37.43 -16.15 -9.07
CA PRO D 122 36.87 -14.85 -9.42
C PRO D 122 37.87 -13.75 -9.18
N PRO D 123 37.81 -12.67 -9.96
CA PRO D 123 38.68 -11.51 -9.70
C PRO D 123 38.41 -10.91 -8.34
N GLN D 124 39.50 -10.56 -7.63
CA GLN D 124 39.35 -9.88 -6.35
C GLN D 124 38.73 -8.50 -6.50
N ASP D 125 38.98 -7.84 -7.63
CA ASP D 125 38.42 -6.52 -7.92
C ASP D 125 37.55 -6.62 -9.17
N THR D 126 36.41 -5.91 -9.15
CA THR D 126 35.50 -5.97 -10.28
C THR D 126 36.04 -5.27 -11.51
N GLY D 127 36.96 -4.32 -11.35
CA GLY D 127 37.80 -3.87 -12.44
C GLY D 127 37.34 -2.64 -13.19
N GLU D 128 36.14 -2.11 -12.92
CA GLU D 128 35.65 -1.00 -13.73
C GLU D 128 36.28 0.34 -13.34
N SER D 129 37.06 0.40 -12.26
CA SER D 129 37.76 1.61 -11.86
C SER D 129 39.26 1.53 -12.09
N ALA D 130 39.70 0.59 -12.94
CA ALA D 130 41.13 0.32 -13.07
C ALA D 130 41.91 1.52 -13.58
N ASP D 131 41.31 2.34 -14.45
CA ASP D 131 42.00 3.47 -15.06
C ASP D 131 41.54 4.82 -14.49
N LEU D 132 40.86 4.81 -13.35
CA LEU D 132 40.29 6.03 -12.79
C LEU D 132 41.09 6.50 -11.58
N SER D 133 41.07 7.81 -11.36
CA SER D 133 41.70 8.42 -10.19
C SER D 133 40.83 8.17 -8.96
N PRO D 134 41.41 8.26 -7.76
CA PRO D 134 40.61 8.06 -6.54
C PRO D 134 39.45 9.03 -6.42
N SER D 135 39.56 10.22 -7.02
CA SER D 135 38.44 11.17 -7.11
C SER D 135 37.90 11.56 -5.73
N ASN D 136 38.81 11.70 -4.77
CA ASN D 136 38.47 12.09 -3.39
C ASN D 136 37.47 11.12 -2.76
N LEU D 137 37.67 9.83 -3.01
CA LEU D 137 36.77 8.82 -2.47
C LEU D 137 36.87 8.77 -0.96
N THR D 138 35.70 8.76 -0.30
CA THR D 138 35.62 8.55 1.15
C THR D 138 34.56 7.50 1.44
N VAL D 139 34.78 6.74 2.50
CA VAL D 139 33.85 5.71 2.95
C VAL D 139 33.64 5.89 4.45
N THR D 140 32.39 6.08 4.85
CA THR D 140 32.02 6.31 6.24
C THR D 140 31.11 5.19 6.71
N PHE D 141 31.41 4.64 7.88
CA PHE D 141 30.65 3.52 8.45
C PHE D 141 29.89 3.97 9.68
N GLY D 142 28.75 3.31 9.92
CA GLY D 142 27.93 3.60 11.07
C GLY D 142 27.13 2.38 11.49
N PHE D 143 26.56 2.46 12.70
CA PHE D 143 25.81 1.35 13.28
C PHE D 143 24.43 1.82 13.70
N GLY D 144 23.42 1.03 13.36
CA GLY D 144 22.05 1.32 13.76
C GLY D 144 21.71 0.68 15.09
N PRO D 145 20.53 1.00 15.62
CA PRO D 145 20.13 0.41 16.92
C PRO D 145 20.03 -1.11 16.89
N GLY D 146 19.61 -1.69 15.76
CA GLY D 146 19.50 -3.14 15.67
C GLY D 146 20.81 -3.86 15.81
N PHE D 147 21.94 -3.17 15.59
CA PHE D 147 23.25 -3.80 15.76
C PHE D 147 23.51 -4.16 17.22
N PHE D 148 22.93 -3.43 18.17
CA PHE D 148 23.18 -3.64 19.58
C PHE D 148 22.11 -4.47 20.27
N GLU D 149 20.86 -4.32 19.86
CA GLU D 149 19.75 -5.09 20.44
C GLU D 149 18.71 -5.25 19.34
N LYS D 150 18.33 -6.48 19.05
CA LYS D 150 17.35 -6.75 17.99
C LYS D 150 16.19 -7.51 18.61
N ASP D 151 15.01 -6.87 18.61
CA ASP D 151 13.79 -7.43 19.19
C ASP D 151 14.03 -7.90 20.63
N GLY D 152 14.72 -7.05 21.39
CA GLY D 152 15.03 -7.30 22.78
C GLY D 152 16.20 -8.21 23.05
N LYS D 153 16.86 -8.74 22.03
CA LYS D 153 17.99 -9.65 22.23
C LYS D 153 19.29 -8.93 21.95
N ASP D 154 20.21 -8.99 22.90
CA ASP D 154 21.59 -8.55 22.69
C ASP D 154 22.32 -9.67 21.97
N ARG D 155 22.58 -9.49 20.67
CA ARG D 155 23.06 -10.60 19.86
C ARG D 155 24.56 -10.81 19.99
N PHE D 156 25.34 -9.74 20.07
CA PHE D 156 26.79 -9.85 20.12
C PHE D 156 27.37 -9.34 21.44
N GLY D 157 26.54 -9.26 22.49
CA GLY D 157 27.01 -8.80 23.78
C GLY D 157 27.53 -7.38 23.77
N LEU D 158 26.93 -6.51 22.96
CA LEU D 158 27.39 -5.14 22.81
C LEU D 158 26.43 -4.13 23.41
N LYS D 159 25.46 -4.57 24.22
CA LYS D 159 24.49 -3.65 24.81
C LYS D 159 25.17 -2.64 25.72
N SER D 160 26.20 -3.07 26.44
CA SER D 160 26.92 -2.18 27.35
C SER D 160 27.73 -1.11 26.61
N LYS D 161 27.91 -1.25 25.29
CA LYS D 161 28.62 -0.28 24.48
C LYS D 161 27.69 0.52 23.59
N LYS D 162 26.38 0.44 23.83
CA LYS D 162 25.41 1.15 23.01
C LYS D 162 25.49 2.65 23.26
N PRO D 163 25.51 3.48 22.22
CA PRO D 163 25.58 4.93 22.42
C PRO D 163 24.35 5.46 23.15
N LYS D 164 24.52 6.64 23.76
CA LYS D 164 23.46 7.21 24.58
C LYS D 164 22.20 7.49 23.75
N HIS D 165 22.37 8.07 22.58
CA HIS D 165 21.25 8.59 21.81
C HIS D 165 20.92 7.74 20.59
N LEU D 166 21.42 6.51 20.51
CA LEU D 166 21.18 5.67 19.35
C LEU D 166 19.84 4.96 19.53
N ALA D 167 18.82 5.49 18.88
CA ALA D 167 17.50 4.88 18.86
C ALA D 167 16.77 5.37 17.63
N ALA D 168 15.75 4.62 17.22
CA ALA D 168 14.95 5.02 16.07
C ALA D 168 14.34 6.40 16.31
N LEU D 169 14.34 7.22 15.25
CA LEU D 169 13.81 8.57 15.37
C LEU D 169 12.32 8.52 15.68
N PRO D 170 11.81 9.46 16.48
CA PRO D 170 10.39 9.47 16.81
C PRO D 170 9.55 9.74 15.58
N ALA D 171 8.34 9.19 15.58
CA ALA D 171 7.44 9.40 14.45
C ALA D 171 7.02 10.87 14.40
N MET D 172 7.00 11.41 13.18
CA MET D 172 6.59 12.79 12.98
C MET D 172 5.36 12.87 12.10
N PRO D 173 4.48 13.85 12.34
CA PRO D 173 3.36 14.07 11.42
C PRO D 173 3.89 14.31 10.01
N ASN D 174 3.07 13.95 9.02
CA ASN D 174 3.37 13.99 7.59
C ASN D 174 4.36 12.90 7.18
N ASP D 175 4.76 12.02 8.08
CA ASP D 175 5.62 10.89 7.71
C ASP D 175 4.85 9.93 6.83
N ASN D 176 5.56 9.32 5.87
CA ASN D 176 5.05 8.20 5.11
C ASN D 176 6.18 7.18 4.99
N LEU D 177 6.66 6.72 6.14
CA LEU D 177 7.89 5.95 6.19
C LEU D 177 7.66 4.54 5.66
N ASP D 178 8.51 4.14 4.71
CA ASP D 178 8.63 2.75 4.30
C ASP D 178 9.70 2.10 5.17
N GLU D 179 9.29 1.09 5.94
CA GLU D 179 10.24 0.44 6.84
C GLU D 179 11.43 -0.14 6.09
N LYS D 180 11.20 -0.62 4.87
CA LYS D 180 12.26 -1.22 4.07
C LYS D 180 13.20 -0.19 3.45
N GLN D 181 12.84 1.10 3.50
CA GLN D 181 13.69 2.17 2.99
C GLN D 181 14.44 2.89 4.09
N GLY D 182 14.45 2.36 5.31
CA GLY D 182 15.18 2.98 6.41
C GLY D 182 15.79 1.96 7.36
N GLY D 183 16.29 2.44 8.50
CA GLY D 183 16.87 1.54 9.48
C GLY D 183 18.16 0.91 8.99
N GLY D 184 18.44 -0.27 9.50
CA GLY D 184 19.63 -1.02 9.11
C GLY D 184 20.62 -1.12 10.25
N ASP D 185 21.28 -2.28 10.34
CA ASP D 185 22.28 -2.50 11.38
C ASP D 185 23.56 -1.75 11.08
N ILE D 186 23.95 -1.68 9.80
CA ILE D 186 25.19 -1.03 9.39
C ILE D 186 24.90 -0.14 8.19
N CYS D 187 25.44 1.07 8.19
CA CYS D 187 25.34 1.98 7.06
C CYS D 187 26.73 2.21 6.47
N ILE D 188 26.79 2.35 5.16
CA ILE D 188 28.02 2.70 4.45
C ILE D 188 27.72 3.87 3.54
N GLN D 189 28.41 4.99 3.76
CA GLN D 189 28.30 6.18 2.93
C GLN D 189 29.54 6.28 2.06
N VAL D 190 29.36 6.12 0.76
CA VAL D 190 30.45 6.17 -0.21
C VAL D 190 30.30 7.43 -1.05
N CYS D 191 31.30 8.31 -0.98
CA CYS D 191 31.28 9.58 -1.68
C CYS D 191 32.52 9.71 -2.56
N ALA D 192 32.31 10.28 -3.74
CA ALA D 192 33.40 10.54 -4.68
C ALA D 192 32.92 11.54 -5.72
N ASP D 193 33.89 12.19 -6.37
CA ASP D 193 33.59 13.13 -7.44
C ASP D 193 33.29 12.45 -8.77
N ASP D 194 33.30 11.12 -8.79
CA ASP D 194 33.03 10.34 -10.00
C ASP D 194 32.12 9.18 -9.61
N GLU D 195 30.94 9.10 -10.23
CA GLU D 195 29.96 8.10 -9.81
C GLU D 195 30.48 6.68 -10.01
N GLN D 196 31.18 6.44 -11.13
CA GLN D 196 31.71 5.11 -11.39
C GLN D 196 32.71 4.69 -10.31
N VAL D 197 33.50 5.64 -9.82
CA VAL D 197 34.41 5.35 -8.72
C VAL D 197 33.63 5.02 -7.45
N ALA D 198 32.57 5.78 -7.17
CA ALA D 198 31.78 5.55 -5.98
C ALA D 198 31.05 4.20 -6.03
N PHE D 199 30.46 3.88 -7.18
CA PHE D 199 29.75 2.61 -7.29
C PHE D 199 30.71 1.42 -7.20
N HIS D 200 31.90 1.56 -7.81
CA HIS D 200 32.90 0.50 -7.72
C HIS D 200 33.29 0.23 -6.28
N ALA D 201 33.46 1.29 -5.49
CA ALA D 201 33.85 1.12 -4.09
C ALA D 201 32.75 0.39 -3.32
N LEU D 202 31.50 0.86 -3.44
CA LEU D 202 30.41 0.21 -2.72
C LEU D 202 30.23 -1.23 -3.17
N ARG D 203 30.31 -1.47 -4.48
CA ARG D 203 30.10 -2.82 -5.02
C ARG D 203 31.11 -3.80 -4.46
N ASN D 204 32.39 -3.42 -4.42
CA ASN D 204 33.41 -4.33 -3.88
C ASN D 204 33.32 -4.44 -2.37
N LEU D 205 32.87 -3.38 -1.68
CA LEU D 205 32.64 -3.48 -0.25
C LEU D 205 31.48 -4.43 0.05
N LEU D 206 30.38 -4.32 -0.69
CA LEU D 206 29.25 -5.20 -0.49
C LEU D 206 29.57 -6.64 -0.85
N ASN D 207 30.44 -6.85 -1.85
CA ASN D 207 30.81 -8.21 -2.23
C ASN D 207 31.50 -8.94 -1.09
N GLN D 208 32.26 -8.22 -0.25
CA GLN D 208 32.91 -8.87 0.88
C GLN D 208 31.94 -9.23 1.99
N ALA D 209 30.77 -8.58 2.03
CA ALA D 209 29.79 -8.82 3.09
C ALA D 209 28.91 -10.02 2.82
N VAL D 210 29.06 -10.68 1.66
CA VAL D 210 28.26 -11.87 1.36
C VAL D 210 28.58 -12.94 2.38
N GLY D 211 27.53 -13.52 2.97
CA GLY D 211 27.66 -14.52 3.99
C GLY D 211 27.56 -13.98 5.41
N THR D 212 27.82 -12.69 5.60
CA THR D 212 27.73 -12.06 6.92
C THR D 212 26.60 -11.06 7.02
N CYS D 213 26.28 -10.35 5.93
CA CYS D 213 25.24 -9.34 5.93
C CYS D 213 24.32 -9.54 4.73
N GLU D 214 23.13 -8.96 4.85
CA GLU D 214 22.21 -8.82 3.73
C GLU D 214 21.99 -7.34 3.46
N VAL D 215 22.12 -6.94 2.19
CA VAL D 215 21.99 -5.54 1.84
C VAL D 215 20.52 -5.13 1.94
N ARG D 216 20.27 -4.05 2.67
CA ARG D 216 18.91 -3.60 2.95
C ARG D 216 18.39 -2.65 1.88
N PHE D 217 19.16 -1.63 1.54
CA PHE D 217 18.82 -0.75 0.42
C PHE D 217 20.10 -0.08 -0.05
N VAL D 218 20.04 0.44 -1.29
CA VAL D 218 21.13 1.21 -1.88
C VAL D 218 20.52 2.46 -2.50
N ASN D 219 20.84 3.62 -1.95
CA ASN D 219 20.47 4.90 -2.52
C ASN D 219 21.70 5.56 -3.12
N LYS D 220 21.47 6.42 -4.11
CA LYS D 220 22.56 7.18 -4.72
C LYS D 220 22.09 8.59 -5.01
N GLY D 221 23.02 9.53 -4.98
CA GLY D 221 22.68 10.93 -5.13
C GLY D 221 23.78 11.73 -5.79
N PHE D 222 23.44 12.98 -6.10
CA PHE D 222 24.37 13.90 -6.75
C PHE D 222 24.14 15.31 -6.20
N LEU D 223 25.19 16.12 -6.25
CA LEU D 223 25.09 17.53 -5.86
C LEU D 223 26.26 18.28 -6.46
N SER D 224 25.97 19.22 -7.37
CA SER D 224 27.00 19.97 -8.07
C SER D 224 27.09 21.37 -7.48
N GLY D 225 28.29 21.76 -7.05
CA GLY D 225 28.51 23.10 -6.57
C GLY D 225 28.78 24.08 -7.71
N GLY D 226 28.68 25.37 -7.39
CA GLY D 226 28.89 26.38 -8.41
C GLY D 226 30.31 26.35 -8.95
N LYS D 227 30.45 26.80 -10.19
CA LYS D 227 31.76 26.80 -10.84
C LYS D 227 32.74 27.72 -10.12
N ASN D 228 32.26 28.80 -9.53
CA ASN D 228 33.09 29.74 -8.79
C ASN D 228 33.01 29.54 -7.28
N GLY D 229 32.63 28.35 -6.84
CA GLY D 229 32.52 28.08 -5.42
C GLY D 229 31.21 28.47 -4.79
N GLU D 230 30.19 28.77 -5.59
CA GLU D 230 28.90 29.14 -5.04
C GLU D 230 28.29 27.98 -4.26
N THR D 231 27.38 28.32 -3.36
CA THR D 231 26.67 27.31 -2.60
C THR D 231 25.89 26.41 -3.56
N PRO D 232 25.94 25.09 -3.41
CA PRO D 232 25.18 24.22 -4.31
C PRO D 232 23.69 24.45 -4.17
N ARG D 233 22.97 24.19 -5.25
CA ARG D 233 21.53 24.37 -5.28
C ARG D 233 20.84 23.02 -5.34
N ASN D 234 19.80 22.86 -4.51
CA ASN D 234 19.01 21.64 -4.52
C ASN D 234 18.10 21.62 -5.73
N LEU D 235 17.28 20.56 -5.83
CA LEU D 235 16.40 20.41 -6.99
C LEU D 235 15.26 21.42 -7.01
N PHE D 236 15.07 22.17 -5.92
CA PHE D 236 14.12 23.28 -5.91
C PHE D 236 14.73 24.59 -6.37
N GLY D 237 16.01 24.59 -6.75
CA GLY D 237 16.66 25.77 -7.27
C GLY D 237 17.21 26.72 -6.23
N PHE D 238 17.10 26.39 -4.94
CA PHE D 238 17.59 27.23 -3.87
C PHE D 238 18.97 26.78 -3.42
N LYS D 239 19.79 27.76 -3.03
CA LYS D 239 21.09 27.44 -2.42
C LYS D 239 20.87 26.62 -1.15
N ASP D 240 21.66 25.56 -1.00
CA ASP D 240 21.50 24.61 0.10
C ASP D 240 22.82 24.49 0.83
N GLY D 241 22.83 24.81 2.12
CA GLY D 241 24.03 24.73 2.93
C GLY D 241 24.49 26.04 3.53
N THR D 242 23.79 27.16 3.32
CA THR D 242 24.24 28.44 3.86
C THR D 242 24.29 28.41 5.38
N GLY D 243 23.33 27.76 6.02
CA GLY D 243 23.28 27.73 7.47
C GLY D 243 24.40 26.91 8.10
N ASN D 244 25.06 26.05 7.33
CA ASN D 244 26.15 25.24 7.86
C ASN D 244 27.30 26.11 8.32
N GLN D 245 27.94 25.72 9.41
CA GLN D 245 29.20 26.32 9.81
C GLN D 245 30.33 25.76 8.95
N SER D 246 31.46 26.46 8.97
CA SER D 246 32.61 26.06 8.16
C SER D 246 33.20 24.77 8.71
N THR D 247 33.33 23.76 7.84
CA THR D 247 33.96 22.51 8.24
C THR D 247 35.45 22.65 8.51
N LYS D 248 36.05 23.78 8.15
CA LYS D 248 37.45 24.05 8.44
C LYS D 248 37.65 24.69 9.82
N ASP D 249 36.58 25.03 10.51
CA ASP D 249 36.66 25.64 11.84
C ASP D 249 36.57 24.51 12.85
N ASP D 250 37.73 24.12 13.40
CA ASP D 250 37.78 22.98 14.30
C ASP D 250 36.95 23.22 15.56
N THR D 251 36.93 24.45 16.05
CA THR D 251 36.17 24.76 17.27
C THR D 251 34.69 24.52 17.07
N LEU D 252 34.14 24.94 15.93
CA LEU D 252 32.72 24.78 15.68
C LEU D 252 32.36 23.32 15.39
N MET D 253 33.20 22.63 14.62
CA MET D 253 32.90 21.22 14.32
C MET D 253 33.00 20.36 15.59
N ASN D 254 33.92 20.69 16.49
CA ASN D 254 34.00 19.96 17.75
C ASN D 254 32.77 20.21 18.61
N SER D 255 32.15 21.37 18.49
CA SER D 255 30.97 21.72 19.27
C SER D 255 29.67 21.23 18.65
N ILE D 256 29.66 20.99 17.34
CA ILE D 256 28.45 20.61 16.64
C ILE D 256 28.45 19.13 16.25
N VAL D 257 29.59 18.62 15.78
CA VAL D 257 29.65 17.30 15.15
C VAL D 257 30.39 16.29 16.03
N TRP D 258 31.63 16.58 16.40
CA TRP D 258 32.50 15.56 16.96
C TRP D 258 32.25 15.34 18.43
N ILE D 259 32.38 14.08 18.86
CA ILE D 259 32.21 13.67 20.24
C ILE D 259 33.58 13.59 20.90
N GLN D 260 33.71 14.24 22.06
CA GLN D 260 34.94 14.20 22.84
C GLN D 260 34.84 13.37 24.10
N SER D 261 33.66 13.27 24.71
CA SER D 261 33.47 12.51 25.93
C SER D 261 31.99 12.22 26.10
N GLY D 262 31.65 11.55 27.20
CA GLY D 262 30.28 11.22 27.52
C GLY D 262 29.71 10.01 26.80
N GLU D 263 30.45 9.43 25.86
CA GLU D 263 29.98 8.26 25.11
C GLU D 263 30.93 7.10 25.31
N PRO D 264 30.56 5.87 24.92
CA PRO D 264 31.53 4.78 24.93
C PRO D 264 32.78 5.15 24.12
N ASP D 265 33.90 4.54 24.51
CA ASP D 265 35.20 4.98 24.01
C ASP D 265 35.30 4.91 22.50
N TRP D 266 34.61 3.95 21.87
CA TRP D 266 34.67 3.84 20.41
C TRP D 266 33.98 5.01 19.71
N MET D 267 33.11 5.74 20.40
CA MET D 267 32.47 6.91 19.82
C MET D 267 33.32 8.17 19.91
N THR D 268 34.42 8.14 20.66
CA THR D 268 35.29 9.30 20.75
C THR D 268 35.89 9.62 19.39
N GLY D 269 35.70 10.86 18.93
CA GLY D 269 36.05 11.23 17.58
C GLY D 269 34.99 10.91 16.54
N GLY D 270 33.89 10.28 16.94
CA GLY D 270 32.80 9.97 16.05
C GLY D 270 31.65 10.96 16.17
N THR D 271 30.50 10.56 15.64
CA THR D 271 29.33 11.42 15.62
C THR D 271 28.12 10.55 15.29
N TYR D 272 26.94 11.17 15.31
CA TYR D 272 25.70 10.53 14.90
C TYR D 272 25.32 11.01 13.51
N MET D 273 24.87 10.08 12.66
CA MET D 273 24.42 10.40 11.32
C MET D 273 22.92 10.18 11.23
N ALA D 274 22.19 11.23 10.89
CA ALA D 274 20.75 11.14 10.65
C ALA D 274 20.50 11.03 9.16
N PHE D 275 19.57 10.16 8.78
CA PHE D 275 19.23 9.92 7.39
C PHE D 275 17.73 10.08 7.21
N ARG D 276 17.33 10.92 6.25
CA ARG D 276 15.93 11.10 5.91
C ARG D 276 15.82 11.11 4.39
N LYS D 277 15.05 10.15 3.85
CA LYS D 277 14.76 10.13 2.42
C LYS D 277 13.50 10.97 2.20
N ILE D 278 13.66 12.12 1.54
CA ILE D 278 12.59 13.09 1.39
C ILE D 278 12.25 13.21 -0.09
N LYS D 279 11.11 12.64 -0.48
CA LYS D 279 10.63 12.79 -1.84
C LYS D 279 10.23 14.24 -2.09
N MET D 280 10.61 14.76 -3.25
CA MET D 280 10.30 16.14 -3.62
C MET D 280 9.39 16.14 -4.84
N PHE D 281 8.24 16.80 -4.72
CA PHE D 281 7.23 16.83 -5.77
C PHE D 281 7.58 17.95 -6.75
N LEU D 282 8.44 17.62 -7.71
CA LEU D 282 8.94 18.62 -8.65
C LEU D 282 7.81 19.24 -9.47
N GLU D 283 6.85 18.43 -9.91
CA GLU D 283 5.79 18.94 -10.77
C GLU D 283 4.92 19.94 -10.03
N VAL D 284 4.68 19.72 -8.73
CA VAL D 284 3.92 20.67 -7.93
C VAL D 284 4.74 21.92 -7.67
N TRP D 285 6.03 21.76 -7.36
CA TRP D 285 6.90 22.89 -7.10
C TRP D 285 7.05 23.77 -8.35
N ASP D 286 7.28 23.15 -9.51
CA ASP D 286 7.50 23.90 -10.74
C ASP D 286 6.25 24.66 -11.20
N ARG D 287 5.06 24.23 -10.77
CA ARG D 287 3.84 24.94 -11.11
C ARG D 287 3.52 26.06 -10.12
N SER D 288 4.27 26.19 -9.03
CA SER D 288 4.02 27.20 -8.03
C SER D 288 4.72 28.50 -8.40
N SER D 289 4.14 29.61 -7.97
CA SER D 289 4.70 30.93 -8.24
C SER D 289 6.02 31.11 -7.49
N LEU D 290 6.82 32.05 -7.98
CA LEU D 290 8.07 32.39 -7.31
C LEU D 290 7.81 32.89 -5.89
N LYS D 291 6.70 33.63 -5.69
CA LYS D 291 6.38 34.12 -4.36
C LYS D 291 6.11 32.97 -3.41
N ASP D 292 5.33 31.97 -3.85
CA ASP D 292 5.09 30.79 -3.01
C ASP D 292 6.38 30.04 -2.73
N GLN D 293 7.27 29.95 -3.73
CA GLN D 293 8.55 29.28 -3.53
C GLN D 293 9.40 30.01 -2.49
N GLU D 294 9.51 31.33 -2.62
CA GLU D 294 10.35 32.09 -1.69
C GLU D 294 9.69 32.22 -0.31
N ASP D 295 8.37 32.32 -0.25
CA ASP D 295 7.69 32.38 1.04
C ASP D 295 7.84 31.08 1.81
N THR D 296 8.05 29.96 1.11
CA THR D 296 8.21 28.67 1.78
C THR D 296 9.49 28.62 2.60
N PHE D 297 10.59 29.16 2.07
CA PHE D 297 11.87 29.10 2.75
C PHE D 297 12.23 30.36 3.53
N GLY D 298 11.65 31.51 3.18
CA GLY D 298 12.08 32.75 3.79
C GLY D 298 13.38 33.29 3.26
N ARG D 299 13.82 32.84 2.09
CA ARG D 299 15.01 33.36 1.43
C ARG D 299 14.69 33.60 -0.03
N ARG D 300 15.32 34.61 -0.61
CA ARG D 300 15.18 34.85 -2.04
C ARG D 300 15.89 33.76 -2.82
N LYS D 301 15.31 33.37 -3.95
CA LYS D 301 15.80 32.20 -4.67
C LYS D 301 17.15 32.46 -5.34
N SER D 302 17.26 33.57 -6.07
CA SER D 302 18.47 33.83 -6.84
C SER D 302 19.64 34.20 -5.94
N SER D 303 19.43 35.14 -5.02
CA SER D 303 20.50 35.63 -4.18
C SER D 303 20.76 34.77 -2.95
N GLY D 304 19.75 34.03 -2.49
CA GLY D 304 19.86 33.27 -1.27
C GLY D 304 19.77 34.09 0.00
N ALA D 305 19.50 35.38 -0.12
CA ALA D 305 19.48 36.28 1.02
C ALA D 305 18.20 36.09 1.82
N PRO D 306 18.26 36.21 3.15
CA PRO D 306 17.04 36.15 3.95
C PRO D 306 16.20 37.39 3.69
N PHE D 307 14.87 37.22 3.75
CA PHE D 307 13.97 38.36 3.61
C PHE D 307 14.46 39.53 4.45
N GLY D 308 14.42 40.72 3.87
CA GLY D 308 14.89 41.92 4.53
C GLY D 308 16.40 42.10 4.49
N GLN D 309 17.13 41.25 3.77
CA GLN D 309 18.58 41.34 3.66
C GLN D 309 18.98 41.41 2.20
N LYS D 310 20.25 41.75 1.97
CA LYS D 310 20.80 41.90 0.63
C LYS D 310 21.70 40.74 0.21
N LYS D 311 22.46 40.18 1.14
CA LYS D 311 23.43 39.13 0.83
C LYS D 311 23.01 37.80 1.43
N GLU D 312 23.55 36.72 0.85
CA GLU D 312 23.21 35.37 1.29
C GLU D 312 23.66 35.12 2.72
N THR D 313 24.87 35.57 3.07
CA THR D 313 25.46 35.30 4.37
C THR D 313 25.00 36.24 5.46
N ASP D 314 24.05 37.13 5.18
CA ASP D 314 23.54 38.02 6.20
C ASP D 314 22.64 37.25 7.18
N PRO D 315 22.54 37.71 8.42
CA PRO D 315 21.77 36.95 9.42
C PRO D 315 20.29 36.87 9.06
N VAL D 316 19.64 35.83 9.60
CA VAL D 316 18.21 35.62 9.40
C VAL D 316 17.41 36.37 10.45
N PRO D 322 5.84 35.76 5.27
CA PRO D 322 5.13 35.00 6.30
C PRO D 322 5.96 34.83 7.57
N SER D 323 5.34 34.30 8.63
CA SER D 323 5.97 34.21 9.94
C SER D 323 6.58 32.84 10.23
N ASN D 324 6.22 31.81 9.45
CA ASN D 324 6.81 30.49 9.71
C ASN D 324 7.52 29.90 8.49
N PRO D 325 8.40 30.64 7.80
CA PRO D 325 9.17 30.04 6.70
C PRO D 325 10.11 28.94 7.21
N HIS D 326 10.58 28.12 6.27
CA HIS D 326 11.36 26.94 6.62
C HIS D 326 12.58 27.31 7.48
N VAL D 327 13.33 28.32 7.05
CA VAL D 327 14.57 28.66 7.74
C VAL D 327 14.29 29.18 9.14
N SER D 328 13.29 30.05 9.28
CA SER D 328 12.96 30.59 10.58
C SER D 328 12.47 29.51 11.55
N LEU D 329 11.75 28.50 11.04
CA LEU D 329 11.32 27.41 11.90
C LEU D 329 12.51 26.63 12.46
N VAL D 330 13.50 26.35 11.61
CA VAL D 330 14.68 25.63 12.07
C VAL D 330 15.48 26.49 13.04
N LYS D 331 15.72 27.76 12.67
CA LYS D 331 16.54 28.63 13.52
C LYS D 331 15.89 28.89 14.86
N SER D 332 14.55 28.86 14.92
CA SER D 332 13.85 29.13 16.17
C SER D 332 14.16 28.09 17.25
N THR D 333 14.65 26.91 16.86
CA THR D 333 15.03 25.91 17.83
C THR D 333 16.33 26.27 18.54
N GLY D 334 17.13 27.16 17.96
CA GLY D 334 18.41 27.50 18.53
C GLY D 334 19.45 26.41 18.43
N LYS D 335 19.21 25.38 17.61
CA LYS D 335 20.11 24.25 17.47
C LYS D 335 20.85 24.34 16.14
N GLN D 336 21.92 23.57 16.02
CA GLN D 336 22.71 23.52 14.81
C GLN D 336 23.10 22.08 14.49
N ILE D 337 23.15 21.77 13.19
CA ILE D 337 23.63 20.48 12.70
C ILE D 337 24.52 20.75 11.49
N LEU D 338 25.21 19.71 11.04
CA LEU D 338 26.03 19.77 9.83
C LEU D 338 25.32 18.97 8.76
N ARG D 339 24.67 19.66 7.84
CA ARG D 339 23.95 19.01 6.74
C ARG D 339 24.92 18.67 5.61
N ARG D 340 24.80 17.45 5.10
CA ARG D 340 25.66 16.96 4.03
C ARG D 340 24.81 16.09 3.09
N ALA D 341 23.78 16.69 2.53
CA ALA D 341 22.76 15.97 1.78
C ALA D 341 23.11 15.91 0.30
N PHE D 342 22.40 15.04 -0.42
CA PHE D 342 22.53 14.88 -1.86
C PHE D 342 21.14 14.81 -2.48
N SER D 343 20.99 15.37 -3.68
CA SER D 343 19.77 15.22 -4.45
C SER D 343 19.76 13.86 -5.16
N TYR D 344 18.56 13.40 -5.50
CA TYR D 344 18.43 12.11 -6.18
C TYR D 344 17.32 12.15 -7.22
N THR D 345 17.48 11.32 -8.27
CA THR D 345 16.48 11.08 -9.31
C THR D 345 16.50 9.60 -9.67
N GLU D 346 15.32 9.02 -9.93
CA GLU D 346 15.17 7.58 -10.20
C GLU D 346 14.10 7.29 -11.23
N GLY D 347 14.08 8.04 -12.33
CA GLY D 347 13.10 7.81 -13.36
C GLY D 347 11.71 8.27 -12.96
N LEU D 348 10.72 7.80 -13.74
CA LEU D 348 9.34 8.13 -13.47
C LEU D 348 8.79 7.26 -12.35
N ASP D 349 8.07 7.88 -11.42
CA ASP D 349 7.38 7.15 -10.37
C ASP D 349 6.19 6.41 -10.97
N PRO D 350 6.14 5.08 -10.88
CA PRO D 350 5.00 4.35 -11.48
C PRO D 350 3.68 4.70 -10.83
N LYS D 351 3.68 5.22 -9.61
CA LYS D 351 2.45 5.55 -8.90
C LYS D 351 1.96 6.97 -9.20
N THR D 352 2.84 7.88 -9.61
CA THR D 352 2.46 9.24 -9.91
C THR D 352 2.55 9.59 -11.39
N GLY D 353 3.38 8.89 -12.16
CA GLY D 353 3.63 9.23 -13.54
C GLY D 353 4.59 10.37 -13.74
N TYR D 354 5.08 10.98 -12.67
CA TYR D 354 6.05 12.05 -12.70
C TYR D 354 7.42 11.54 -12.27
N MET D 355 8.43 12.38 -12.47
CA MET D 355 9.79 12.04 -12.08
C MET D 355 9.88 11.71 -10.59
N ASP D 356 10.52 10.59 -10.28
CA ASP D 356 10.80 10.22 -8.90
C ASP D 356 12.10 10.88 -8.48
N ALA D 357 12.01 11.88 -7.60
CA ALA D 357 13.17 12.65 -7.21
C ALA D 357 12.99 13.16 -5.78
N GLY D 358 14.09 13.62 -5.19
CA GLY D 358 14.03 14.16 -3.85
C GLY D 358 15.40 14.48 -3.31
N LEU D 359 15.52 14.42 -1.98
CA LEU D 359 16.76 14.75 -1.28
C LEU D 359 17.15 13.59 -0.37
N LEU D 360 18.40 13.16 -0.47
CA LEU D 360 18.98 12.24 0.50
C LEU D 360 19.53 13.08 1.64
N PHE D 361 18.66 13.38 2.61
CA PHE D 361 19.06 14.23 3.72
C PHE D 361 20.00 13.47 4.65
N ILE D 362 21.22 13.98 4.80
CA ILE D 362 22.22 13.40 5.69
C ILE D 362 22.77 14.52 6.55
N SER D 363 22.70 14.36 7.87
CA SER D 363 23.21 15.35 8.80
C SER D 363 24.02 14.66 9.89
N PHE D 364 24.99 15.39 10.42
CA PHE D 364 25.86 14.90 11.48
C PHE D 364 25.76 15.81 12.70
N GLN D 365 25.65 15.20 13.87
CA GLN D 365 25.49 15.94 15.12
C GLN D 365 25.97 15.06 16.27
N LYS D 366 26.64 15.67 17.24
CA LYS D 366 27.14 14.89 18.38
C LYS D 366 26.01 14.42 19.28
N ASN D 367 24.87 15.10 19.27
CA ASN D 367 23.73 14.73 20.11
C ASN D 367 22.45 14.94 19.31
N PRO D 368 21.88 13.87 18.74
CA PRO D 368 20.65 14.04 17.95
C PRO D 368 19.45 14.43 18.78
N ASP D 369 19.37 13.99 20.04
CA ASP D 369 18.24 14.35 20.88
C ASP D 369 18.20 15.85 21.14
N ASN D 370 19.37 16.47 21.27
CA ASN D 370 19.44 17.91 21.55
C ASN D 370 19.37 18.74 20.28
N GLN D 371 20.00 18.30 19.20
CA GLN D 371 20.21 19.13 18.02
C GLN D 371 19.23 18.85 16.89
N PHE D 372 18.91 17.59 16.62
CA PHE D 372 18.18 17.22 15.41
C PHE D 372 16.69 17.02 15.64
N ILE D 373 16.31 16.27 16.68
CA ILE D 373 14.89 16.01 16.92
C ILE D 373 14.08 17.28 17.10
N PRO D 374 14.53 18.30 17.85
CA PRO D 374 13.75 19.54 17.90
C PRO D 374 13.50 20.17 16.54
N MET D 375 14.42 20.00 15.58
CA MET D 375 14.18 20.50 14.23
C MET D 375 13.07 19.73 13.55
N LEU D 376 13.08 18.40 13.68
CA LEU D 376 12.01 17.58 13.13
C LEU D 376 10.66 17.97 13.71
N LYS D 377 10.61 18.20 15.02
CA LYS D 377 9.36 18.59 15.67
C LYS D 377 8.87 19.94 15.17
N ALA D 378 9.77 20.92 15.08
CA ALA D 378 9.37 22.25 14.67
C ALA D 378 8.91 22.27 13.21
N LEU D 379 9.62 21.56 12.34
CA LEU D 379 9.27 21.56 10.92
C LEU D 379 8.00 20.78 10.65
N SER D 380 7.82 19.64 11.30
CA SER D 380 6.68 18.78 11.02
C SER D 380 5.33 19.43 11.29
N ALA D 381 5.29 20.51 12.06
CA ALA D 381 4.02 21.11 12.43
C ALA D 381 3.54 22.16 11.44
N LYS D 382 4.41 23.11 11.05
CA LYS D 382 3.97 24.29 10.35
C LYS D 382 4.73 24.61 9.07
N ASP D 383 5.67 23.76 8.66
CA ASP D 383 6.54 24.08 7.53
C ASP D 383 5.75 24.04 6.22
N ALA D 384 5.77 25.16 5.49
CA ALA D 384 5.18 25.19 4.15
C ALA D 384 5.87 24.20 3.21
N LEU D 385 7.11 23.81 3.52
CA LEU D 385 7.81 22.84 2.70
C LEU D 385 7.12 21.48 2.69
N ASN D 386 6.30 21.19 3.71
CA ASN D 386 5.56 19.92 3.76
C ASN D 386 4.61 19.77 2.58
N GLU D 387 4.20 20.89 1.96
CA GLU D 387 3.33 20.83 0.80
C GLU D 387 4.03 20.21 -0.41
N TYR D 388 5.35 20.32 -0.48
CA TYR D 388 6.11 19.90 -1.65
C TYR D 388 7.03 18.72 -1.38
N THR D 389 6.99 18.16 -0.18
CA THR D 389 7.91 17.09 0.20
C THR D 389 7.17 16.02 1.00
N GLN D 390 7.81 14.86 1.13
CA GLN D 390 7.31 13.79 1.98
C GLN D 390 8.47 12.87 2.33
N THR D 391 8.64 12.61 3.63
CA THR D 391 9.69 11.71 4.07
C THR D 391 9.19 10.26 3.97
N ILE D 392 9.96 9.44 3.26
CA ILE D 392 9.60 8.05 3.02
C ILE D 392 10.62 7.08 3.58
N GLY D 393 11.72 7.56 4.12
CA GLY D 393 12.71 6.70 4.74
C GLY D 393 13.43 7.45 5.85
N SER D 394 13.81 6.72 6.89
CA SER D 394 14.42 7.32 8.06
C SER D 394 15.37 6.33 8.72
N ALA D 395 16.46 6.85 9.26
CA ALA D 395 17.44 6.03 9.95
C ALA D 395 18.35 6.92 10.77
N LEU D 396 18.86 6.36 11.87
CA LEU D 396 19.86 7.01 12.70
C LEU D 396 21.00 6.03 12.94
N TYR D 397 22.23 6.48 12.71
CA TYR D 397 23.40 5.63 12.89
C TYR D 397 24.41 6.31 13.77
N ALA D 398 25.15 5.51 14.54
CA ALA D 398 26.26 5.98 15.34
C ALA D 398 27.56 5.69 14.60
N CYS D 399 28.28 6.75 14.24
CA CYS D 399 29.52 6.57 13.48
C CYS D 399 30.71 6.54 14.44
N PRO D 400 31.55 5.52 14.39
CA PRO D 400 32.70 5.46 15.29
C PRO D 400 33.72 6.54 14.96
N GLY D 401 34.64 6.74 15.90
CA GLY D 401 35.77 7.63 15.68
C GLY D 401 36.68 7.12 14.59
N GLY D 402 37.69 7.91 14.24
CA GLY D 402 38.57 7.54 13.15
C GLY D 402 39.36 6.28 13.45
N CYS D 403 39.91 5.71 12.39
CA CYS D 403 40.73 4.50 12.48
C CYS D 403 42.19 4.88 12.32
N LYS D 404 43.01 4.53 13.31
CA LYS D 404 44.44 4.78 13.21
C LYS D 404 45.09 3.66 12.42
N LYS D 405 46.16 4.01 11.69
CA LYS D 405 46.90 3.01 10.92
C LYS D 405 47.44 1.91 11.83
N GLY D 406 47.18 0.67 11.44
CA GLY D 406 47.43 -0.49 12.28
C GLY D 406 46.22 -1.02 13.01
N GLU D 407 45.14 -0.25 13.07
CA GLU D 407 43.87 -0.68 13.64
C GLU D 407 42.87 -0.95 12.52
N TYR D 408 41.68 -1.41 12.90
CA TYR D 408 40.58 -1.56 11.95
C TYR D 408 39.36 -0.83 12.49
N ILE D 409 38.40 -0.60 11.58
CA ILE D 409 37.25 0.24 11.89
C ILE D 409 36.42 -0.39 13.01
N ALA D 410 36.03 0.44 13.98
CA ALA D 410 35.20 0.02 15.11
C ALA D 410 35.88 -1.10 15.89
N GLN D 411 37.21 -1.01 16.01
CA GLN D 411 38.02 -2.01 16.68
C GLN D 411 37.58 -2.27 18.12
N ARG D 412 36.71 -1.44 18.68
CA ARG D 412 36.07 -1.76 19.95
C ARG D 412 34.93 -2.76 19.76
N LEU D 413 35.11 -3.72 18.86
CA LEU D 413 34.35 -4.95 18.83
C LEU D 413 35.06 -6.07 19.58
N LEU D 414 36.26 -5.79 20.10
CA LEU D 414 37.06 -6.78 20.79
C LEU D 414 36.68 -6.87 22.26
#